data_2PXG
#
_entry.id   2PXG
#
_entity_poly.entity_id   1
_entity_poly.type   'polypeptide(L)'
_entity_poly.pdbx_seq_one_letter_code
;MAGSGIIYKQPIYQGNLIKQNAVEQLQVGQSKQQVSALLGTPSIPDPFHAQRWDYTSTQRVDRLARTEIKNFTVFFENEQ
VVRWEGDYFPSQDEQLAKAAPKQFGRNLARDKKKQRGR
;
_entity_poly.pdbx_strand_id   A
#
# COMPACT_ATOMS: atom_id res chain seq x y z
N MET A 1 10.02 18.61 22.67
CA MET A 1 10.57 19.06 21.34
C MET A 1 9.53 19.96 20.61
N ALA A 2 9.98 21.08 20.01
CA ALA A 2 9.09 21.98 19.23
C ALA A 2 8.95 21.53 17.75
N GLY A 3 7.86 20.83 17.44
CA GLY A 3 7.62 20.30 16.09
C GLY A 3 6.22 19.72 15.89
N SER A 4 5.26 20.56 15.48
CA SER A 4 3.85 20.14 15.27
C SER A 4 3.61 19.53 13.86
N GLY A 5 3.89 18.22 13.73
CA GLY A 5 3.76 17.50 12.44
C GLY A 5 2.34 17.02 12.10
N ILE A 6 1.47 17.97 11.71
CA ILE A 6 0.04 17.69 11.39
C ILE A 6 -0.16 17.21 9.93
N ILE A 7 0.11 15.92 9.69
CA ILE A 7 -0.03 15.29 8.34
C ILE A 7 -1.51 14.92 8.02
N TYR A 8 -2.30 15.91 7.60
CA TYR A 8 -3.74 15.74 7.31
C TYR A 8 -3.96 15.31 5.83
N LYS A 9 -4.13 13.99 5.62
CA LYS A 9 -4.59 13.43 4.31
C LYS A 9 -5.36 12.12 4.62
N GLN A 10 -6.58 12.01 4.08
CA GLN A 10 -7.34 10.74 4.10
C GLN A 10 -7.18 10.04 2.69
N PRO A 11 -6.37 8.98 2.48
CA PRO A 11 -6.18 8.38 1.10
C PRO A 11 -7.28 7.37 0.65
N ILE A 12 -8.51 7.88 0.57
CA ILE A 12 -9.70 7.14 0.09
C ILE A 12 -9.90 7.37 -1.44
N TYR A 13 -9.02 6.75 -2.25
CA TYR A 13 -8.95 7.02 -3.70
C TYR A 13 -8.29 5.81 -4.44
N GLN A 14 -8.94 5.43 -5.53
CA GLN A 14 -8.57 4.29 -6.40
C GLN A 14 -7.19 4.26 -7.11
N GLY A 15 -6.65 5.42 -7.47
CA GLY A 15 -5.25 5.55 -7.93
C GLY A 15 -4.61 6.89 -7.55
N ASN A 16 -4.17 7.02 -6.28
CA ASN A 16 -3.38 8.21 -5.82
C ASN A 16 -1.98 7.73 -5.34
N LEU A 17 -1.74 7.55 -4.03
CA LEU A 17 -0.49 6.90 -3.52
C LEU A 17 -0.42 5.36 -3.76
N ILE A 18 -1.52 4.67 -3.44
CA ILE A 18 -1.73 3.21 -3.66
C ILE A 18 -1.45 2.69 -5.09
N LYS A 19 -2.00 3.29 -6.15
CA LYS A 19 -1.62 2.93 -7.55
C LYS A 19 -1.93 4.08 -8.56
N GLN A 20 -1.11 5.13 -8.55
CA GLN A 20 -0.93 6.03 -9.73
C GLN A 20 0.36 5.63 -10.48
N ASN A 21 1.55 6.03 -9.99
CA ASN A 21 2.86 5.54 -10.51
C ASN A 21 3.89 5.78 -9.33
N ALA A 22 3.72 5.01 -8.25
CA ALA A 22 4.41 5.24 -6.95
C ALA A 22 4.73 3.89 -6.27
N VAL A 23 3.70 3.09 -5.93
CA VAL A 23 3.89 1.66 -5.51
C VAL A 23 4.40 0.74 -6.66
N GLU A 24 4.01 0.93 -7.94
CA GLU A 24 4.74 0.31 -9.09
C GLU A 24 6.18 0.88 -9.31
N GLN A 25 6.32 2.22 -9.34
CA GLN A 25 7.63 2.91 -9.52
C GLN A 25 8.72 2.68 -8.44
N LEU A 26 8.37 2.47 -7.16
CA LEU A 26 9.38 2.14 -6.09
C LEU A 26 10.39 0.99 -6.36
N GLN A 27 9.95 -0.10 -7.01
CA GLN A 27 10.84 -1.21 -7.49
C GLN A 27 11.87 -1.80 -6.48
N VAL A 28 11.40 -2.09 -5.26
CA VAL A 28 12.25 -2.52 -4.13
C VAL A 28 12.14 -4.07 -3.99
N GLY A 29 13.29 -4.77 -4.10
CA GLY A 29 13.37 -6.22 -3.79
C GLY A 29 14.19 -6.53 -2.53
N GLN A 30 13.74 -6.03 -1.37
CA GLN A 30 14.60 -5.92 -0.15
C GLN A 30 13.92 -6.48 1.13
N SER A 31 12.72 -6.02 1.52
CA SER A 31 12.14 -6.38 2.86
C SER A 31 10.58 -6.46 2.88
N LYS A 32 10.07 -7.47 3.62
CA LYS A 32 8.62 -7.68 3.84
C LYS A 32 7.89 -6.65 4.77
N GLN A 33 8.52 -6.39 5.91
CA GLN A 33 8.15 -5.32 6.85
C GLN A 33 8.31 -3.86 6.36
N GLN A 34 9.29 -3.55 5.49
CA GLN A 34 9.39 -2.21 4.86
C GLN A 34 8.24 -1.87 3.89
N VAL A 35 7.91 -2.73 2.90
CA VAL A 35 6.74 -2.49 1.99
C VAL A 35 5.35 -2.47 2.69
N SER A 36 5.09 -3.37 3.66
CA SER A 36 3.86 -3.31 4.49
C SER A 36 3.78 -2.11 5.48
N ALA A 37 4.87 -1.72 6.16
CA ALA A 37 4.91 -0.44 6.93
C ALA A 37 4.74 0.86 6.09
N LEU A 38 5.38 0.98 4.91
CA LEU A 38 5.17 2.12 3.97
C LEU A 38 3.72 2.21 3.35
N LEU A 39 3.12 1.09 2.94
CA LEU A 39 1.67 1.03 2.65
C LEU A 39 0.71 1.27 3.88
N GLY A 40 1.02 0.67 5.04
CA GLY A 40 0.21 0.79 6.27
C GLY A 40 -0.56 -0.49 6.65
N THR A 41 0.18 -1.52 7.09
CA THR A 41 -0.34 -2.91 7.30
C THR A 41 0.77 -3.73 8.05
N PRO A 42 0.48 -4.73 8.92
CA PRO A 42 1.52 -5.69 9.42
C PRO A 42 2.13 -6.62 8.32
N SER A 43 3.18 -7.36 8.68
CA SER A 43 3.84 -8.32 7.74
C SER A 43 4.03 -9.73 8.39
N ILE A 44 4.97 -10.52 7.87
CA ILE A 44 5.12 -11.96 8.24
C ILE A 44 6.55 -12.15 8.87
N PRO A 45 6.74 -12.06 10.21
CA PRO A 45 8.07 -12.32 10.86
C PRO A 45 8.35 -13.79 11.25
N ASP A 46 8.43 -14.66 10.22
CA ASP A 46 9.00 -16.02 10.36
C ASP A 46 10.53 -15.97 10.04
N PRO A 47 11.46 -16.37 10.93
CA PRO A 47 12.88 -16.63 10.54
C PRO A 47 13.20 -17.91 9.72
N PHE A 48 12.25 -18.86 9.53
CA PHE A 48 12.44 -20.01 8.62
C PHE A 48 12.25 -19.62 7.12
N HIS A 49 11.01 -19.40 6.64
CA HIS A 49 10.76 -19.09 5.20
C HIS A 49 9.48 -18.22 5.06
N ALA A 50 9.60 -16.92 5.39
CA ALA A 50 8.45 -16.00 5.38
C ALA A 50 7.98 -15.55 3.97
N GLN A 51 6.97 -16.28 3.50
CA GLN A 51 6.47 -16.15 2.10
C GLN A 51 5.30 -15.13 2.00
N ARG A 52 4.47 -15.23 0.95
CA ARG A 52 3.63 -14.12 0.45
C ARG A 52 2.60 -13.45 1.42
N TRP A 53 2.34 -12.16 1.21
CA TRP A 53 1.12 -11.48 1.74
C TRP A 53 0.06 -11.56 0.61
N ASP A 54 -0.78 -12.62 0.62
CA ASP A 54 -1.92 -12.76 -0.32
C ASP A 54 -3.25 -12.66 0.47
N TYR A 55 -3.61 -11.44 0.90
CA TYR A 55 -4.72 -11.23 1.86
C TYR A 55 -5.45 -9.87 1.56
N THR A 56 -6.77 -9.85 1.83
CA THR A 56 -7.55 -8.58 1.91
C THR A 56 -7.26 -7.88 3.28
N SER A 57 -6.29 -6.97 3.27
CA SER A 57 -5.99 -6.10 4.43
C SER A 57 -6.83 -4.79 4.40
N THR A 58 -6.98 -4.12 5.55
CA THR A 58 -7.71 -2.83 5.64
C THR A 58 -7.13 -1.93 6.76
N GLN A 59 -7.08 -0.62 6.48
CA GLN A 59 -6.53 0.40 7.42
C GLN A 59 -7.56 1.54 7.59
N ARG A 60 -7.97 1.87 8.83
CA ARG A 60 -8.89 3.03 9.07
C ARG A 60 -8.23 4.46 9.10
N VAL A 61 -7.32 4.70 8.15
CA VAL A 61 -6.78 6.05 7.84
C VAL A 61 -7.77 7.07 7.19
N ASP A 62 -8.86 6.60 6.55
CA ASP A 62 -10.03 7.45 6.25
C ASP A 62 -10.84 7.88 7.54
N ARG A 63 -11.49 9.03 7.40
CA ARG A 63 -12.60 9.46 8.30
C ARG A 63 -13.95 9.88 7.59
N LEU A 64 -14.05 9.82 6.25
CA LEU A 64 -15.25 10.23 5.50
C LEU A 64 -16.21 9.03 5.20
N ALA A 65 -15.72 8.02 4.47
CA ALA A 65 -16.53 6.85 4.06
C ALA A 65 -16.35 5.63 4.99
N ARG A 66 -15.17 4.97 5.02
CA ARG A 66 -14.95 3.73 5.81
C ARG A 66 -13.43 3.52 6.09
N THR A 67 -12.69 2.95 5.14
CA THR A 67 -11.30 2.47 5.33
C THR A 67 -10.54 2.50 3.95
N GLU A 68 -9.21 2.55 4.02
CA GLU A 68 -8.33 2.31 2.84
C GLU A 68 -8.08 0.78 2.67
N ILE A 69 -8.67 0.21 1.60
CA ILE A 69 -8.82 -1.26 1.41
C ILE A 69 -7.61 -1.82 0.58
N LYS A 70 -6.93 -2.82 1.12
CA LYS A 70 -5.67 -3.35 0.55
C LYS A 70 -5.79 -4.87 0.20
N ASN A 71 -6.43 -5.17 -0.94
CA ASN A 71 -6.21 -6.45 -1.67
C ASN A 71 -4.84 -6.39 -2.47
N PHE A 72 -3.73 -6.69 -1.80
CA PHE A 72 -2.37 -6.58 -2.38
C PHE A 72 -1.66 -7.93 -2.25
N THR A 73 -1.60 -8.70 -3.35
CA THR A 73 -0.91 -10.01 -3.36
C THR A 73 0.59 -9.80 -3.70
N VAL A 74 1.44 -9.82 -2.67
CA VAL A 74 2.91 -9.57 -2.82
C VAL A 74 3.72 -10.80 -2.31
N PHE A 75 4.63 -11.26 -3.16
CA PHE A 75 5.41 -12.50 -2.93
C PHE A 75 6.81 -12.20 -2.33
N PHE A 76 7.16 -12.97 -1.29
CA PHE A 76 8.43 -12.78 -0.53
C PHE A 76 9.22 -14.13 -0.48
N GLU A 77 10.57 -14.05 -0.35
CA GLU A 77 11.39 -15.26 -0.01
C GLU A 77 11.45 -15.46 1.54
N ASN A 78 12.16 -14.57 2.25
CA ASN A 78 11.92 -14.31 3.69
C ASN A 78 11.80 -12.76 3.91
N GLU A 79 12.88 -12.02 3.61
CA GLU A 79 12.82 -10.54 3.44
C GLU A 79 12.60 -10.11 1.95
N GLN A 80 13.35 -10.63 0.96
CA GLN A 80 13.39 -10.02 -0.39
C GLN A 80 12.08 -10.14 -1.21
N VAL A 81 11.70 -9.03 -1.85
CA VAL A 81 10.38 -8.91 -2.52
C VAL A 81 10.50 -9.34 -4.03
N VAL A 82 9.67 -10.31 -4.42
CA VAL A 82 9.72 -10.91 -5.79
C VAL A 82 8.78 -10.17 -6.80
N ARG A 83 7.48 -10.10 -6.49
CA ARG A 83 6.41 -9.64 -7.43
C ARG A 83 5.18 -9.13 -6.59
N TRP A 84 4.41 -8.20 -7.16
CA TRP A 84 3.23 -7.64 -6.48
C TRP A 84 2.04 -7.34 -7.44
N GLU A 85 0.85 -7.79 -6.99
CA GLU A 85 -0.36 -7.86 -7.85
C GLU A 85 -1.48 -7.05 -7.11
N GLY A 86 -1.73 -5.82 -7.56
CA GLY A 86 -2.55 -4.85 -6.79
C GLY A 86 -3.95 -4.59 -7.31
N ASP A 87 -4.90 -5.47 -6.96
CA ASP A 87 -6.37 -5.18 -7.09
C ASP A 87 -7.02 -4.49 -5.82
N TYR A 88 -6.25 -3.58 -5.21
CA TYR A 88 -6.65 -2.77 -4.05
C TYR A 88 -7.36 -1.47 -4.48
N PHE A 89 -8.69 -1.45 -4.29
CA PHE A 89 -9.63 -0.56 -5.04
C PHE A 89 -9.71 -0.98 -6.57
N PRO A 90 -10.42 -2.05 -7.01
CA PRO A 90 -10.22 -2.64 -8.38
C PRO A 90 -10.94 -1.97 -9.59
N SER A 91 -10.75 -0.65 -9.70
CA SER A 91 -11.04 0.13 -10.94
C SER A 91 -10.31 1.50 -10.77
N GLN A 92 -9.08 1.62 -11.29
CA GLN A 92 -8.25 2.85 -11.14
C GLN A 92 -8.52 3.94 -12.21
N ASP A 93 -9.70 4.56 -12.11
CA ASP A 93 -10.30 5.32 -13.23
C ASP A 93 -11.45 6.24 -12.71
N GLU A 94 -11.14 7.52 -12.51
CA GLU A 94 -12.17 8.57 -12.38
C GLU A 94 -12.82 8.92 -13.76
N GLN A 95 -13.84 8.13 -14.09
CA GLN A 95 -14.82 8.45 -15.17
C GLN A 95 -15.94 9.40 -14.61
N LEU A 96 -15.51 10.64 -14.34
CA LEU A 96 -16.21 11.57 -13.40
C LEU A 96 -15.88 13.05 -13.79
N ALA A 97 -16.81 13.98 -13.49
CA ALA A 97 -16.63 15.43 -13.78
C ALA A 97 -15.49 16.12 -12.95
N LYS A 98 -14.33 16.22 -13.59
CA LYS A 98 -13.07 16.70 -12.94
C LYS A 98 -12.28 17.57 -13.97
N ALA A 99 -11.67 18.68 -13.53
CA ALA A 99 -10.88 19.57 -14.42
C ALA A 99 -9.46 19.03 -14.78
N ALA A 100 -9.44 17.97 -15.61
CA ALA A 100 -8.23 17.24 -16.01
C ALA A 100 -8.56 16.42 -17.31
N PRO A 101 -7.85 16.55 -18.47
CA PRO A 101 -8.23 15.80 -19.72
C PRO A 101 -7.80 14.31 -19.75
N LYS A 102 -8.49 13.49 -18.93
CA LYS A 102 -8.06 12.11 -18.64
C LYS A 102 -8.80 11.06 -19.52
N GLN A 103 -8.39 11.00 -20.79
CA GLN A 103 -8.88 9.98 -21.76
C GLN A 103 -8.07 8.64 -21.72
N PHE A 104 -8.19 7.93 -20.58
CA PHE A 104 -7.39 6.73 -20.28
C PHE A 104 -7.98 6.10 -18.99
N GLY A 105 -8.87 5.11 -19.14
CA GLY A 105 -9.44 4.36 -17.99
C GLY A 105 -8.55 3.33 -17.27
N ARG A 106 -7.29 3.71 -16.97
CA ARG A 106 -6.36 2.92 -16.12
C ARG A 106 -5.17 3.86 -15.76
N ASN A 107 -5.19 4.46 -14.55
CA ASN A 107 -4.13 5.39 -14.10
C ASN A 107 -2.86 4.65 -13.54
N LEU A 108 -2.06 4.06 -14.43
CA LEU A 108 -0.78 3.36 -14.10
C LEU A 108 -0.14 2.82 -15.42
N ALA A 109 1.19 2.94 -15.52
CA ALA A 109 1.99 2.31 -16.59
C ALA A 109 1.94 0.75 -16.66
N ARG A 110 2.44 0.00 -15.66
CA ARG A 110 2.61 -1.47 -15.79
C ARG A 110 1.86 -2.30 -14.67
N ASP A 111 1.93 -3.61 -14.83
CA ASP A 111 1.86 -4.60 -13.73
C ASP A 111 3.11 -4.60 -12.77
N LYS A 112 3.22 -5.58 -11.85
CA LYS A 112 4.54 -5.97 -11.29
C LYS A 112 4.80 -7.51 -11.19
N LYS A 113 4.85 -8.16 -12.35
CA LYS A 113 5.38 -9.54 -12.50
C LYS A 113 6.87 -9.51 -12.97
N LYS A 114 7.68 -10.44 -12.46
CA LYS A 114 9.01 -10.76 -13.02
C LYS A 114 9.04 -12.24 -13.54
N GLN A 115 10.22 -12.63 -14.01
CA GLN A 115 10.58 -14.04 -14.28
C GLN A 115 10.83 -14.85 -12.96
N ARG A 116 9.72 -15.39 -12.44
CA ARG A 116 9.65 -16.23 -11.22
C ARG A 116 8.11 -16.45 -10.96
N GLY A 117 7.74 -17.72 -10.79
CA GLY A 117 6.40 -18.12 -10.29
C GLY A 117 5.95 -17.55 -8.94
N ARG A 118 6.53 -18.06 -7.86
CA ARG A 118 6.25 -17.58 -6.47
C ARG A 118 7.15 -16.36 -6.11
N MET A 1 24.98 33.20 -3.02
CA MET A 1 23.65 33.28 -3.70
C MET A 1 22.50 33.03 -2.67
N ALA A 2 22.21 31.78 -2.26
CA ALA A 2 21.18 31.49 -1.24
C ALA A 2 21.75 31.60 0.21
N GLY A 3 21.29 32.61 0.96
CA GLY A 3 21.72 32.83 2.36
C GLY A 3 20.96 32.01 3.40
N SER A 4 19.72 32.40 3.71
CA SER A 4 18.86 31.65 4.67
C SER A 4 18.10 30.49 3.96
N GLY A 5 18.65 29.26 4.07
CA GLY A 5 18.02 28.06 3.45
C GLY A 5 16.89 27.43 4.25
N ILE A 6 15.73 28.10 4.27
CA ILE A 6 14.55 27.68 5.10
C ILE A 6 13.68 26.60 4.39
N ILE A 7 14.14 25.34 4.47
CA ILE A 7 13.43 24.17 3.86
C ILE A 7 12.28 23.66 4.78
N TYR A 8 11.14 24.38 4.75
CA TYR A 8 10.00 24.13 5.66
C TYR A 8 9.05 23.03 5.09
N LYS A 9 9.17 21.83 5.66
CA LYS A 9 8.40 20.63 5.22
C LYS A 9 7.85 19.91 6.49
N GLN A 10 6.54 20.07 6.75
CA GLN A 10 5.92 19.63 8.04
C GLN A 10 5.65 18.08 8.07
N PRO A 11 5.83 17.32 9.19
CA PRO A 11 5.70 15.83 9.19
C PRO A 11 4.24 15.30 9.23
N ILE A 12 3.57 15.38 8.08
CA ILE A 12 2.18 14.87 7.90
C ILE A 12 1.98 14.50 6.39
N TYR A 13 2.19 13.22 6.06
CA TYR A 13 2.15 12.76 4.64
C TYR A 13 1.23 11.50 4.53
N GLN A 14 -0.08 11.74 4.48
CA GLN A 14 -1.11 10.68 4.38
C GLN A 14 -1.34 10.10 2.97
N GLY A 15 -1.50 10.94 1.92
CA GLY A 15 -1.55 10.47 0.52
C GLY A 15 -0.19 10.13 -0.10
N ASN A 16 0.37 9.03 0.39
CA ASN A 16 1.81 8.68 0.24
C ASN A 16 2.04 7.14 0.40
N LEU A 17 1.52 6.52 1.47
CA LEU A 17 1.84 5.11 1.85
C LEU A 17 1.20 4.06 0.87
N ILE A 18 -0.14 3.95 0.86
CA ILE A 18 -0.90 3.18 -0.18
C ILE A 18 -1.25 4.17 -1.33
N LYS A 19 -0.48 4.08 -2.43
CA LYS A 19 -0.44 5.14 -3.47
C LYS A 19 -0.18 4.47 -4.84
N GLN A 20 -1.22 4.31 -5.66
CA GLN A 20 -1.19 3.46 -6.90
C GLN A 20 -0.50 4.09 -8.15
N ASN A 21 0.75 4.53 -7.93
CA ASN A 21 1.69 5.07 -8.94
C ASN A 21 3.13 5.08 -8.31
N ALA A 22 3.34 5.73 -7.13
CA ALA A 22 4.56 5.51 -6.31
C ALA A 22 4.85 4.03 -5.87
N VAL A 23 3.83 3.25 -5.48
CA VAL A 23 3.95 1.78 -5.24
C VAL A 23 4.24 0.94 -6.53
N GLU A 24 3.58 1.24 -7.66
CA GLU A 24 4.03 0.80 -9.01
C GLU A 24 5.50 1.16 -9.41
N GLN A 25 5.94 2.41 -9.18
CA GLN A 25 7.32 2.86 -9.49
C GLN A 25 8.46 2.43 -8.52
N LEU A 26 8.20 2.15 -7.22
CA LEU A 26 9.27 1.94 -6.20
C LEU A 26 10.37 0.86 -6.45
N GLN A 27 10.07 -0.23 -7.18
CA GLN A 27 11.08 -1.22 -7.67
C GLN A 27 12.06 -1.84 -6.62
N VAL A 28 11.51 -2.29 -5.49
CA VAL A 28 12.30 -2.92 -4.39
C VAL A 28 12.30 -4.47 -4.59
N GLY A 29 13.49 -5.07 -4.66
CA GLY A 29 13.67 -6.54 -4.65
C GLY A 29 14.65 -7.03 -3.57
N GLN A 30 14.40 -6.65 -2.30
CA GLN A 30 15.44 -6.74 -1.23
C GLN A 30 14.84 -6.98 0.19
N SER A 31 13.83 -6.22 0.64
CA SER A 31 13.26 -6.33 2.01
C SER A 31 11.71 -6.43 2.03
N LYS A 32 11.19 -7.28 2.92
CA LYS A 32 9.75 -7.28 3.31
C LYS A 32 9.38 -6.17 4.34
N GLN A 33 10.16 -6.01 5.41
CA GLN A 33 9.89 -5.03 6.48
C GLN A 33 10.01 -3.53 6.11
N GLN A 34 10.87 -3.16 5.14
CA GLN A 34 10.86 -1.81 4.54
C GLN A 34 9.59 -1.53 3.66
N VAL A 35 9.27 -2.37 2.66
CA VAL A 35 8.01 -2.21 1.86
C VAL A 35 6.69 -2.34 2.67
N SER A 36 6.57 -3.29 3.61
CA SER A 36 5.40 -3.40 4.52
C SER A 36 5.25 -2.28 5.58
N ALA A 37 6.35 -1.72 6.15
CA ALA A 37 6.29 -0.43 6.89
C ALA A 37 5.97 0.84 6.05
N LEU A 38 6.58 1.01 4.86
CA LEU A 38 6.23 2.12 3.92
C LEU A 38 4.79 2.07 3.32
N LEU A 39 4.24 0.89 3.01
CA LEU A 39 2.78 0.71 2.77
C LEU A 39 1.86 0.86 4.03
N GLY A 40 2.29 0.36 5.19
CA GLY A 40 1.54 0.48 6.45
C GLY A 40 0.82 -0.82 6.85
N THR A 41 1.57 -1.86 7.21
CA THR A 41 1.01 -3.20 7.57
C THR A 41 2.12 -4.01 8.32
N PRO A 42 1.93 -4.53 9.57
CA PRO A 42 2.87 -5.55 10.16
C PRO A 42 2.56 -6.98 9.63
N SER A 43 3.11 -7.29 8.45
CA SER A 43 2.61 -8.42 7.62
C SER A 43 3.00 -9.84 8.08
N ILE A 44 4.27 -10.26 7.90
CA ILE A 44 4.73 -11.62 8.30
C ILE A 44 6.09 -11.43 9.08
N PRO A 45 6.11 -11.34 10.44
CA PRO A 45 7.40 -11.19 11.20
C PRO A 45 8.09 -12.54 11.54
N ASP A 46 8.77 -13.12 10.55
CA ASP A 46 9.50 -14.41 10.69
C ASP A 46 10.95 -14.30 10.06
N PRO A 47 12.04 -14.69 10.75
CA PRO A 47 13.36 -14.98 10.10
C PRO A 47 13.58 -16.41 9.50
N PHE A 48 12.67 -17.39 9.68
CA PHE A 48 12.88 -18.79 9.25
C PHE A 48 12.61 -19.02 7.74
N HIS A 49 11.34 -18.96 7.28
CA HIS A 49 11.02 -19.03 5.82
C HIS A 49 9.71 -18.24 5.53
N ALA A 50 9.84 -16.91 5.55
CA ALA A 50 8.68 -16.00 5.63
C ALA A 50 8.18 -15.55 4.24
N GLN A 51 7.23 -16.32 3.71
CA GLN A 51 6.87 -16.26 2.27
C GLN A 51 5.86 -15.11 1.96
N ARG A 52 5.01 -15.29 0.94
CA ARG A 52 4.13 -14.24 0.38
C ARG A 52 3.05 -13.63 1.34
N TRP A 53 2.85 -12.32 1.22
CA TRP A 53 1.81 -11.55 1.95
C TRP A 53 0.56 -11.40 1.04
N ASP A 54 -0.55 -12.07 1.39
CA ASP A 54 -1.80 -12.11 0.57
C ASP A 54 -3.06 -11.44 1.20
N TYR A 55 -2.92 -10.33 1.93
CA TYR A 55 -3.94 -9.92 2.93
C TYR A 55 -4.99 -8.94 2.31
N THR A 56 -6.26 -9.35 2.34
CA THR A 56 -7.41 -8.46 2.01
C THR A 56 -7.95 -7.79 3.31
N SER A 57 -7.91 -6.46 3.38
CA SER A 57 -8.39 -5.71 4.56
C SER A 57 -8.82 -4.26 4.20
N THR A 58 -9.94 -3.78 4.77
CA THR A 58 -10.50 -2.44 4.42
C THR A 58 -10.51 -1.45 5.63
N GLN A 59 -9.87 -0.30 5.38
CA GLN A 59 -9.77 0.82 6.35
C GLN A 59 -10.73 1.96 5.92
N ARG A 60 -11.74 2.24 6.75
CA ARG A 60 -12.85 3.18 6.41
C ARG A 60 -13.40 3.95 7.65
N VAL A 61 -12.51 4.66 8.34
CA VAL A 61 -12.81 5.27 9.68
C VAL A 61 -13.59 6.62 9.70
N ASP A 62 -13.48 7.45 8.65
CA ASP A 62 -13.95 8.86 8.68
C ASP A 62 -15.50 9.03 8.59
N ARG A 63 -15.96 10.26 8.92
CA ARG A 63 -17.39 10.68 8.71
C ARG A 63 -17.86 10.95 7.23
N LEU A 64 -17.28 10.23 6.27
CA LEU A 64 -17.60 10.31 4.83
C LEU A 64 -17.22 8.97 4.10
N ALA A 65 -17.42 8.91 2.77
CA ALA A 65 -16.81 7.87 1.91
C ALA A 65 -15.25 8.05 1.73
N ARG A 66 -14.50 7.64 2.74
CA ARG A 66 -13.02 7.53 2.69
C ARG A 66 -12.63 6.02 2.87
N THR A 67 -12.96 5.22 1.84
CA THR A 67 -12.93 3.75 1.94
C THR A 67 -11.69 3.17 1.18
N GLU A 68 -10.62 2.85 1.91
CA GLU A 68 -9.52 2.03 1.36
C GLU A 68 -9.94 0.51 1.40
N ILE A 69 -9.85 -0.17 0.26
CA ILE A 69 -9.94 -1.65 0.19
C ILE A 69 -8.51 -2.14 -0.22
N LYS A 70 -7.75 -2.63 0.76
CA LYS A 70 -6.31 -2.94 0.60
C LYS A 70 -6.12 -4.48 0.48
N ASN A 71 -6.24 -4.94 -0.77
CA ASN A 71 -5.91 -6.33 -1.18
C ASN A 71 -4.58 -6.34 -1.97
N PHE A 72 -3.46 -6.46 -1.25
CA PHE A 72 -2.09 -6.42 -1.84
C PHE A 72 -1.42 -7.81 -1.73
N THR A 73 -1.26 -8.51 -2.86
CA THR A 73 -0.68 -9.89 -2.88
C THR A 73 0.78 -9.82 -3.40
N VAL A 74 1.76 -9.89 -2.49
CA VAL A 74 3.20 -9.70 -2.80
C VAL A 74 4.05 -10.92 -2.38
N PHE A 75 4.92 -11.35 -3.30
CA PHE A 75 5.66 -12.63 -3.20
C PHE A 75 7.09 -12.41 -2.65
N PHE A 76 7.45 -13.16 -1.60
CA PHE A 76 8.75 -13.04 -0.91
C PHE A 76 9.44 -14.44 -0.79
N GLU A 77 10.78 -14.45 -0.75
CA GLU A 77 11.55 -15.66 -0.29
C GLU A 77 11.53 -15.74 1.27
N ASN A 78 12.34 -14.91 1.94
CA ASN A 78 12.08 -14.48 3.34
C ASN A 78 11.93 -12.93 3.32
N GLU A 79 13.04 -12.19 3.20
CA GLU A 79 13.01 -10.73 2.94
C GLU A 79 12.91 -10.34 1.44
N GLN A 80 13.64 -10.97 0.49
CA GLN A 80 13.76 -10.44 -0.89
C GLN A 80 12.47 -10.57 -1.75
N VAL A 81 12.11 -9.47 -2.43
CA VAL A 81 10.78 -9.33 -3.06
C VAL A 81 10.83 -9.86 -4.53
N VAL A 82 9.92 -10.77 -4.87
CA VAL A 82 9.80 -11.35 -6.22
C VAL A 82 8.88 -10.45 -7.11
N ARG A 83 7.57 -10.33 -6.81
CA ARG A 83 6.68 -9.34 -7.45
C ARG A 83 5.41 -9.03 -6.59
N TRP A 84 4.77 -7.88 -6.85
CA TRP A 84 3.45 -7.52 -6.26
C TRP A 84 2.30 -7.50 -7.31
N GLU A 85 1.19 -8.16 -6.96
CA GLU A 85 -0.13 -7.96 -7.61
C GLU A 85 -0.96 -7.02 -6.69
N GLY A 86 -0.97 -5.71 -7.00
CA GLY A 86 -1.60 -4.69 -6.14
C GLY A 86 -2.91 -4.12 -6.66
N ASP A 87 -3.97 -4.94 -6.59
CA ASP A 87 -5.32 -4.56 -7.08
C ASP A 87 -6.23 -3.89 -5.99
N TYR A 88 -5.66 -2.93 -5.26
CA TYR A 88 -6.36 -2.20 -4.18
C TYR A 88 -7.19 -1.00 -4.70
N PHE A 89 -8.23 -0.62 -3.95
CA PHE A 89 -9.05 0.59 -4.28
C PHE A 89 -8.32 1.90 -3.88
N PRO A 90 -7.99 2.85 -4.80
CA PRO A 90 -7.19 4.07 -4.45
C PRO A 90 -7.99 5.24 -3.82
N SER A 91 -8.47 5.02 -2.58
CA SER A 91 -8.84 6.14 -1.65
C SER A 91 -7.57 6.73 -0.94
N GLN A 92 -6.67 7.27 -1.75
CA GLN A 92 -5.25 7.50 -1.37
C GLN A 92 -4.92 8.91 -0.83
N ASP A 93 -5.64 9.28 0.25
CA ASP A 93 -5.30 10.41 1.14
C ASP A 93 -6.18 10.24 2.43
N GLU A 94 -5.60 9.68 3.50
CA GLU A 94 -6.35 9.39 4.76
C GLU A 94 -6.57 10.61 5.73
N GLN A 95 -7.04 11.75 5.20
CA GLN A 95 -7.44 12.95 5.98
C GLN A 95 -8.24 13.91 5.04
N LEU A 96 -9.57 13.75 4.96
CA LEU A 96 -10.40 14.46 3.95
C LEU A 96 -11.45 15.44 4.56
N ALA A 97 -11.92 16.39 3.72
CA ALA A 97 -13.18 17.15 3.97
C ALA A 97 -14.47 16.29 3.75
N LYS A 98 -15.58 16.67 4.40
CA LYS A 98 -16.83 15.86 4.37
C LYS A 98 -17.61 16.00 3.03
N ALA A 99 -17.64 14.91 2.25
CA ALA A 99 -18.45 14.83 1.00
C ALA A 99 -19.65 13.84 1.17
N ALA A 100 -19.56 12.60 0.67
CA ALA A 100 -20.71 11.65 0.68
C ALA A 100 -20.89 10.89 2.03
N PRO A 101 -22.12 10.64 2.57
CA PRO A 101 -22.28 9.96 3.91
C PRO A 101 -22.14 8.41 3.87
N LYS A 102 -20.90 7.92 4.05
CA LYS A 102 -20.63 6.46 4.26
C LYS A 102 -19.62 6.24 5.42
N GLN A 103 -20.08 6.47 6.67
CA GLN A 103 -19.27 6.19 7.89
C GLN A 103 -19.40 4.69 8.29
N PHE A 104 -18.52 3.85 7.73
CA PHE A 104 -18.66 2.37 7.80
C PHE A 104 -17.55 1.61 8.60
N GLY A 105 -16.83 2.28 9.52
CA GLY A 105 -15.66 1.70 10.22
C GLY A 105 -16.01 0.98 11.54
N ARG A 106 -16.06 1.75 12.63
CA ARG A 106 -16.45 1.22 13.96
C ARG A 106 -17.47 2.21 14.60
N ASN A 107 -18.77 1.98 14.39
CA ASN A 107 -19.83 2.90 14.89
C ASN A 107 -20.28 2.50 16.33
N LEU A 108 -19.51 2.95 17.33
CA LEU A 108 -19.72 2.59 18.75
C LEU A 108 -20.74 3.51 19.48
N ALA A 109 -22.04 3.26 19.25
CA ALA A 109 -23.13 4.07 19.83
C ALA A 109 -23.51 3.63 21.27
N ARG A 110 -22.96 4.38 22.21
CA ARG A 110 -23.11 4.12 23.66
C ARG A 110 -24.28 4.96 24.25
N ASP A 111 -25.40 4.31 24.55
CA ASP A 111 -26.60 4.97 25.12
C ASP A 111 -26.54 5.30 26.64
N LYS A 112 -27.64 5.85 27.17
CA LYS A 112 -27.99 5.69 28.61
C LYS A 112 -29.45 5.16 28.73
N LYS A 113 -29.66 3.88 28.43
CA LYS A 113 -31.01 3.25 28.37
C LYS A 113 -31.32 2.47 29.68
N LYS A 114 -32.26 2.98 30.48
CA LYS A 114 -32.70 2.26 31.72
C LYS A 114 -33.73 1.14 31.42
N GLN A 115 -33.20 -0.01 30.96
CA GLN A 115 -33.98 -1.25 30.76
C GLN A 115 -33.90 -2.19 32.01
N ARG A 116 -33.35 -3.39 31.88
CA ARG A 116 -33.11 -4.32 33.02
C ARG A 116 -31.75 -5.01 32.73
N GLY A 117 -30.68 -4.55 33.40
CA GLY A 117 -29.32 -5.09 33.19
C GLY A 117 -28.99 -6.43 33.88
N ARG A 118 -29.66 -7.49 33.43
CA ARG A 118 -29.41 -8.89 33.86
C ARG A 118 -30.09 -9.84 32.82
N MET A 1 17.98 -13.44 0.28
CA MET A 1 18.85 -14.52 -0.24
C MET A 1 18.70 -14.66 -1.80
N ALA A 2 17.49 -15.00 -2.31
CA ALA A 2 17.24 -15.08 -3.77
C ALA A 2 15.72 -14.84 -4.06
N GLY A 3 15.31 -13.57 -4.15
CA GLY A 3 13.92 -13.19 -4.49
C GLY A 3 13.81 -12.66 -5.92
N SER A 4 13.99 -11.35 -6.13
CA SER A 4 14.15 -10.78 -7.49
C SER A 4 14.81 -9.37 -7.42
N GLY A 5 15.97 -9.21 -8.07
CA GLY A 5 16.53 -7.88 -8.40
C GLY A 5 16.03 -7.39 -9.77
N ILE A 6 14.84 -6.78 -9.77
CA ILE A 6 14.03 -6.57 -11.00
C ILE A 6 13.57 -5.09 -11.10
N ILE A 7 13.98 -4.42 -12.19
CA ILE A 7 13.36 -3.14 -12.63
C ILE A 7 12.02 -3.37 -13.39
N TYR A 8 10.96 -3.70 -12.63
CA TYR A 8 9.60 -3.93 -13.16
C TYR A 8 8.82 -2.58 -13.21
N LYS A 9 8.15 -2.30 -14.33
CA LYS A 9 7.53 -0.97 -14.56
C LYS A 9 6.27 -1.13 -15.44
N GLN A 10 5.08 -0.93 -14.85
CA GLN A 10 3.80 -1.07 -15.61
C GLN A 10 3.01 0.29 -15.59
N PRO A 11 3.26 1.30 -16.48
CA PRO A 11 2.67 2.68 -16.31
C PRO A 11 1.27 2.94 -16.94
N ILE A 12 0.37 1.99 -16.72
CA ILE A 12 -1.08 2.08 -17.09
C ILE A 12 -1.77 0.93 -16.28
N TYR A 13 -2.33 1.25 -15.11
CA TYR A 13 -2.71 0.23 -14.11
C TYR A 13 -3.85 0.73 -13.20
N GLN A 14 -4.85 -0.13 -12.99
CA GLN A 14 -6.01 0.17 -12.12
C GLN A 14 -5.74 0.58 -10.65
N GLY A 15 -4.77 -0.09 -10.00
CA GLY A 15 -4.33 0.29 -8.65
C GLY A 15 -3.54 1.60 -8.61
N ASN A 16 -4.27 2.68 -8.36
CA ASN A 16 -3.70 4.07 -8.40
C ASN A 16 -2.62 4.39 -7.32
N LEU A 17 -2.74 3.85 -6.10
CA LEU A 17 -1.56 3.65 -5.21
C LEU A 17 -0.58 2.52 -5.72
N ILE A 18 -1.09 1.29 -5.96
CA ILE A 18 -0.26 0.06 -6.12
C ILE A 18 0.69 0.00 -7.35
N LYS A 19 0.25 0.40 -8.56
CA LYS A 19 1.11 0.31 -9.77
C LYS A 19 0.96 1.46 -10.82
N GLN A 20 -0.03 2.36 -10.77
CA GLN A 20 -0.06 3.57 -11.64
C GLN A 20 1.21 4.48 -11.55
N ASN A 21 1.75 4.75 -10.34
CA ASN A 21 3.14 5.25 -10.19
C ASN A 21 3.85 4.94 -8.85
N ALA A 22 3.41 5.45 -7.68
CA ALA A 22 4.29 5.54 -6.48
C ALA A 22 4.81 4.21 -5.86
N VAL A 23 3.95 3.21 -5.75
CA VAL A 23 4.34 1.83 -5.35
C VAL A 23 5.10 1.02 -6.46
N GLU A 24 4.91 1.29 -7.77
CA GLU A 24 5.92 0.85 -8.78
C GLU A 24 7.28 1.68 -8.81
N GLN A 25 7.27 2.94 -8.36
CA GLN A 25 8.47 3.79 -8.24
C GLN A 25 9.37 3.55 -6.98
N LEU A 26 8.81 3.13 -5.82
CA LEU A 26 9.64 2.51 -4.73
C LEU A 26 10.60 1.35 -5.13
N GLN A 27 10.16 0.47 -6.04
CA GLN A 27 10.89 -0.70 -6.57
C GLN A 27 11.88 -1.47 -5.63
N VAL A 28 11.32 -1.97 -4.53
CA VAL A 28 12.09 -2.65 -3.46
C VAL A 28 12.19 -4.18 -3.78
N GLY A 29 13.42 -4.70 -3.83
CA GLY A 29 13.67 -6.16 -3.81
C GLY A 29 14.59 -6.62 -2.65
N GLN A 30 14.23 -6.23 -1.41
CA GLN A 30 15.14 -6.35 -0.23
C GLN A 30 14.44 -6.89 1.06
N SER A 31 13.29 -6.33 1.48
CA SER A 31 12.59 -6.76 2.73
C SER A 31 11.07 -6.46 2.64
N LYS A 32 10.27 -7.32 3.29
CA LYS A 32 8.83 -7.06 3.49
C LYS A 32 8.44 -5.83 4.37
N GLN A 33 9.17 -5.58 5.48
CA GLN A 33 8.93 -4.39 6.32
C GLN A 33 9.22 -2.99 5.70
N GLN A 34 10.04 -2.86 4.64
CA GLN A 34 10.11 -1.59 3.86
C GLN A 34 8.85 -1.36 2.98
N VAL A 35 8.51 -2.26 2.04
CA VAL A 35 7.25 -2.15 1.24
C VAL A 35 5.92 -2.06 2.06
N SER A 36 5.78 -2.89 3.10
CA SER A 36 4.63 -2.84 4.04
C SER A 36 4.57 -1.63 5.01
N ALA A 37 5.69 -1.05 5.45
CA ALA A 37 5.68 0.31 6.06
C ALA A 37 5.39 1.48 5.07
N LEU A 38 5.92 1.49 3.84
CA LEU A 38 5.54 2.51 2.81
C LEU A 38 4.02 2.51 2.39
N LEU A 39 3.44 1.32 2.10
CA LEU A 39 1.97 1.15 2.00
C LEU A 39 1.17 1.41 3.34
N GLY A 40 1.67 0.93 4.49
CA GLY A 40 1.08 1.18 5.83
C GLY A 40 0.31 0.00 6.42
N THR A 41 1.00 -1.10 6.75
CA THR A 41 0.38 -2.38 7.22
C THR A 41 1.48 -3.36 7.78
N PRO A 42 1.22 -4.25 8.77
CA PRO A 42 2.12 -5.41 9.09
C PRO A 42 2.01 -6.62 8.11
N SER A 43 3.15 -7.12 7.65
CA SER A 43 3.21 -8.33 6.79
C SER A 43 3.21 -9.68 7.60
N ILE A 44 3.83 -10.75 7.07
CA ILE A 44 3.84 -12.09 7.71
C ILE A 44 5.34 -12.49 7.97
N PRO A 45 5.95 -12.20 9.15
CA PRO A 45 7.36 -12.64 9.48
C PRO A 45 7.41 -13.95 10.31
N ASP A 46 7.22 -15.09 9.64
CA ASP A 46 7.33 -16.44 10.27
C ASP A 46 8.83 -16.90 10.36
N PRO A 47 9.40 -17.20 11.55
CA PRO A 47 10.79 -17.77 11.64
C PRO A 47 11.04 -19.22 11.14
N PHE A 48 9.99 -20.01 10.84
CA PHE A 48 10.13 -21.28 10.08
C PHE A 48 10.20 -20.99 8.54
N HIS A 49 9.16 -20.42 7.93
CA HIS A 49 9.20 -19.98 6.50
C HIS A 49 8.29 -18.74 6.30
N ALA A 50 8.90 -17.55 6.18
CA ALA A 50 8.17 -16.28 6.07
C ALA A 50 7.59 -16.01 4.66
N GLN A 51 6.35 -16.45 4.45
CA GLN A 51 5.69 -16.46 3.12
C GLN A 51 5.31 -15.05 2.54
N ARG A 52 4.70 -15.06 1.35
CA ARG A 52 4.00 -13.91 0.75
C ARG A 52 3.00 -13.16 1.68
N TRP A 53 2.93 -11.83 1.56
CA TRP A 53 1.92 -11.01 2.30
C TRP A 53 0.64 -10.94 1.45
N ASP A 54 -0.39 -11.71 1.85
CA ASP A 54 -1.57 -12.00 1.00
C ASP A 54 -2.91 -11.45 1.62
N TYR A 55 -3.01 -10.12 1.77
CA TYR A 55 -4.15 -9.50 2.48
C TYR A 55 -5.28 -9.05 1.51
N THR A 56 -6.46 -9.67 1.65
CA THR A 56 -7.75 -9.03 1.23
C THR A 56 -8.33 -8.31 2.48
N SER A 57 -8.00 -7.03 2.67
CA SER A 57 -8.19 -6.34 3.96
C SER A 57 -8.96 -5.00 3.86
N THR A 58 -9.79 -4.71 4.87
CA THR A 58 -10.28 -3.32 5.15
C THR A 58 -9.95 -2.94 6.62
N GLN A 59 -9.47 -1.72 6.78
CA GLN A 59 -8.84 -1.24 8.06
C GLN A 59 -9.31 0.22 8.33
N ARG A 60 -10.59 0.34 8.74
CA ARG A 60 -11.44 1.47 8.32
C ARG A 60 -11.97 2.33 9.51
N VAL A 61 -11.74 3.64 9.45
CA VAL A 61 -12.37 4.62 10.38
C VAL A 61 -13.87 4.99 10.07
N ASP A 62 -14.21 5.20 8.79
CA ASP A 62 -15.50 5.84 8.40
C ASP A 62 -16.66 4.83 8.11
N ARG A 63 -17.88 5.37 8.12
CA ARG A 63 -19.05 4.76 7.44
C ARG A 63 -18.94 4.71 5.87
N LEU A 64 -18.40 5.73 5.20
CA LEU A 64 -18.21 5.73 3.73
C LEU A 64 -16.92 6.49 3.26
N ALA A 65 -16.83 7.81 3.48
CA ALA A 65 -15.84 8.69 2.80
C ALA A 65 -14.33 8.46 3.01
N ARG A 66 -13.88 8.14 4.23
CA ARG A 66 -12.49 7.70 4.50
C ARG A 66 -12.44 6.20 4.93
N THR A 67 -12.89 5.34 4.02
CA THR A 67 -12.80 3.87 4.16
C THR A 67 -11.48 3.37 3.50
N GLU A 68 -10.63 2.69 4.28
CA GLU A 68 -9.38 2.07 3.75
C GLU A 68 -9.63 0.58 3.39
N ILE A 69 -9.25 0.24 2.16
CA ILE A 69 -9.29 -1.15 1.64
C ILE A 69 -7.89 -1.42 1.00
N LYS A 70 -7.13 -2.36 1.57
CA LYS A 70 -5.84 -2.81 1.01
C LYS A 70 -6.01 -4.30 0.55
N ASN A 71 -6.31 -4.46 -0.74
CA ASN A 71 -6.30 -5.77 -1.43
C ASN A 71 -4.95 -5.91 -2.20
N PHE A 72 -3.98 -6.57 -1.56
CA PHE A 72 -2.57 -6.61 -2.06
C PHE A 72 -1.92 -7.99 -1.73
N THR A 73 -1.59 -8.76 -2.79
CA THR A 73 -0.77 -10.00 -2.65
C THR A 73 0.66 -9.72 -3.20
N VAL A 74 1.67 -9.86 -2.33
CA VAL A 74 3.09 -9.61 -2.70
C VAL A 74 3.99 -10.79 -2.25
N PHE A 75 4.81 -11.27 -3.18
CA PHE A 75 5.56 -12.53 -3.02
C PHE A 75 7.00 -12.28 -2.51
N PHE A 76 7.43 -13.12 -1.56
CA PHE A 76 8.79 -13.09 -0.98
C PHE A 76 9.37 -14.54 -0.97
N GLU A 77 10.68 -14.70 -1.11
CA GLU A 77 11.35 -16.02 -0.81
C GLU A 77 11.27 -16.40 0.70
N ASN A 78 11.90 -15.58 1.53
CA ASN A 78 11.63 -15.45 2.98
C ASN A 78 11.46 -13.93 3.33
N GLU A 79 12.46 -13.07 3.01
CA GLU A 79 12.34 -11.60 3.13
C GLU A 79 12.28 -10.83 1.77
N GLN A 80 13.16 -11.10 0.78
CA GLN A 80 13.35 -10.16 -0.36
C GLN A 80 12.36 -10.37 -1.52
N VAL A 81 11.96 -9.27 -2.16
CA VAL A 81 10.66 -9.20 -2.88
C VAL A 81 10.77 -9.78 -4.33
N VAL A 82 9.77 -10.60 -4.68
CA VAL A 82 9.69 -11.29 -6.00
C VAL A 82 8.83 -10.41 -6.95
N ARG A 83 7.49 -10.32 -6.75
CA ARG A 83 6.65 -9.26 -7.38
C ARG A 83 5.33 -9.02 -6.57
N TRP A 84 4.75 -7.83 -6.74
CA TRP A 84 3.43 -7.46 -6.17
C TRP A 84 2.29 -7.48 -7.23
N GLU A 85 1.07 -7.77 -6.77
CA GLU A 85 -0.17 -7.57 -7.57
C GLU A 85 -1.37 -7.22 -6.64
N GLY A 86 -2.10 -6.15 -6.98
CA GLY A 86 -3.26 -5.70 -6.18
C GLY A 86 -3.99 -4.46 -6.72
N ASP A 87 -4.92 -3.98 -5.88
CA ASP A 87 -5.85 -2.87 -6.22
C ASP A 87 -5.63 -1.65 -5.27
N TYR A 88 -6.03 -1.73 -3.98
CA TYR A 88 -6.03 -0.58 -3.01
C TYR A 88 -7.19 0.41 -3.32
N PHE A 89 -8.28 0.31 -2.54
CA PHE A 89 -9.57 1.01 -2.83
C PHE A 89 -10.24 0.52 -4.16
N PRO A 90 -11.03 -0.59 -4.21
CA PRO A 90 -11.49 -1.18 -5.52
C PRO A 90 -12.73 -0.51 -6.16
N SER A 91 -12.55 0.73 -6.62
CA SER A 91 -13.46 1.40 -7.58
C SER A 91 -12.62 1.95 -8.78
N GLN A 92 -12.16 1.03 -9.64
CA GLN A 92 -11.06 1.28 -10.61
C GLN A 92 -10.93 0.06 -11.57
N ASP A 93 -10.95 0.30 -12.88
CA ASP A 93 -10.51 -0.71 -13.88
C ASP A 93 -9.85 -0.03 -15.13
N GLU A 94 -8.62 0.47 -14.94
CA GLU A 94 -7.77 0.97 -16.07
C GLU A 94 -6.91 -0.13 -16.80
N GLN A 95 -6.52 -1.15 -16.05
CA GLN A 95 -6.03 -2.44 -16.60
C GLN A 95 -6.39 -3.62 -15.63
N LEU A 96 -7.65 -4.06 -15.65
CA LEU A 96 -8.15 -5.30 -14.98
C LEU A 96 -8.00 -5.35 -13.43
N ALA A 97 -9.12 -5.19 -12.70
CA ALA A 97 -9.15 -5.35 -11.23
C ALA A 97 -9.10 -6.82 -10.73
N LYS A 98 -8.51 -7.04 -9.54
CA LYS A 98 -8.43 -8.38 -8.91
C LYS A 98 -8.79 -8.37 -7.39
N ALA A 99 -10.05 -7.99 -7.09
CA ALA A 99 -10.57 -7.97 -5.71
C ALA A 99 -11.08 -9.37 -5.25
N ALA A 100 -10.13 -10.27 -4.96
CA ALA A 100 -10.42 -11.69 -4.67
C ALA A 100 -10.86 -11.93 -3.19
N PRO A 101 -12.04 -12.52 -2.85
CA PRO A 101 -12.50 -12.64 -1.42
C PRO A 101 -11.81 -13.78 -0.61
N LYS A 102 -10.55 -13.51 -0.25
CA LYS A 102 -9.67 -14.51 0.42
C LYS A 102 -9.18 -13.92 1.76
N GLN A 103 -9.97 -14.13 2.84
CA GLN A 103 -9.76 -13.42 4.12
C GLN A 103 -8.78 -14.14 5.09
N PHE A 104 -7.49 -13.94 4.83
CA PHE A 104 -6.51 -13.65 5.92
C PHE A 104 -5.92 -12.22 5.68
N GLY A 105 -6.74 -11.21 5.96
CA GLY A 105 -6.41 -9.80 5.70
C GLY A 105 -6.95 -8.88 6.80
N ARG A 106 -6.09 -8.57 7.77
CA ARG A 106 -6.49 -7.91 9.03
C ARG A 106 -5.29 -7.15 9.66
N ASN A 107 -5.44 -5.85 9.94
CA ASN A 107 -4.30 -4.99 10.32
C ASN A 107 -4.02 -5.02 11.85
N LEU A 108 -3.24 -6.02 12.29
CA LEU A 108 -2.91 -6.22 13.74
C LEU A 108 -1.68 -5.35 14.17
N ALA A 109 -1.92 -4.04 14.33
CA ALA A 109 -0.86 -3.05 14.62
C ALA A 109 -1.49 -1.69 15.06
N ARG A 110 -0.77 -1.03 15.98
CA ARG A 110 -0.78 0.46 16.06
C ARG A 110 0.14 1.01 14.93
N ASP A 111 -0.46 1.43 13.81
CA ASP A 111 0.26 1.41 12.50
C ASP A 111 1.29 2.56 12.27
N LYS A 112 1.98 2.45 11.14
CA LYS A 112 3.34 2.96 10.92
C LYS A 112 3.61 3.22 9.40
N LYS A 113 2.98 4.27 8.85
CA LYS A 113 3.15 4.62 7.42
C LYS A 113 4.43 5.47 7.17
N LYS A 114 5.53 4.77 6.91
CA LYS A 114 6.84 5.38 6.57
C LYS A 114 6.93 5.62 5.04
N GLN A 115 6.30 6.70 4.53
CA GLN A 115 6.34 7.01 3.07
C GLN A 115 7.65 7.70 2.56
N ARG A 116 8.78 7.05 2.83
CA ARG A 116 10.14 7.45 2.38
C ARG A 116 11.00 6.14 2.37
N GLY A 117 11.38 5.70 1.16
CA GLY A 117 12.12 4.43 0.97
C GLY A 117 13.64 4.40 1.23
N ARG A 118 14.01 4.77 2.47
CA ARG A 118 15.38 4.55 3.02
C ARG A 118 15.20 4.31 4.56
N MET A 1 11.28 2.70 -11.47
CA MET A 1 12.21 3.83 -11.18
C MET A 1 11.36 5.10 -10.80
N ALA A 2 11.19 5.37 -9.49
CA ALA A 2 10.38 6.51 -9.03
C ALA A 2 11.20 7.83 -8.89
N GLY A 3 11.32 8.57 -10.01
CA GLY A 3 12.12 9.82 -10.05
C GLY A 3 11.37 11.10 -9.65
N SER A 4 11.09 11.25 -8.34
CA SER A 4 10.39 12.45 -7.81
C SER A 4 11.34 13.63 -7.47
N GLY A 5 11.81 14.33 -8.52
CA GLY A 5 12.72 15.48 -8.38
C GLY A 5 12.00 16.81 -8.11
N ILE A 6 11.50 17.47 -9.16
CA ILE A 6 10.72 18.74 -9.02
C ILE A 6 9.22 18.48 -8.66
N ILE A 7 8.98 18.14 -7.38
CA ILE A 7 7.61 17.88 -6.86
C ILE A 7 6.99 19.19 -6.32
N TYR A 8 6.38 19.97 -7.22
CA TYR A 8 5.82 21.31 -6.90
C TYR A 8 4.37 21.26 -6.32
N LYS A 9 4.26 20.83 -5.05
CA LYS A 9 2.96 20.69 -4.35
C LYS A 9 3.25 20.79 -2.82
N GLN A 10 2.61 21.75 -2.12
CA GLN A 10 2.77 21.91 -0.66
C GLN A 10 2.28 20.67 0.19
N PRO A 11 2.85 20.36 1.40
CA PRO A 11 2.63 19.03 2.08
C PRO A 11 1.24 18.78 2.71
N ILE A 12 0.28 18.53 1.82
CA ILE A 12 -1.09 18.05 2.17
C ILE A 12 -1.53 17.03 1.07
N TYR A 13 -1.02 15.79 1.18
CA TYR A 13 -1.21 14.74 0.14
C TYR A 13 -0.96 13.33 0.74
N GLN A 14 -2.03 12.59 1.02
CA GLN A 14 -1.95 11.12 1.26
C GLN A 14 -1.53 10.21 0.06
N GLY A 15 -1.57 10.71 -1.19
CA GLY A 15 -1.15 9.97 -2.40
C GLY A 15 0.35 9.67 -2.61
N ASN A 16 0.92 8.94 -1.66
CA ASN A 16 2.34 8.57 -1.61
C ASN A 16 2.51 7.07 -1.17
N LEU A 17 1.93 6.66 -0.02
CA LEU A 17 1.98 5.28 0.50
C LEU A 17 1.21 4.24 -0.36
N ILE A 18 -0.12 4.12 -0.25
CA ILE A 18 -0.91 3.14 -1.07
C ILE A 18 -1.41 3.86 -2.35
N LYS A 19 -0.76 3.56 -3.49
CA LYS A 19 -0.78 4.44 -4.69
C LYS A 19 -0.46 3.61 -5.96
N GLN A 20 -1.33 3.67 -6.98
CA GLN A 20 -1.17 2.85 -8.22
C GLN A 20 0.04 3.15 -9.15
N ASN A 21 0.52 4.39 -9.27
CA ASN A 21 1.77 4.70 -10.02
C ASN A 21 3.07 4.67 -9.15
N ALA A 22 3.11 5.35 -7.99
CA ALA A 22 4.31 5.35 -7.12
C ALA A 22 4.74 3.98 -6.50
N VAL A 23 3.79 3.14 -6.06
CA VAL A 23 4.11 1.73 -5.65
C VAL A 23 4.49 0.80 -6.85
N GLU A 24 3.87 0.92 -8.04
CA GLU A 24 4.44 0.31 -9.28
C GLU A 24 5.92 0.73 -9.60
N GLN A 25 6.21 2.03 -9.61
CA GLN A 25 7.57 2.53 -9.92
C GLN A 25 8.65 2.46 -8.80
N LEU A 26 8.32 2.32 -7.49
CA LEU A 26 9.36 2.13 -6.43
C LEU A 26 10.41 1.00 -6.62
N GLN A 27 10.01 -0.15 -7.19
CA GLN A 27 10.97 -1.18 -7.73
C GLN A 27 12.04 -1.72 -6.73
N VAL A 28 11.58 -2.08 -5.52
CA VAL A 28 12.45 -2.48 -4.38
C VAL A 28 12.35 -4.03 -4.18
N GLY A 29 13.50 -4.71 -4.16
CA GLY A 29 13.58 -6.15 -3.79
C GLY A 29 14.47 -6.41 -2.57
N GLN A 30 14.06 -5.94 -1.39
CA GLN A 30 14.91 -5.92 -0.17
C GLN A 30 14.27 -6.70 1.01
N SER A 31 13.14 -6.25 1.56
CA SER A 31 12.66 -6.70 2.89
C SER A 31 11.11 -6.54 3.01
N LYS A 32 10.46 -7.62 3.48
CA LYS A 32 9.00 -7.66 3.72
C LYS A 32 8.39 -6.60 4.69
N GLN A 33 8.99 -6.47 5.87
CA GLN A 33 8.55 -5.49 6.89
C GLN A 33 8.88 -4.00 6.55
N GLN A 34 10.03 -3.72 5.93
CA GLN A 34 10.35 -2.39 5.36
C GLN A 34 9.32 -1.88 4.28
N VAL A 35 8.98 -2.69 3.26
CA VAL A 35 7.86 -2.34 2.33
C VAL A 35 6.45 -2.24 2.98
N SER A 36 6.07 -3.19 3.85
CA SER A 36 4.80 -3.09 4.61
C SER A 36 4.68 -1.89 5.60
N ALA A 37 5.74 -1.54 6.35
CA ALA A 37 5.78 -0.30 7.16
C ALA A 37 5.69 1.05 6.38
N LEU A 38 6.37 1.17 5.23
CA LEU A 38 6.19 2.33 4.29
C LEU A 38 4.77 2.41 3.61
N LEU A 39 4.20 1.28 3.19
CA LEU A 39 2.79 1.19 2.74
C LEU A 39 1.69 1.38 3.87
N GLY A 40 1.96 0.90 5.09
CA GLY A 40 1.04 1.00 6.24
C GLY A 40 0.30 -0.30 6.60
N THR A 41 1.06 -1.35 6.99
CA THR A 41 0.52 -2.72 7.24
C THR A 41 1.63 -3.60 7.94
N PRO A 42 1.34 -4.51 8.91
CA PRO A 42 2.34 -5.55 9.35
C PRO A 42 2.51 -6.73 8.35
N SER A 43 3.74 -7.19 8.17
CA SER A 43 4.06 -8.28 7.19
C SER A 43 3.96 -9.72 7.81
N ILE A 44 4.86 -10.63 7.40
CA ILE A 44 5.14 -11.89 8.13
C ILE A 44 6.63 -11.73 8.62
N PRO A 45 6.95 -11.18 9.83
CA PRO A 45 8.35 -10.76 10.17
C PRO A 45 9.21 -11.86 10.84
N ASP A 46 9.61 -12.86 10.06
CA ASP A 46 10.52 -13.94 10.50
C ASP A 46 11.84 -13.99 9.65
N PRO A 47 13.05 -14.20 10.22
CA PRO A 47 14.25 -14.59 9.42
C PRO A 47 14.35 -16.07 8.93
N PHE A 48 13.42 -16.96 9.33
CA PHE A 48 13.44 -18.40 8.97
C PHE A 48 12.98 -18.67 7.52
N HIS A 49 11.69 -18.50 7.17
CA HIS A 49 11.21 -18.69 5.78
C HIS A 49 9.91 -17.85 5.55
N ALA A 50 10.07 -16.52 5.47
CA ALA A 50 8.91 -15.60 5.40
C ALA A 50 8.44 -15.38 3.95
N GLN A 51 7.30 -16.00 3.63
CA GLN A 51 6.75 -16.03 2.24
C GLN A 51 5.64 -14.94 2.05
N ARG A 52 4.83 -15.08 0.99
CA ARG A 52 3.90 -14.03 0.52
C ARG A 52 2.90 -13.39 1.54
N TRP A 53 2.59 -12.11 1.32
CA TRP A 53 1.45 -11.40 2.00
C TRP A 53 0.27 -11.39 0.99
N ASP A 54 -0.69 -12.30 1.16
CA ASP A 54 -1.87 -12.45 0.23
C ASP A 54 -3.24 -12.12 0.88
N TYR A 55 -3.35 -10.97 1.56
CA TYR A 55 -4.41 -10.77 2.58
C TYR A 55 -5.38 -9.61 2.18
N THR A 56 -6.67 -9.96 2.02
CA THR A 56 -7.73 -9.01 1.59
C THR A 56 -8.22 -8.15 2.80
N SER A 57 -7.73 -6.90 2.85
CA SER A 57 -7.94 -6.00 4.01
C SER A 57 -8.54 -4.62 3.61
N THR A 58 -9.17 -3.92 4.57
CA THR A 58 -9.58 -2.50 4.38
C THR A 58 -9.68 -1.73 5.72
N GLN A 59 -9.27 -0.45 5.68
CA GLN A 59 -9.78 0.59 6.61
C GLN A 59 -11.19 1.04 6.13
N ARG A 60 -12.09 1.31 7.08
CA ARG A 60 -13.54 1.55 6.80
C ARG A 60 -14.14 2.77 7.55
N VAL A 61 -13.69 3.97 7.18
CA VAL A 61 -14.31 5.25 7.59
C VAL A 61 -15.49 5.67 6.65
N ASP A 62 -15.23 5.83 5.35
CA ASP A 62 -16.27 5.70 4.30
C ASP A 62 -16.52 4.18 3.92
N ARG A 63 -17.38 3.96 2.93
CA ARG A 63 -17.53 2.65 2.25
C ARG A 63 -16.51 2.45 1.07
N LEU A 64 -16.35 3.45 0.18
CA LEU A 64 -15.50 3.35 -1.03
C LEU A 64 -14.79 4.67 -1.50
N ALA A 65 -15.28 5.87 -1.16
CA ALA A 65 -14.76 7.15 -1.73
C ALA A 65 -13.52 7.75 -1.00
N ARG A 66 -13.53 7.81 0.33
CA ARG A 66 -12.32 8.18 1.13
C ARG A 66 -12.08 7.10 2.23
N THR A 67 -11.66 5.90 1.83
CA THR A 67 -11.26 4.82 2.76
C THR A 67 -10.23 3.86 2.10
N GLU A 68 -9.23 3.38 2.87
CA GLU A 68 -8.06 2.70 2.28
C GLU A 68 -8.23 1.15 2.24
N ILE A 69 -8.57 0.64 1.05
CA ILE A 69 -8.57 -0.81 0.74
C ILE A 69 -7.09 -1.28 0.51
N LYS A 70 -6.74 -2.46 1.02
CA LYS A 70 -5.48 -3.16 0.66
C LYS A 70 -5.77 -4.68 0.45
N ASN A 71 -6.11 -5.06 -0.79
CA ASN A 71 -5.83 -6.44 -1.29
C ASN A 71 -4.48 -6.41 -2.07
N PHE A 72 -3.37 -6.47 -1.31
CA PHE A 72 -2.00 -6.32 -1.87
C PHE A 72 -1.30 -7.70 -1.82
N THR A 73 -1.40 -8.47 -2.92
CA THR A 73 -0.85 -9.86 -2.96
C THR A 73 0.63 -9.82 -3.42
N VAL A 74 1.54 -9.75 -2.43
CA VAL A 74 2.99 -9.50 -2.68
C VAL A 74 3.85 -10.72 -2.25
N PHE A 75 4.72 -11.13 -3.16
CA PHE A 75 5.45 -12.41 -3.09
C PHE A 75 6.88 -12.18 -2.54
N PHE A 76 7.22 -12.89 -1.45
CA PHE A 76 8.52 -12.73 -0.75
C PHE A 76 9.32 -14.07 -0.77
N GLU A 77 10.65 -13.98 -0.89
CA GLU A 77 11.52 -15.19 -0.92
C GLU A 77 11.85 -15.70 0.51
N ASN A 78 12.65 -14.92 1.25
CA ASN A 78 12.66 -14.94 2.74
C ASN A 78 12.69 -13.46 3.25
N GLU A 79 13.73 -12.68 2.90
CA GLU A 79 13.66 -11.20 2.93
C GLU A 79 13.12 -10.56 1.60
N GLN A 80 13.64 -10.94 0.42
CA GLN A 80 13.55 -10.10 -0.79
C GLN A 80 12.18 -10.13 -1.50
N VAL A 81 11.77 -8.96 -2.01
CA VAL A 81 10.44 -8.80 -2.67
C VAL A 81 10.55 -9.21 -4.18
N VAL A 82 9.65 -10.11 -4.62
CA VAL A 82 9.58 -10.55 -6.04
C VAL A 82 8.68 -9.54 -6.82
N ARG A 83 7.34 -9.61 -6.67
CA ARG A 83 6.42 -8.54 -7.16
C ARG A 83 5.04 -8.57 -6.43
N TRP A 84 4.21 -7.57 -6.76
CA TRP A 84 3.02 -7.17 -5.97
C TRP A 84 1.76 -6.99 -6.86
N GLU A 85 0.71 -7.78 -6.57
CA GLU A 85 -0.58 -7.68 -7.28
C GLU A 85 -1.53 -6.77 -6.43
N GLY A 86 -1.53 -5.46 -6.73
CA GLY A 86 -2.09 -4.44 -5.81
C GLY A 86 -3.46 -3.88 -6.16
N ASP A 87 -4.53 -4.54 -5.70
CA ASP A 87 -5.91 -3.99 -5.77
C ASP A 87 -6.25 -3.26 -4.44
N TYR A 88 -5.94 -1.96 -4.43
CA TYR A 88 -5.67 -1.20 -3.18
C TYR A 88 -6.15 0.28 -3.22
N PHE A 89 -7.47 0.50 -3.39
CA PHE A 89 -8.07 1.88 -3.48
C PHE A 89 -7.48 2.76 -4.62
N PRO A 90 -7.91 2.65 -5.92
CA PRO A 90 -7.38 3.54 -7.01
C PRO A 90 -8.00 4.95 -7.10
N SER A 91 -7.88 5.69 -5.98
CA SER A 91 -8.35 7.09 -5.85
C SER A 91 -7.69 7.88 -4.66
N GLN A 92 -6.37 7.75 -4.51
CA GLN A 92 -5.63 8.30 -3.34
C GLN A 92 -4.99 9.67 -3.71
N ASP A 93 -5.80 10.75 -3.67
CA ASP A 93 -5.41 12.05 -4.26
C ASP A 93 -6.17 13.24 -3.56
N GLU A 94 -5.50 13.91 -2.61
CA GLU A 94 -5.92 15.27 -2.13
C GLU A 94 -5.44 16.39 -3.11
N GLN A 95 -6.12 16.44 -4.26
CA GLN A 95 -5.58 16.96 -5.53
C GLN A 95 -6.68 16.72 -6.61
N LEU A 96 -6.78 17.66 -7.54
CA LEU A 96 -7.56 17.49 -8.82
C LEU A 96 -6.84 16.48 -9.78
N ALA A 97 -7.01 15.19 -9.45
CA ALA A 97 -6.23 14.05 -9.99
C ALA A 97 -6.84 12.70 -9.44
N LYS A 98 -6.51 11.57 -10.07
CA LYS A 98 -6.93 10.24 -9.57
C LYS A 98 -5.87 9.16 -9.92
N ALA A 99 -5.47 8.36 -8.92
CA ALA A 99 -4.56 7.20 -9.15
C ALA A 99 -5.22 5.99 -9.89
N ALA A 100 -5.35 6.14 -11.22
CA ALA A 100 -6.17 5.25 -12.07
C ALA A 100 -5.60 3.82 -12.32
N PRO A 101 -6.42 2.77 -12.64
CA PRO A 101 -5.93 1.36 -12.77
C PRO A 101 -5.08 1.03 -14.02
N LYS A 102 -3.81 1.48 -13.97
CA LYS A 102 -2.76 1.10 -14.95
C LYS A 102 -2.11 -0.28 -14.61
N GLN A 103 -2.82 -1.36 -14.97
CA GLN A 103 -2.59 -2.69 -14.36
C GLN A 103 -2.20 -3.81 -15.36
N PHE A 104 -0.94 -3.81 -15.81
CA PHE A 104 -0.32 -4.99 -16.46
C PHE A 104 1.22 -5.03 -16.23
N GLY A 105 1.66 -5.39 -15.01
CA GLY A 105 3.09 -5.62 -14.73
C GLY A 105 3.48 -7.11 -14.81
N ARG A 106 3.82 -7.59 -16.01
CA ARG A 106 4.19 -9.02 -16.23
C ARG A 106 5.67 -9.33 -15.89
N ASN A 107 5.96 -9.38 -14.56
CA ASN A 107 7.23 -9.95 -14.05
C ASN A 107 7.03 -11.48 -13.85
N LEU A 108 7.66 -12.23 -14.74
CA LEU A 108 7.81 -13.72 -14.63
C LEU A 108 9.09 -14.08 -15.42
N ALA A 109 10.20 -14.23 -14.69
CA ALA A 109 11.55 -14.44 -15.27
C ALA A 109 12.44 -15.26 -14.28
N ARG A 110 12.77 -14.71 -13.09
CA ARG A 110 13.33 -15.49 -11.96
C ARG A 110 12.46 -15.16 -10.71
N ASP A 111 11.37 -15.92 -10.52
CA ASP A 111 10.27 -15.51 -9.63
C ASP A 111 9.82 -16.68 -8.68
N LYS A 112 9.40 -16.29 -7.47
CA LYS A 112 8.61 -17.18 -6.57
C LYS A 112 7.10 -16.77 -6.60
N LYS A 113 6.50 -16.93 -7.78
CA LYS A 113 5.22 -16.28 -8.18
C LYS A 113 4.80 -16.93 -9.54
N LYS A 114 3.54 -17.42 -9.65
CA LYS A 114 3.14 -18.28 -10.80
C LYS A 114 2.97 -17.52 -12.15
N GLN A 115 1.85 -16.82 -12.39
CA GLN A 115 1.70 -15.92 -13.56
C GLN A 115 0.50 -14.96 -13.30
N ARG A 116 0.80 -13.66 -13.43
CA ARG A 116 -0.20 -12.56 -13.32
C ARG A 116 0.49 -11.25 -13.79
N GLY A 117 -0.04 -10.66 -14.87
CA GLY A 117 0.24 -9.26 -15.24
C GLY A 117 -0.81 -8.30 -14.65
N ARG A 118 -0.46 -7.63 -13.56
CA ARG A 118 -1.39 -6.69 -12.85
C ARG A 118 -0.63 -5.47 -12.21
N MET A 1 11.01 -13.37 7.66
CA MET A 1 11.84 -12.79 8.76
C MET A 1 11.72 -11.24 8.89
N ALA A 2 11.89 -10.74 10.12
CA ALA A 2 11.94 -9.29 10.42
C ALA A 2 13.41 -8.75 10.41
N GLY A 3 13.56 -7.48 10.00
CA GLY A 3 14.88 -6.87 9.75
C GLY A 3 15.40 -7.15 8.33
N SER A 4 14.84 -6.45 7.33
CA SER A 4 14.80 -6.98 5.95
C SER A 4 15.82 -6.31 4.99
N GLY A 5 17.04 -6.86 4.96
CA GLY A 5 17.94 -6.76 3.79
C GLY A 5 18.72 -5.46 3.66
N ILE A 6 18.17 -4.56 2.82
CA ILE A 6 18.77 -3.22 2.57
C ILE A 6 18.19 -2.16 3.54
N ILE A 7 18.75 -2.09 4.76
CA ILE A 7 18.23 -1.22 5.86
C ILE A 7 18.69 0.26 5.77
N TYR A 8 18.17 0.95 4.75
CA TYR A 8 18.40 2.39 4.50
C TYR A 8 17.25 2.86 3.57
N LYS A 9 16.36 3.74 4.05
CA LYS A 9 15.16 4.19 3.29
C LYS A 9 14.95 5.71 3.56
N GLN A 10 14.89 6.52 2.50
CA GLN A 10 14.86 8.00 2.62
C GLN A 10 13.57 8.56 1.95
N PRO A 11 12.60 9.23 2.65
CA PRO A 11 11.30 9.64 2.03
C PRO A 11 11.36 10.94 1.19
N ILE A 12 11.97 10.82 0.01
CA ILE A 12 12.04 11.90 -1.02
C ILE A 12 11.64 11.30 -2.41
N TYR A 13 10.32 11.08 -2.58
CA TYR A 13 9.77 10.29 -3.71
C TYR A 13 8.23 10.58 -3.77
N GLN A 14 7.71 10.81 -4.99
CA GLN A 14 6.33 11.31 -5.23
C GLN A 14 5.12 10.63 -4.53
N GLY A 15 5.17 9.32 -4.28
CA GLY A 15 4.29 8.67 -3.30
C GLY A 15 4.98 7.53 -2.54
N ASN A 16 5.75 7.90 -1.51
CA ASN A 16 6.45 6.91 -0.64
C ASN A 16 5.55 5.91 0.18
N LEU A 17 4.29 6.26 0.51
CA LEU A 17 3.36 5.37 1.23
C LEU A 17 2.47 4.57 0.20
N ILE A 18 1.14 4.74 0.11
CA ILE A 18 0.28 4.11 -0.94
C ILE A 18 0.19 5.08 -2.17
N LYS A 19 0.52 4.58 -3.36
CA LYS A 19 0.32 5.32 -4.63
C LYS A 19 0.32 4.34 -5.85
N GLN A 20 -0.60 4.57 -6.79
CA GLN A 20 -0.65 3.83 -8.09
C GLN A 20 0.56 4.00 -9.07
N ASN A 21 1.23 5.17 -9.12
CA ASN A 21 2.54 5.31 -9.82
C ASN A 21 3.73 4.86 -8.94
N ALA A 22 4.06 5.58 -7.87
CA ALA A 22 5.31 5.34 -7.10
C ALA A 22 5.53 3.93 -6.53
N VAL A 23 4.47 3.26 -6.03
CA VAL A 23 4.55 1.83 -5.64
C VAL A 23 4.63 0.87 -6.88
N GLU A 24 3.86 1.06 -7.96
CA GLU A 24 4.06 0.30 -9.23
C GLU A 24 5.45 0.50 -9.95
N GLN A 25 6.02 1.70 -9.84
CA GLN A 25 7.38 2.05 -10.32
C GLN A 25 8.59 1.58 -9.45
N LEU A 26 8.52 1.58 -8.11
CA LEU A 26 9.73 1.51 -7.22
C LEU A 26 10.81 0.39 -7.41
N GLN A 27 10.43 -0.80 -7.91
CA GLN A 27 11.39 -1.88 -8.29
C GLN A 27 12.44 -2.33 -7.22
N VAL A 28 11.96 -2.58 -6.00
CA VAL A 28 12.81 -3.06 -4.86
C VAL A 28 12.59 -4.60 -4.71
N GLY A 29 13.69 -5.38 -4.79
CA GLY A 29 13.67 -6.84 -4.54
C GLY A 29 14.51 -7.35 -3.36
N GLN A 30 14.54 -6.61 -2.24
CA GLN A 30 15.40 -6.91 -1.07
C GLN A 30 14.84 -6.31 0.28
N SER A 31 13.51 -6.23 0.46
CA SER A 31 12.90 -5.72 1.72
C SER A 31 11.37 -6.00 1.80
N LYS A 32 10.94 -6.81 2.79
CA LYS A 32 9.50 -7.03 3.09
C LYS A 32 8.91 -6.13 4.20
N GLN A 33 9.57 -6.04 5.37
CA GLN A 33 9.14 -5.16 6.49
C GLN A 33 9.13 -3.63 6.19
N GLN A 34 10.15 -3.12 5.49
CA GLN A 34 10.18 -1.71 5.03
C GLN A 34 9.05 -1.35 4.02
N VAL A 35 8.84 -2.13 2.93
CA VAL A 35 7.66 -1.95 2.03
C VAL A 35 6.27 -2.11 2.73
N SER A 36 6.08 -3.14 3.56
CA SER A 36 4.83 -3.30 4.36
C SER A 36 4.58 -2.23 5.46
N ALA A 37 5.60 -1.76 6.19
CA ALA A 37 5.47 -0.57 7.07
C ALA A 37 5.17 0.79 6.37
N LEU A 38 5.81 1.08 5.22
CA LEU A 38 5.46 2.26 4.38
C LEU A 38 4.03 2.21 3.74
N LEU A 39 3.64 1.09 3.14
CA LEU A 39 2.24 0.88 2.65
C LEU A 39 1.12 0.79 3.77
N GLY A 40 1.45 0.20 4.92
CA GLY A 40 0.54 0.13 6.09
C GLY A 40 0.00 -1.28 6.38
N THR A 41 0.87 -2.18 6.84
CA THR A 41 0.52 -3.61 7.14
C THR A 41 1.72 -4.25 7.94
N PRO A 42 1.53 -5.07 9.02
CA PRO A 42 2.67 -5.73 9.74
C PRO A 42 3.39 -6.88 8.98
N SER A 43 4.53 -7.31 9.54
CA SER A 43 5.44 -8.31 8.93
C SER A 43 4.96 -9.79 9.03
N ILE A 44 5.69 -10.65 8.32
CA ILE A 44 5.62 -12.13 8.48
C ILE A 44 7.01 -12.57 9.08
N PRO A 45 7.20 -12.68 10.43
CA PRO A 45 8.56 -12.84 11.04
C PRO A 45 9.08 -14.30 11.25
N ASP A 46 9.08 -15.07 10.17
CA ASP A 46 9.62 -16.46 10.16
C ASP A 46 11.02 -16.50 9.45
N PRO A 47 12.11 -17.04 10.05
CA PRO A 47 13.33 -17.45 9.30
C PRO A 47 13.27 -18.77 8.47
N PHE A 48 12.26 -19.64 8.63
CA PHE A 48 12.13 -20.89 7.83
C PHE A 48 11.58 -20.63 6.40
N HIS A 49 10.29 -20.27 6.24
CA HIS A 49 9.72 -19.95 4.90
C HIS A 49 8.62 -18.87 5.04
N ALA A 50 9.03 -17.60 5.18
CA ALA A 50 8.09 -16.47 5.28
C ALA A 50 7.61 -15.99 3.88
N GLN A 51 6.44 -16.50 3.49
CA GLN A 51 5.93 -16.37 2.10
C GLN A 51 5.31 -14.96 1.77
N ARG A 52 4.61 -14.92 0.63
CA ARG A 52 3.74 -13.81 0.19
C ARG A 52 2.80 -13.13 1.23
N TRP A 53 2.51 -11.85 0.97
CA TRP A 53 1.38 -11.12 1.60
C TRP A 53 0.21 -11.12 0.59
N ASP A 54 -0.80 -11.96 0.82
CA ASP A 54 -2.03 -12.05 0.00
C ASP A 54 -3.32 -11.61 0.78
N TYR A 55 -3.34 -10.37 1.33
CA TYR A 55 -4.27 -10.01 2.42
C TYR A 55 -4.82 -8.55 2.25
N THR A 56 -6.13 -8.40 2.51
CA THR A 56 -6.82 -7.09 2.46
C THR A 56 -6.72 -6.39 3.87
N SER A 57 -5.84 -5.40 4.02
CA SER A 57 -5.60 -4.74 5.34
C SER A 57 -6.38 -3.42 5.52
N THR A 58 -7.54 -3.54 6.16
CA THR A 58 -8.76 -2.80 5.71
C THR A 58 -9.64 -2.17 6.82
N GLN A 59 -10.63 -1.40 6.35
CA GLN A 59 -11.59 -0.65 7.19
C GLN A 59 -12.95 -0.47 6.42
N ARG A 60 -13.97 0.10 7.09
CA ARG A 60 -15.34 0.22 6.54
C ARG A 60 -15.48 1.39 5.50
N VAL A 61 -15.04 1.13 4.26
CA VAL A 61 -15.11 2.10 3.14
C VAL A 61 -16.46 2.12 2.35
N ASP A 62 -16.98 0.95 1.98
CA ASP A 62 -18.19 0.81 1.11
C ASP A 62 -19.26 -0.11 1.81
N ARG A 63 -20.35 -0.39 1.10
CA ARG A 63 -21.71 -0.51 1.71
C ARG A 63 -22.05 -1.90 2.31
N LEU A 64 -22.48 -2.88 1.50
CA LEU A 64 -23.10 -4.14 2.01
C LEU A 64 -22.07 -5.14 2.61
N ALA A 65 -21.36 -5.92 1.78
CA ALA A 65 -20.16 -6.68 2.23
C ALA A 65 -18.91 -6.20 1.42
N ARG A 66 -18.47 -4.98 1.74
CA ARG A 66 -17.42 -4.26 0.96
C ARG A 66 -16.49 -3.38 1.87
N THR A 67 -15.88 -4.01 2.89
CA THR A 67 -14.91 -3.34 3.80
C THR A 67 -13.47 -3.61 3.27
N GLU A 68 -13.01 -2.83 2.31
CA GLU A 68 -12.07 -3.32 1.24
C GLU A 68 -11.14 -2.18 0.75
N ILE A 69 -10.01 -2.05 1.44
CA ILE A 69 -8.95 -1.05 1.16
C ILE A 69 -7.56 -1.69 1.50
N LYS A 70 -6.56 -1.38 0.67
CA LYS A 70 -5.19 -1.99 0.77
C LYS A 70 -5.15 -3.55 0.60
N ASN A 71 -5.53 -4.05 -0.58
CA ASN A 71 -5.25 -5.46 -0.98
C ASN A 71 -3.99 -5.46 -1.89
N PHE A 72 -2.83 -5.63 -1.26
CA PHE A 72 -1.54 -5.62 -2.00
C PHE A 72 -0.99 -7.07 -2.03
N THR A 73 -1.27 -7.78 -3.14
CA THR A 73 -0.82 -9.20 -3.29
C THR A 73 0.63 -9.21 -3.81
N VAL A 74 1.56 -9.46 -2.88
CA VAL A 74 3.02 -9.34 -3.13
C VAL A 74 3.75 -10.63 -2.67
N PHE A 75 4.59 -11.16 -3.56
CA PHE A 75 5.31 -12.44 -3.34
C PHE A 75 6.70 -12.19 -2.73
N PHE A 76 7.04 -13.00 -1.71
CA PHE A 76 8.33 -12.93 -0.99
C PHE A 76 8.86 -14.39 -0.76
N GLU A 77 10.18 -14.59 -0.81
CA GLU A 77 10.80 -15.89 -0.38
C GLU A 77 10.92 -16.02 1.16
N ASN A 78 11.74 -15.17 1.80
CA ASN A 78 11.91 -15.12 3.26
C ASN A 78 12.01 -13.65 3.80
N GLU A 79 12.93 -12.86 3.27
CA GLU A 79 12.92 -11.37 3.41
C GLU A 79 12.59 -10.57 2.10
N GLN A 80 12.92 -11.11 0.91
CA GLN A 80 13.17 -10.33 -0.32
C GLN A 80 12.01 -10.41 -1.33
N VAL A 81 11.79 -9.34 -2.11
CA VAL A 81 10.55 -9.19 -2.91
C VAL A 81 10.69 -9.82 -4.33
N VAL A 82 9.69 -10.61 -4.71
CA VAL A 82 9.66 -11.36 -6.00
C VAL A 82 8.83 -10.54 -7.04
N ARG A 83 7.49 -10.39 -6.86
CA ARG A 83 6.67 -9.41 -7.62
C ARG A 83 5.36 -9.02 -6.87
N TRP A 84 4.79 -7.84 -7.20
CA TRP A 84 3.49 -7.37 -6.64
C TRP A 84 2.41 -7.09 -7.72
N GLU A 85 1.14 -7.14 -7.29
CA GLU A 85 0.08 -6.27 -7.85
C GLU A 85 -0.69 -5.59 -6.67
N GLY A 86 -0.99 -4.30 -6.84
CA GLY A 86 -1.61 -3.48 -5.81
C GLY A 86 -3.03 -3.02 -6.13
N ASP A 87 -4.04 -3.80 -5.71
CA ASP A 87 -5.46 -3.37 -5.76
C ASP A 87 -5.87 -2.63 -4.46
N TYR A 88 -5.51 -1.33 -4.41
CA TYR A 88 -5.40 -0.54 -3.16
C TYR A 88 -6.26 0.75 -3.20
N PHE A 89 -5.69 1.94 -3.42
CA PHE A 89 -6.45 3.16 -3.79
C PHE A 89 -6.20 3.47 -5.30
N PRO A 90 -7.10 3.11 -6.27
CA PRO A 90 -6.78 3.25 -7.73
C PRO A 90 -7.12 4.61 -8.42
N SER A 91 -6.64 5.70 -7.82
CA SER A 91 -6.75 7.07 -8.42
C SER A 91 -5.68 8.01 -7.82
N GLN A 92 -4.42 7.84 -8.27
CA GLN A 92 -3.28 8.73 -7.89
C GLN A 92 -2.01 8.25 -8.64
N ASP A 93 -1.75 8.81 -9.82
CA ASP A 93 -0.65 8.37 -10.71
C ASP A 93 -0.23 9.55 -11.63
N GLU A 94 0.69 10.39 -11.15
CA GLU A 94 1.20 11.59 -11.88
C GLU A 94 2.13 11.37 -13.13
N GLN A 95 2.80 10.24 -13.12
CA GLN A 95 3.34 9.60 -14.35
C GLN A 95 2.40 8.36 -14.58
N LEU A 96 1.43 8.51 -15.50
CA LEU A 96 0.25 7.60 -15.59
C LEU A 96 0.57 6.09 -15.69
N ALA A 97 0.07 5.33 -14.72
CA ALA A 97 0.43 3.90 -14.52
C ALA A 97 -0.70 2.97 -15.02
N LYS A 98 -0.97 1.86 -14.33
CA LYS A 98 -2.18 1.02 -14.58
C LYS A 98 -3.48 1.76 -14.11
N ALA A 99 -3.97 2.68 -14.95
CA ALA A 99 -5.11 3.56 -14.61
C ALA A 99 -6.50 2.89 -14.84
N ALA A 100 -6.82 1.98 -13.92
CA ALA A 100 -8.03 1.14 -13.95
C ALA A 100 -8.59 0.91 -12.51
N PRO A 101 -9.90 0.64 -12.27
CA PRO A 101 -10.46 0.50 -10.88
C PRO A 101 -10.08 -0.80 -10.11
N LYS A 102 -8.80 -0.86 -9.71
CA LYS A 102 -8.24 -1.98 -8.93
C LYS A 102 -8.40 -1.75 -7.39
N GLN A 103 -9.49 -2.30 -6.85
CA GLN A 103 -9.62 -2.65 -5.40
C GLN A 103 -10.74 -3.72 -5.30
N PHE A 104 -10.35 -5.00 -5.33
CA PHE A 104 -11.25 -6.10 -5.78
C PHE A 104 -10.85 -7.58 -5.44
N GLY A 105 -9.61 -7.88 -5.01
CA GLY A 105 -9.18 -9.28 -4.77
C GLY A 105 -9.60 -9.91 -3.42
N ARG A 106 -10.92 -9.98 -3.22
CA ARG A 106 -11.57 -10.24 -1.90
C ARG A 106 -13.10 -10.38 -2.20
N ASN A 107 -13.77 -11.44 -1.69
CA ASN A 107 -15.16 -11.83 -2.07
C ASN A 107 -16.23 -10.73 -2.35
N LEU A 108 -16.39 -10.37 -3.63
CA LEU A 108 -16.91 -9.03 -4.03
C LEU A 108 -18.45 -8.95 -4.13
N ALA A 109 -19.11 -8.84 -2.96
CA ALA A 109 -20.59 -8.82 -2.87
C ALA A 109 -21.11 -7.45 -2.34
N ARG A 110 -21.53 -6.63 -3.29
CA ARG A 110 -22.24 -5.34 -3.02
C ARG A 110 -23.19 -4.96 -4.20
N ASP A 111 -24.34 -4.42 -3.81
CA ASP A 111 -25.38 -3.86 -4.70
C ASP A 111 -24.95 -2.87 -5.83
N LYS A 112 -25.66 -2.97 -6.97
CA LYS A 112 -25.46 -2.06 -8.13
C LYS A 112 -26.57 -0.96 -8.11
N LYS A 113 -26.41 -0.04 -7.14
CA LYS A 113 -27.51 0.86 -6.70
C LYS A 113 -26.95 2.25 -6.31
N LYS A 114 -27.58 3.32 -6.80
CA LYS A 114 -27.31 4.71 -6.31
C LYS A 114 -28.20 5.02 -5.05
N GLN A 115 -27.75 4.54 -3.88
CA GLN A 115 -28.45 4.83 -2.59
C GLN A 115 -28.03 6.20 -1.97
N ARG A 116 -28.32 7.28 -2.71
CA ARG A 116 -27.97 8.68 -2.36
C ARG A 116 -28.71 9.55 -3.43
N GLY A 117 -29.79 10.23 -3.03
CA GLY A 117 -30.75 10.88 -3.97
C GLY A 117 -30.20 11.77 -5.09
N ARG A 118 -29.64 12.92 -4.71
CA ARG A 118 -28.80 13.75 -5.62
C ARG A 118 -27.33 13.22 -5.62
N MET A 1 18.05 26.84 6.16
CA MET A 1 17.19 27.98 5.73
C MET A 1 18.08 29.08 5.05
N ALA A 2 17.82 30.37 5.27
CA ALA A 2 18.69 31.46 4.75
C ALA A 2 19.90 31.70 5.70
N GLY A 3 21.13 31.52 5.16
CA GLY A 3 22.37 31.64 5.96
C GLY A 3 22.79 30.37 6.70
N SER A 4 22.03 30.01 7.76
CA SER A 4 22.21 28.73 8.47
C SER A 4 21.56 27.55 7.68
N GLY A 5 22.41 26.70 7.08
CA GLY A 5 21.97 25.65 6.13
C GLY A 5 21.28 24.37 6.64
N ILE A 6 20.40 24.50 7.65
CA ILE A 6 19.46 23.43 8.07
C ILE A 6 18.18 23.50 7.19
N ILE A 7 18.12 22.63 6.19
CA ILE A 7 16.99 22.58 5.20
C ILE A 7 15.76 21.78 5.74
N TYR A 8 15.01 22.42 6.65
CA TYR A 8 13.73 21.89 7.18
C TYR A 8 12.56 22.09 6.17
N LYS A 9 12.05 20.98 5.64
CA LYS A 9 11.00 20.99 4.60
C LYS A 9 10.16 19.68 4.68
N GLN A 10 8.83 19.80 4.84
CA GLN A 10 7.94 18.63 4.99
C GLN A 10 7.46 18.09 3.60
N PRO A 11 7.74 16.83 3.16
CA PRO A 11 7.24 16.30 1.85
C PRO A 11 5.76 15.83 1.89
N ILE A 12 4.85 16.81 1.84
CA ILE A 12 3.37 16.54 1.99
C ILE A 12 2.68 16.17 0.64
N TYR A 13 2.98 14.96 0.16
CA TYR A 13 2.32 14.35 -1.01
C TYR A 13 2.40 12.80 -0.87
N GLN A 14 1.27 12.13 -1.09
CA GLN A 14 1.18 10.64 -1.01
C GLN A 14 2.03 9.78 -2.01
N GLY A 15 2.64 10.39 -3.04
CA GLY A 15 3.79 9.80 -3.77
C GLY A 15 5.00 9.21 -2.99
N ASN A 16 5.28 9.69 -1.78
CA ASN A 16 6.17 9.01 -0.81
C ASN A 16 5.74 7.55 -0.38
N LEU A 17 4.45 7.31 -0.09
CA LEU A 17 3.92 5.99 0.33
C LEU A 17 2.91 5.40 -0.70
N ILE A 18 1.61 5.74 -0.61
CA ILE A 18 0.54 5.08 -1.42
C ILE A 18 0.05 5.96 -2.58
N LYS A 19 0.57 5.69 -3.78
CA LYS A 19 -0.18 5.84 -5.06
C LYS A 19 0.35 4.76 -6.05
N GLN A 20 -0.53 4.07 -6.79
CA GLN A 20 -0.12 2.93 -7.70
C GLN A 20 1.02 3.20 -8.75
N ASN A 21 1.15 4.42 -9.28
CA ASN A 21 2.39 4.84 -10.00
C ASN A 21 3.69 4.81 -9.13
N ALA A 22 3.71 5.44 -7.94
CA ALA A 22 4.83 5.28 -6.97
C ALA A 22 5.05 3.85 -6.39
N VAL A 23 3.98 3.09 -6.06
CA VAL A 23 4.11 1.66 -5.64
C VAL A 23 4.66 0.71 -6.77
N GLU A 24 4.33 0.91 -8.05
CA GLU A 24 5.11 0.28 -9.16
C GLU A 24 6.55 0.86 -9.35
N GLN A 25 6.70 2.19 -9.44
CA GLN A 25 8.01 2.86 -9.65
C GLN A 25 9.07 2.73 -8.53
N LEU A 26 8.70 2.50 -7.24
CA LEU A 26 9.66 2.03 -6.20
C LEU A 26 10.53 0.77 -6.54
N GLN A 27 9.98 -0.20 -7.30
CA GLN A 27 10.73 -1.32 -7.91
C GLN A 27 11.73 -2.12 -7.01
N VAL A 28 11.26 -2.48 -5.81
CA VAL A 28 12.12 -3.08 -4.74
C VAL A 28 12.14 -4.63 -4.90
N GLY A 29 13.35 -5.22 -4.84
CA GLY A 29 13.53 -6.68 -4.68
C GLY A 29 14.51 -7.08 -3.57
N GLN A 30 14.30 -6.56 -2.34
CA GLN A 30 15.35 -6.58 -1.27
C GLN A 30 14.80 -6.87 0.15
N SER A 31 13.79 -6.14 0.65
CA SER A 31 13.32 -6.29 2.06
C SER A 31 11.79 -6.11 2.23
N LYS A 32 11.15 -7.18 2.73
CA LYS A 32 9.78 -7.18 3.29
C LYS A 32 9.42 -6.11 4.36
N GLN A 33 10.27 -5.95 5.39
CA GLN A 33 10.09 -4.90 6.42
C GLN A 33 10.31 -3.44 5.95
N GLN A 34 11.30 -3.18 5.09
CA GLN A 34 11.45 -1.84 4.44
C GLN A 34 10.25 -1.45 3.52
N VAL A 35 9.82 -2.31 2.58
CA VAL A 35 8.61 -2.02 1.75
C VAL A 35 7.27 -1.87 2.55
N SER A 36 7.01 -2.73 3.55
CA SER A 36 5.86 -2.54 4.48
C SER A 36 5.92 -1.27 5.39
N ALA A 37 7.07 -0.96 6.00
CA ALA A 37 7.26 0.31 6.73
C ALA A 37 7.14 1.62 5.89
N LEU A 38 7.73 1.65 4.67
CA LEU A 38 7.54 2.77 3.72
C LEU A 38 6.10 2.92 3.14
N LEU A 39 5.46 1.82 2.71
CA LEU A 39 4.03 1.84 2.28
C LEU A 39 2.94 2.13 3.37
N GLY A 40 3.22 1.84 4.65
CA GLY A 40 2.27 2.06 5.75
C GLY A 40 1.49 0.82 6.22
N THR A 41 2.23 -0.23 6.56
CA THR A 41 1.70 -1.56 6.92
C THR A 41 2.54 -2.09 8.14
N PRO A 42 2.00 -2.88 9.10
CA PRO A 42 2.84 -3.63 10.10
C PRO A 42 3.77 -4.69 9.43
N SER A 43 5.00 -4.80 9.92
CA SER A 43 6.04 -5.61 9.28
C SER A 43 5.96 -7.14 9.59
N ILE A 44 6.73 -7.89 8.80
CA ILE A 44 6.93 -9.35 8.97
C ILE A 44 8.44 -9.52 9.37
N PRO A 45 8.85 -9.55 10.67
CA PRO A 45 10.30 -9.69 11.07
C PRO A 45 10.81 -11.16 11.22
N ASP A 46 10.63 -11.93 10.14
CA ASP A 46 10.75 -13.41 10.17
C ASP A 46 11.95 -13.85 9.28
N PRO A 47 13.14 -14.25 9.81
CA PRO A 47 14.32 -14.64 8.97
C PRO A 47 14.46 -16.13 8.53
N PHE A 48 13.54 -17.03 8.91
CA PHE A 48 13.65 -18.48 8.57
C PHE A 48 13.21 -18.79 7.11
N HIS A 49 11.90 -18.76 6.82
CA HIS A 49 11.37 -18.82 5.43
C HIS A 49 10.00 -18.08 5.41
N ALA A 50 10.05 -16.75 5.21
CA ALA A 50 8.84 -15.91 5.18
C ALA A 50 8.25 -15.74 3.76
N GLN A 51 7.05 -16.29 3.59
CA GLN A 51 6.29 -16.20 2.31
C GLN A 51 5.44 -14.89 2.21
N ARG A 52 4.50 -14.83 1.25
CA ARG A 52 3.79 -13.60 0.85
C ARG A 52 2.95 -12.87 1.94
N TRP A 53 2.91 -11.52 1.84
CA TRP A 53 1.88 -10.68 2.55
C TRP A 53 0.58 -10.76 1.72
N ASP A 54 -0.49 -11.33 2.29
CA ASP A 54 -1.71 -11.67 1.51
C ASP A 54 -2.99 -11.07 2.16
N TYR A 55 -3.24 -9.77 1.93
CA TYR A 55 -4.50 -9.13 2.36
C TYR A 55 -5.45 -8.88 1.15
N THR A 56 -6.66 -9.46 1.17
CA THR A 56 -7.80 -8.95 0.35
C THR A 56 -8.89 -8.43 1.34
N SER A 57 -8.78 -7.15 1.72
CA SER A 57 -9.54 -6.58 2.85
C SER A 57 -10.01 -5.13 2.59
N THR A 58 -11.26 -4.80 2.98
CA THR A 58 -11.87 -3.47 2.74
C THR A 58 -12.56 -2.88 4.00
N GLN A 59 -12.47 -1.54 4.12
CA GLN A 59 -13.05 -0.76 5.25
C GLN A 59 -12.47 -1.08 6.67
N ARG A 60 -11.13 -1.00 6.76
CA ARG A 60 -10.37 -1.50 7.93
C ARG A 60 -9.78 -0.32 8.78
N VAL A 61 -9.80 -0.50 10.12
CA VAL A 61 -9.24 0.49 11.09
C VAL A 61 -7.69 0.39 11.29
N ASP A 62 -6.96 0.51 10.18
CA ASP A 62 -5.49 0.29 10.11
C ASP A 62 -4.65 1.57 10.47
N ARG A 63 -3.33 1.50 10.25
CA ARG A 63 -2.39 2.60 10.59
C ARG A 63 -2.17 3.73 9.54
N LEU A 64 -2.40 3.51 8.23
CA LEU A 64 -2.36 4.60 7.22
C LEU A 64 -3.68 5.41 7.19
N ALA A 65 -4.82 4.79 6.86
CA ALA A 65 -6.16 5.38 7.07
C ALA A 65 -7.00 4.53 8.06
N ARG A 66 -7.90 5.16 8.83
CA ARG A 66 -8.80 4.41 9.76
C ARG A 66 -10.19 3.95 9.20
N THR A 67 -10.50 4.16 7.91
CA THR A 67 -11.20 3.13 7.11
C THR A 67 -10.43 2.98 5.75
N GLU A 68 -9.85 1.79 5.53
CA GLU A 68 -8.81 1.56 4.50
C GLU A 68 -9.10 0.27 3.70
N ILE A 69 -8.74 0.30 2.42
CA ILE A 69 -8.67 -0.92 1.57
C ILE A 69 -7.18 -1.40 1.55
N LYS A 70 -6.91 -2.56 2.16
CA LYS A 70 -5.65 -3.30 1.90
C LYS A 70 -6.01 -4.54 1.02
N ASN A 71 -6.02 -4.31 -0.30
CA ASN A 71 -6.13 -5.37 -1.34
C ASN A 71 -4.77 -5.50 -2.09
N PHE A 72 -3.84 -6.26 -1.50
CA PHE A 72 -2.41 -6.26 -1.93
C PHE A 72 -1.79 -7.63 -1.54
N THR A 73 -1.60 -8.51 -2.54
CA THR A 73 -0.84 -9.78 -2.33
C THR A 73 0.59 -9.58 -2.90
N VAL A 74 1.57 -9.40 -2.00
CA VAL A 74 2.98 -9.15 -2.38
C VAL A 74 3.89 -10.33 -1.95
N PHE A 75 4.64 -10.86 -2.92
CA PHE A 75 5.31 -12.17 -2.82
C PHE A 75 6.77 -12.02 -2.31
N PHE A 76 7.10 -12.79 -1.28
CA PHE A 76 8.45 -12.79 -0.66
C PHE A 76 9.06 -14.22 -0.73
N GLU A 77 10.35 -14.33 -1.03
CA GLU A 77 11.08 -15.63 -0.95
C GLU A 77 11.46 -15.98 0.53
N ASN A 78 12.30 -15.13 1.15
CA ASN A 78 12.37 -15.02 2.63
C ASN A 78 12.30 -13.51 2.98
N GLU A 79 13.42 -12.78 2.94
CA GLU A 79 13.42 -11.29 3.03
C GLU A 79 13.20 -10.55 1.67
N GLN A 80 13.62 -11.11 0.52
CA GLN A 80 13.58 -10.40 -0.78
C GLN A 80 12.20 -10.42 -1.49
N VAL A 81 11.88 -9.32 -2.18
CA VAL A 81 10.54 -9.11 -2.81
C VAL A 81 10.55 -9.63 -4.28
N VAL A 82 9.55 -10.44 -4.64
CA VAL A 82 9.38 -10.98 -6.02
C VAL A 82 8.46 -10.00 -6.84
N ARG A 83 7.14 -9.95 -6.56
CA ARG A 83 6.20 -9.01 -7.24
C ARG A 83 4.89 -8.79 -6.42
N TRP A 84 4.12 -7.75 -6.79
CA TRP A 84 2.88 -7.33 -6.06
C TRP A 84 1.61 -7.31 -6.96
N GLU A 85 0.48 -7.74 -6.35
CA GLU A 85 -0.81 -7.91 -7.04
C GLU A 85 -1.93 -7.11 -6.32
N GLY A 86 -2.55 -6.15 -7.03
CA GLY A 86 -3.83 -5.54 -6.62
C GLY A 86 -3.87 -4.00 -6.75
N ASP A 87 -4.14 -3.32 -5.63
CA ASP A 87 -4.18 -1.84 -5.57
C ASP A 87 -3.50 -1.32 -4.26
N TYR A 88 -4.07 -1.63 -3.07
CA TYR A 88 -3.75 -0.94 -1.78
C TYR A 88 -4.30 0.52 -1.80
N PHE A 89 -5.54 0.66 -1.33
CA PHE A 89 -6.38 1.88 -1.52
C PHE A 89 -6.66 2.21 -3.01
N PRO A 90 -7.72 1.66 -3.70
CA PRO A 90 -8.12 2.10 -5.07
C PRO A 90 -8.73 3.53 -5.19
N SER A 91 -7.88 4.52 -4.93
CA SER A 91 -8.19 5.98 -5.02
C SER A 91 -6.82 6.67 -5.21
N GLN A 92 -6.29 6.72 -6.44
CA GLN A 92 -4.80 6.89 -6.62
C GLN A 92 -4.23 8.35 -6.64
N ASP A 93 -4.87 9.22 -5.85
CA ASP A 93 -4.25 10.44 -5.27
C ASP A 93 -4.98 10.78 -3.90
N GLU A 94 -4.80 9.93 -2.87
CA GLU A 94 -5.34 10.18 -1.51
C GLU A 94 -4.38 11.15 -0.74
N GLN A 95 -4.62 12.45 -0.93
CA GLN A 95 -3.89 13.53 -0.22
C GLN A 95 -4.39 13.64 1.25
N LEU A 96 -3.84 12.72 2.08
CA LEU A 96 -4.53 12.26 3.32
C LEU A 96 -4.37 13.18 4.57
N ALA A 97 -4.85 14.43 4.44
CA ALA A 97 -5.40 15.21 5.56
C ALA A 97 -6.96 15.11 5.55
N LYS A 98 -7.47 13.91 5.89
CA LYS A 98 -8.88 13.53 5.59
C LYS A 98 -9.62 13.31 6.94
N ALA A 99 -10.36 14.35 7.40
CA ALA A 99 -10.94 14.39 8.76
C ALA A 99 -11.87 13.21 9.18
N ALA A 100 -12.86 12.85 8.34
CA ALA A 100 -13.41 11.48 8.33
C ALA A 100 -12.63 10.61 7.31
N PRO A 101 -11.71 9.67 7.68
CA PRO A 101 -10.79 9.01 6.69
C PRO A 101 -11.47 7.85 5.92
N LYS A 102 -12.30 8.23 4.93
CA LYS A 102 -13.28 7.31 4.32
C LYS A 102 -12.69 6.42 3.20
N GLN A 103 -12.98 5.12 3.33
CA GLN A 103 -12.87 4.10 2.27
C GLN A 103 -13.63 4.49 0.97
N PHE A 104 -12.84 4.59 -0.09
CA PHE A 104 -13.33 4.75 -1.48
C PHE A 104 -12.48 3.83 -2.41
N GLY A 105 -12.98 2.61 -2.63
CA GLY A 105 -12.34 1.66 -3.57
C GLY A 105 -12.94 1.67 -4.99
N ARG A 106 -12.49 2.60 -5.85
CA ARG A 106 -12.85 2.61 -7.29
C ARG A 106 -11.65 3.14 -8.15
N ASN A 107 -10.76 2.23 -8.60
CA ASN A 107 -9.70 2.56 -9.59
C ASN A 107 -9.89 1.67 -10.86
N LEU A 108 -10.61 2.21 -11.86
CA LEU A 108 -10.78 1.52 -13.17
C LEU A 108 -10.19 2.35 -14.35
N ALA A 109 -8.87 2.59 -14.27
CA ALA A 109 -8.09 3.28 -15.32
C ALA A 109 -6.58 2.96 -15.10
N ARG A 110 -6.05 2.07 -15.95
CA ARG A 110 -4.76 1.39 -15.69
C ARG A 110 -3.95 1.29 -17.03
N ASP A 111 -2.95 2.16 -17.20
CA ASP A 111 -2.03 2.16 -18.37
C ASP A 111 -0.52 2.26 -17.88
N LYS A 112 0.40 1.73 -18.68
CA LYS A 112 1.86 2.10 -18.60
C LYS A 112 2.42 2.01 -20.05
N LYS A 113 2.34 3.14 -20.77
CA LYS A 113 2.02 3.12 -22.23
C LYS A 113 2.61 4.35 -22.97
N LYS A 114 2.74 4.25 -24.32
CA LYS A 114 3.02 5.43 -25.19
C LYS A 114 1.74 6.34 -25.33
N GLN A 115 1.51 7.10 -24.26
CA GLN A 115 0.19 7.70 -23.89
C GLN A 115 0.28 8.38 -22.46
N ARG A 116 0.77 7.63 -21.45
CA ARG A 116 0.44 7.84 -20.03
C ARG A 116 1.41 6.95 -19.18
N GLY A 117 2.03 7.60 -18.19
CA GLY A 117 2.77 6.93 -17.09
C GLY A 117 1.97 5.92 -16.25
N ARG A 118 1.14 6.41 -15.31
CA ARG A 118 0.02 5.61 -14.72
C ARG A 118 -0.95 6.57 -13.96
N MET A 1 19.37 12.40 10.50
CA MET A 1 20.30 12.93 11.55
C MET A 1 21.79 12.64 11.17
N ALA A 2 22.74 13.42 11.73
CA ALA A 2 24.18 13.11 11.63
C ALA A 2 24.57 11.85 12.47
N GLY A 3 24.82 10.73 11.78
CA GLY A 3 24.78 9.38 12.40
C GLY A 3 23.83 8.37 11.73
N SER A 4 22.60 8.77 11.41
CA SER A 4 21.59 7.88 10.76
C SER A 4 21.86 7.68 9.24
N GLY A 5 22.60 6.62 8.90
CA GLY A 5 22.96 6.32 7.49
C GLY A 5 21.88 5.58 6.67
N ILE A 6 20.82 6.29 6.31
CA ILE A 6 19.65 5.72 5.59
C ILE A 6 19.86 5.67 4.05
N ILE A 7 20.63 4.67 3.58
CA ILE A 7 20.88 4.45 2.13
C ILE A 7 19.73 3.60 1.50
N TYR A 8 18.61 4.28 1.21
CA TYR A 8 17.34 3.63 0.82
C TYR A 8 16.59 4.47 -0.26
N LYS A 9 15.80 3.79 -1.09
CA LYS A 9 14.93 4.44 -2.11
C LYS A 9 13.59 4.87 -1.43
N GLN A 10 13.59 6.10 -0.91
CA GLN A 10 12.61 6.53 0.12
C GLN A 10 11.28 7.13 -0.45
N PRO A 11 10.11 7.07 0.25
CA PRO A 11 8.79 7.43 -0.36
C PRO A 11 8.51 8.95 -0.46
N ILE A 12 8.99 9.55 -1.56
CA ILE A 12 8.72 10.98 -1.90
C ILE A 12 7.42 11.13 -2.73
N TYR A 13 6.27 11.02 -2.05
CA TYR A 13 4.93 11.00 -2.67
C TYR A 13 3.82 11.31 -1.61
N GLN A 14 2.92 12.24 -1.96
CA GLN A 14 1.95 12.83 -0.99
C GLN A 14 0.85 11.91 -0.41
N GLY A 15 0.25 11.02 -1.21
CA GLY A 15 -0.49 9.85 -0.65
C GLY A 15 0.44 8.72 -0.19
N ASN A 16 1.07 8.93 0.98
CA ASN A 16 2.28 8.16 1.38
C ASN A 16 2.12 6.65 1.71
N LEU A 17 0.92 6.22 2.14
CA LEU A 17 0.54 4.80 2.21
C LEU A 17 0.44 4.11 0.81
N ILE A 18 -0.71 4.17 0.13
CA ILE A 18 -0.95 3.42 -1.13
C ILE A 18 -1.03 4.44 -2.31
N LYS A 19 -0.01 4.40 -3.18
CA LYS A 19 0.09 5.28 -4.37
C LYS A 19 0.32 4.40 -5.63
N GLN A 20 -0.73 4.08 -6.41
CA GLN A 20 -0.57 3.34 -7.70
C GLN A 20 0.01 4.23 -8.87
N ASN A 21 1.28 4.55 -8.69
CA ASN A 21 2.14 5.29 -9.65
C ASN A 21 3.61 5.14 -9.13
N ALA A 22 3.94 5.73 -7.97
CA ALA A 22 5.20 5.41 -7.24
C ALA A 22 5.31 3.96 -6.69
N VAL A 23 4.27 3.36 -6.07
CA VAL A 23 4.26 1.89 -5.77
C VAL A 23 4.33 0.99 -7.05
N GLU A 24 3.56 1.28 -8.11
CA GLU A 24 3.71 0.58 -9.42
C GLU A 24 5.14 0.68 -10.09
N GLN A 25 5.82 1.81 -9.95
CA GLN A 25 7.23 2.00 -10.43
C GLN A 25 8.38 1.57 -9.48
N LEU A 26 8.25 1.59 -8.14
CA LEU A 26 9.41 1.65 -7.20
C LEU A 26 10.59 0.66 -7.32
N GLN A 27 10.33 -0.61 -7.69
CA GLN A 27 11.39 -1.65 -7.87
C GLN A 27 12.43 -1.80 -6.71
N VAL A 28 11.93 -2.12 -5.52
CA VAL A 28 12.75 -2.33 -4.30
C VAL A 28 12.59 -3.83 -3.87
N GLY A 29 13.71 -4.55 -3.75
CA GLY A 29 13.73 -5.96 -3.28
C GLY A 29 14.60 -6.16 -2.04
N GLN A 30 14.16 -5.64 -0.89
CA GLN A 30 14.95 -5.70 0.37
C GLN A 30 14.22 -6.44 1.52
N SER A 31 13.05 -5.97 1.98
CA SER A 31 12.45 -6.47 3.25
C SER A 31 10.90 -6.32 3.29
N LYS A 32 10.22 -7.41 3.67
CA LYS A 32 8.75 -7.45 3.86
C LYS A 32 8.15 -6.50 4.93
N GLN A 33 8.73 -6.48 6.13
CA GLN A 33 8.35 -5.53 7.20
C GLN A 33 8.59 -4.02 6.88
N GLN A 34 9.70 -3.67 6.23
CA GLN A 34 9.93 -2.29 5.73
C GLN A 34 8.91 -1.83 4.64
N VAL A 35 8.68 -2.60 3.56
CA VAL A 35 7.62 -2.28 2.57
C VAL A 35 6.16 -2.32 3.12
N SER A 36 5.79 -3.30 3.95
CA SER A 36 4.46 -3.32 4.64
C SER A 36 4.23 -2.16 5.66
N ALA A 37 5.21 -1.81 6.51
CA ALA A 37 5.13 -0.60 7.36
C ALA A 37 5.02 0.77 6.60
N LEU A 38 5.77 0.96 5.52
CA LEU A 38 5.62 2.14 4.61
C LEU A 38 4.27 2.20 3.81
N LEU A 39 3.83 1.09 3.20
CA LEU A 39 2.49 0.97 2.58
C LEU A 39 1.25 1.06 3.55
N GLY A 40 1.39 0.60 4.79
CA GLY A 40 0.35 0.72 5.85
C GLY A 40 -0.31 -0.59 6.25
N THR A 41 0.47 -1.52 6.82
CA THR A 41 0.04 -2.92 7.12
C THR A 41 1.13 -3.59 8.04
N PRO A 42 0.81 -4.51 8.99
CA PRO A 42 1.87 -5.32 9.70
C PRO A 42 2.65 -6.33 8.80
N SER A 43 3.63 -7.00 9.40
CA SER A 43 4.46 -8.03 8.72
C SER A 43 3.88 -9.47 8.86
N ILE A 44 4.73 -10.49 8.64
CA ILE A 44 4.30 -11.93 8.66
C ILE A 44 5.23 -12.67 9.68
N PRO A 45 4.86 -12.84 10.98
CA PRO A 45 5.77 -13.47 11.99
C PRO A 45 5.63 -15.00 12.14
N ASP A 46 6.12 -15.74 11.13
CA ASP A 46 6.28 -17.22 11.20
C ASP A 46 7.79 -17.62 11.09
N PRO A 47 8.43 -18.31 12.06
CA PRO A 47 9.74 -19.00 11.83
C PRO A 47 9.75 -20.30 10.98
N PHE A 48 8.60 -20.91 10.66
CA PHE A 48 8.53 -22.08 9.74
C PHE A 48 8.66 -21.65 8.25
N HIS A 49 7.64 -21.00 7.65
CA HIS A 49 7.80 -20.31 6.35
C HIS A 49 6.83 -19.09 6.28
N ALA A 50 7.35 -17.90 6.61
CA ALA A 50 6.63 -16.64 6.37
C ALA A 50 6.71 -16.20 4.88
N GLN A 51 5.59 -16.41 4.18
CA GLN A 51 5.52 -16.43 2.69
C GLN A 51 5.21 -15.02 2.08
N ARG A 52 4.63 -14.99 0.87
CA ARG A 52 3.95 -13.78 0.31
C ARG A 52 2.93 -13.09 1.26
N TRP A 53 2.68 -11.79 1.05
CA TRP A 53 1.52 -11.09 1.68
C TRP A 53 0.25 -11.30 0.82
N ASP A 54 -0.40 -12.45 0.97
CA ASP A 54 -1.70 -12.77 0.33
C ASP A 54 -2.92 -12.45 1.25
N TYR A 55 -3.06 -11.18 1.68
CA TYR A 55 -3.95 -10.81 2.81
C TYR A 55 -4.66 -9.44 2.55
N THR A 56 -5.94 -9.35 2.95
CA THR A 56 -6.73 -8.10 2.81
C THR A 56 -6.41 -7.11 3.98
N SER A 57 -5.52 -6.14 3.70
CA SER A 57 -5.39 -4.94 4.53
C SER A 57 -6.55 -3.93 4.30
N THR A 58 -6.87 -3.12 5.31
CA THR A 58 -7.98 -2.13 5.22
C THR A 58 -7.77 -0.92 6.16
N GLN A 59 -8.14 0.27 5.65
CA GLN A 59 -8.31 1.48 6.49
C GLN A 59 -9.84 1.78 6.57
N ARG A 60 -10.42 1.70 7.78
CA ARG A 60 -11.83 2.08 8.08
C ARG A 60 -12.97 1.54 7.18
N VAL A 61 -13.08 0.20 7.04
CA VAL A 61 -14.33 -0.49 6.55
C VAL A 61 -15.45 -0.52 7.65
N ASP A 62 -15.94 0.69 7.91
CA ASP A 62 -16.57 1.07 9.21
C ASP A 62 -17.92 1.81 8.99
N ARG A 63 -18.57 2.17 10.11
CA ARG A 63 -19.55 3.29 10.13
C ARG A 63 -18.95 4.73 9.92
N LEU A 64 -17.69 4.99 10.34
CA LEU A 64 -16.92 6.19 9.90
C LEU A 64 -16.52 6.08 8.39
N ALA A 65 -16.92 7.10 7.60
CA ALA A 65 -16.92 6.99 6.12
C ALA A 65 -15.55 7.26 5.42
N ARG A 66 -14.69 6.25 5.50
CA ARG A 66 -13.44 6.16 4.70
C ARG A 66 -13.15 4.65 4.43
N THR A 67 -13.93 4.00 3.56
CA THR A 67 -13.97 2.51 3.49
C THR A 67 -13.04 1.97 2.38
N GLU A 68 -11.79 1.64 2.76
CA GLU A 68 -10.74 1.27 1.79
C GLU A 68 -10.35 -0.23 1.94
N ILE A 69 -10.60 -0.99 0.87
CA ILE A 69 -10.25 -2.45 0.78
C ILE A 69 -8.91 -2.55 -0.02
N LYS A 70 -7.86 -3.09 0.60
CA LYS A 70 -6.47 -3.03 0.06
C LYS A 70 -5.80 -4.44 0.15
N ASN A 71 -6.15 -5.32 -0.79
CA ASN A 71 -5.55 -6.69 -0.89
C ASN A 71 -4.35 -6.76 -1.88
N PHE A 72 -3.23 -6.17 -1.46
CA PHE A 72 -1.97 -6.12 -2.25
C PHE A 72 -1.19 -7.47 -2.13
N THR A 73 -1.30 -8.32 -3.17
CA THR A 73 -0.66 -9.68 -3.14
C THR A 73 0.81 -9.57 -3.61
N VAL A 74 1.74 -9.52 -2.64
CA VAL A 74 3.18 -9.26 -2.90
C VAL A 74 4.04 -10.46 -2.44
N PHE A 75 4.92 -10.89 -3.35
CA PHE A 75 5.68 -12.15 -3.22
C PHE A 75 7.09 -11.89 -2.61
N PHE A 76 7.46 -12.75 -1.67
CA PHE A 76 8.77 -12.68 -0.97
C PHE A 76 9.45 -14.09 -1.03
N GLU A 77 10.78 -14.15 -1.14
CA GLU A 77 11.52 -15.46 -1.09
C GLU A 77 11.40 -16.17 0.30
N ASN A 78 11.95 -15.53 1.32
CA ASN A 78 11.31 -15.43 2.65
C ASN A 78 11.11 -13.93 2.99
N GLU A 79 12.17 -13.11 3.12
CA GLU A 79 12.07 -11.67 3.43
C GLU A 79 12.09 -10.69 2.20
N GLN A 80 12.97 -10.86 1.20
CA GLN A 80 13.19 -9.82 0.15
C GLN A 80 12.13 -9.84 -0.98
N VAL A 81 11.83 -8.67 -1.55
CA VAL A 81 10.60 -8.49 -2.38
C VAL A 81 10.85 -8.90 -3.87
N VAL A 82 9.93 -9.71 -4.40
CA VAL A 82 10.06 -10.33 -5.75
C VAL A 82 9.15 -9.55 -6.76
N ARG A 83 7.81 -9.62 -6.62
CA ARG A 83 6.83 -8.89 -7.49
C ARG A 83 5.43 -8.74 -6.79
N TRP A 84 4.60 -7.81 -7.28
CA TRP A 84 3.39 -7.34 -6.56
C TRP A 84 2.16 -7.11 -7.47
N GLU A 85 1.02 -7.67 -7.03
CA GLU A 85 -0.30 -7.51 -7.70
C GLU A 85 -1.19 -6.59 -6.82
N GLY A 86 -1.39 -5.35 -7.30
CA GLY A 86 -2.23 -4.36 -6.59
C GLY A 86 -3.72 -4.38 -6.96
N ASP A 87 -4.44 -5.35 -6.40
CA ASP A 87 -5.94 -5.34 -6.36
C ASP A 87 -6.37 -4.61 -5.04
N TYR A 88 -6.55 -3.29 -5.16
CA TYR A 88 -6.59 -2.37 -3.98
C TYR A 88 -7.30 -1.03 -4.29
N PHE A 89 -7.72 -0.30 -3.24
CA PHE A 89 -8.14 1.13 -3.36
C PHE A 89 -6.90 2.07 -3.60
N PRO A 90 -6.72 2.76 -4.77
CA PRO A 90 -5.52 3.60 -5.04
C PRO A 90 -5.63 5.02 -4.41
N SER A 91 -5.24 5.10 -3.15
CA SER A 91 -5.46 6.30 -2.29
C SER A 91 -4.41 7.43 -2.50
N GLN A 92 -4.41 7.98 -3.73
CA GLN A 92 -3.22 8.72 -4.26
C GLN A 92 -2.98 10.23 -3.86
N ASP A 93 -3.68 10.69 -2.82
CA ASP A 93 -3.45 12.00 -2.19
C ASP A 93 -4.15 11.97 -0.79
N GLU A 94 -3.35 11.87 0.28
CA GLU A 94 -3.84 12.06 1.66
C GLU A 94 -3.09 13.25 2.32
N GLN A 95 -3.61 14.46 2.07
CA GLN A 95 -3.02 15.72 2.60
C GLN A 95 -4.14 16.55 3.31
N LEU A 96 -4.46 16.14 4.55
CA LEU A 96 -5.55 16.77 5.35
C LEU A 96 -5.08 18.08 6.05
N ALA A 97 -5.13 19.18 5.29
CA ALA A 97 -4.52 20.47 5.71
C ALA A 97 -5.39 21.29 6.69
N LYS A 98 -5.20 21.01 7.99
CA LYS A 98 -5.97 21.64 9.09
C LYS A 98 -5.19 21.60 10.44
N ALA A 99 -5.65 22.37 11.43
CA ALA A 99 -4.97 22.52 12.73
C ALA A 99 -4.85 21.23 13.61
N ALA A 100 -3.86 21.28 14.51
CA ALA A 100 -3.62 20.22 15.51
C ALA A 100 -3.98 20.73 16.95
N PRO A 101 -5.16 20.38 17.56
CA PRO A 101 -5.60 20.99 18.86
C PRO A 101 -4.95 20.35 20.11
N LYS A 102 -3.69 20.74 20.37
CA LYS A 102 -2.89 20.21 21.50
C LYS A 102 -3.18 20.96 22.84
N GLN A 103 -4.26 20.55 23.53
CA GLN A 103 -4.70 21.20 24.79
C GLN A 103 -4.02 20.58 26.05
N PHE A 104 -2.75 20.96 26.27
CA PHE A 104 -2.04 20.67 27.53
C PHE A 104 -0.96 21.78 27.77
N GLY A 105 -1.39 22.86 28.42
CA GLY A 105 -0.49 23.69 29.27
C GLY A 105 -0.24 23.04 30.64
N ARG A 106 -1.25 23.08 31.52
CA ARG A 106 -1.38 22.08 32.61
C ARG A 106 -2.88 21.69 32.75
N ASN A 107 -3.36 20.83 31.83
CA ASN A 107 -4.81 20.50 31.70
C ASN A 107 -5.08 19.07 32.26
N LEU A 108 -5.23 18.97 33.59
CA LEU A 108 -5.39 17.67 34.29
C LEU A 108 -6.42 17.85 35.44
N ALA A 109 -7.65 17.35 35.23
CA ALA A 109 -8.66 17.23 36.29
C ALA A 109 -8.94 15.73 36.58
N ARG A 110 -8.88 15.40 37.86
CA ARG A 110 -9.27 14.05 38.38
C ARG A 110 -10.07 14.25 39.71
N ASP A 111 -11.34 14.66 39.57
CA ASP A 111 -12.03 15.45 40.60
C ASP A 111 -13.46 14.92 40.94
N LYS A 112 -13.86 15.17 42.19
CA LYS A 112 -15.31 15.19 42.59
C LYS A 112 -15.57 16.54 43.32
N LYS A 113 -15.62 17.63 42.54
CA LYS A 113 -15.41 19.01 43.07
C LYS A 113 -16.60 19.93 42.75
N LYS A 114 -17.39 20.29 43.79
CA LYS A 114 -18.28 21.47 43.72
C LYS A 114 -17.54 22.82 43.89
N GLN A 115 -16.68 22.98 44.93
CA GLN A 115 -15.95 24.25 45.20
C GLN A 115 -14.61 23.93 45.90
N ARG A 116 -14.60 23.82 47.23
CA ARG A 116 -13.41 23.41 48.01
C ARG A 116 -13.91 22.69 49.30
N GLY A 117 -13.73 21.36 49.33
CA GLY A 117 -13.57 20.63 50.60
C GLY A 117 -12.19 20.86 51.27
N ARG A 118 -12.19 20.69 52.59
CA ARG A 118 -11.09 21.14 53.47
C ARG A 118 -9.64 20.69 53.11
N MET A 1 16.72 15.24 -7.73
CA MET A 1 17.65 14.09 -7.93
C MET A 1 19.00 14.54 -8.59
N ALA A 2 19.96 13.61 -8.74
CA ALA A 2 21.18 13.84 -9.56
C ALA A 2 20.85 13.81 -11.08
N GLY A 3 21.14 14.91 -11.78
CA GLY A 3 20.68 15.12 -13.18
C GLY A 3 19.36 15.91 -13.28
N SER A 4 18.24 15.25 -12.95
CA SER A 4 16.93 15.94 -12.80
C SER A 4 16.83 16.68 -11.44
N GLY A 5 17.08 18.00 -11.46
CA GLY A 5 17.34 18.80 -10.23
C GLY A 5 16.24 18.86 -9.16
N ILE A 6 15.22 19.69 -9.37
CA ILE A 6 14.14 19.92 -8.34
C ILE A 6 13.00 18.86 -8.33
N ILE A 7 13.40 17.62 -8.03
CA ILE A 7 12.50 16.48 -7.75
C ILE A 7 13.11 15.68 -6.57
N TYR A 8 12.54 15.87 -5.39
CA TYR A 8 12.82 15.07 -4.17
C TYR A 8 11.84 13.87 -4.05
N LYS A 9 12.35 12.72 -3.58
CA LYS A 9 11.55 11.47 -3.41
C LYS A 9 12.07 10.67 -2.18
N GLN A 10 11.49 10.94 -1.00
CA GLN A 10 11.86 10.24 0.26
C GLN A 10 10.92 9.03 0.61
N PRO A 11 11.30 8.04 1.47
CA PRO A 11 10.37 6.94 1.91
C PRO A 11 9.26 7.28 2.96
N ILE A 12 8.64 8.44 2.76
CA ILE A 12 7.40 8.90 3.47
C ILE A 12 6.84 10.09 2.64
N TYR A 13 6.18 9.77 1.52
CA TYR A 13 5.93 10.74 0.42
C TYR A 13 4.75 10.26 -0.47
N GLN A 14 3.84 11.21 -0.75
CA GLN A 14 2.69 11.00 -1.68
C GLN A 14 3.02 10.55 -3.13
N GLY A 15 4.03 11.14 -3.79
CA GLY A 15 4.59 10.60 -5.06
C GLY A 15 5.68 9.52 -4.92
N ASN A 16 5.37 8.45 -4.17
CA ASN A 16 6.28 7.30 -3.91
C ASN A 16 5.50 6.07 -3.32
N LEU A 17 4.65 6.27 -2.29
CA LEU A 17 4.06 5.14 -1.52
C LEU A 17 2.81 4.53 -2.21
N ILE A 18 1.60 5.10 -2.09
CA ILE A 18 0.35 4.50 -2.65
C ILE A 18 -0.17 5.35 -3.84
N LYS A 19 0.33 5.06 -5.03
CA LYS A 19 -0.26 5.53 -6.31
C LYS A 19 -0.07 4.31 -7.30
N GLN A 20 -1.02 4.05 -8.21
CA GLN A 20 -0.99 2.81 -9.06
C GLN A 20 0.32 2.50 -9.87
N ASN A 21 1.02 3.52 -10.41
CA ASN A 21 2.44 3.37 -10.86
C ASN A 21 3.53 3.79 -9.81
N ALA A 22 3.26 4.60 -8.76
CA ALA A 22 4.23 4.76 -7.64
C ALA A 22 4.51 3.50 -6.76
N VAL A 23 3.53 2.60 -6.57
CA VAL A 23 3.80 1.22 -6.05
C VAL A 23 4.76 0.37 -6.97
N GLU A 24 4.70 0.50 -8.31
CA GLU A 24 5.83 0.08 -9.19
C GLU A 24 7.14 0.90 -8.98
N GLN A 25 7.09 2.24 -9.10
CA GLN A 25 8.29 3.11 -9.09
C GLN A 25 8.99 3.36 -7.71
N LEU A 26 8.43 2.95 -6.57
CA LEU A 26 9.25 2.56 -5.38
C LEU A 26 10.33 1.47 -5.62
N GLN A 27 10.02 0.44 -6.42
CA GLN A 27 10.98 -0.57 -6.94
C GLN A 27 11.94 -1.24 -5.91
N VAL A 28 11.34 -1.77 -4.83
CA VAL A 28 12.07 -2.29 -3.64
C VAL A 28 12.17 -3.85 -3.75
N GLY A 29 13.39 -4.38 -3.55
CA GLY A 29 13.60 -5.84 -3.41
C GLY A 29 14.47 -6.20 -2.17
N GLN A 30 13.93 -5.93 -0.97
CA GLN A 30 14.76 -5.89 0.27
C GLN A 30 14.05 -6.51 1.52
N SER A 31 12.90 -5.98 1.95
CA SER A 31 12.31 -6.30 3.27
C SER A 31 10.76 -6.22 3.27
N LYS A 32 10.12 -7.27 3.80
CA LYS A 32 8.64 -7.38 3.90
C LYS A 32 7.93 -6.37 4.82
N GLN A 33 8.42 -6.18 6.06
CA GLN A 33 7.92 -5.11 6.96
C GLN A 33 8.19 -3.65 6.51
N GLN A 34 9.38 -3.34 5.97
CA GLN A 34 9.69 -2.01 5.40
C GLN A 34 8.77 -1.58 4.21
N VAL A 35 8.60 -2.43 3.18
CA VAL A 35 7.58 -2.17 2.11
C VAL A 35 6.10 -2.12 2.60
N SER A 36 5.68 -3.04 3.50
CA SER A 36 4.34 -2.98 4.14
C SER A 36 4.07 -1.77 5.07
N ALA A 37 5.03 -1.34 5.90
CA ALA A 37 4.96 -0.06 6.64
C ALA A 37 4.91 1.24 5.77
N LEU A 38 5.69 1.32 4.68
CA LEU A 38 5.54 2.36 3.63
C LEU A 38 4.14 2.36 2.91
N LEU A 39 3.73 1.22 2.36
CA LEU A 39 2.38 1.06 1.76
C LEU A 39 1.13 1.10 2.72
N GLY A 40 1.34 0.95 4.02
CA GLY A 40 0.34 1.22 5.07
C GLY A 40 -0.36 -0.02 5.62
N THR A 41 0.40 -0.93 6.23
CA THR A 41 -0.07 -2.32 6.52
C THR A 41 0.91 -3.01 7.54
N PRO A 42 0.47 -3.78 8.57
CA PRO A 42 1.36 -4.75 9.27
C PRO A 42 1.61 -6.05 8.43
N SER A 43 2.87 -6.49 8.38
CA SER A 43 3.28 -7.66 7.55
C SER A 43 2.90 -9.04 8.21
N ILE A 44 3.82 -10.02 8.24
CA ILE A 44 3.57 -11.34 8.90
C ILE A 44 4.72 -11.53 9.94
N PRO A 45 4.57 -11.20 11.25
CA PRO A 45 5.65 -11.43 12.27
C PRO A 45 5.66 -12.86 12.88
N ASP A 46 5.98 -13.84 12.04
CA ASP A 46 6.05 -15.27 12.43
C ASP A 46 7.54 -15.77 12.40
N PRO A 47 8.14 -16.28 13.50
CA PRO A 47 9.41 -17.07 13.43
C PRO A 47 9.34 -18.51 12.84
N PHE A 48 8.14 -19.09 12.60
CA PHE A 48 8.00 -20.41 11.92
C PHE A 48 8.16 -20.27 10.38
N HIS A 49 7.21 -19.66 9.64
CA HIS A 49 7.33 -19.49 8.17
C HIS A 49 6.53 -18.24 7.68
N ALA A 50 7.14 -17.05 7.81
CA ALA A 50 6.51 -15.78 7.39
C ALA A 50 6.64 -15.47 5.86
N GLN A 51 5.54 -15.69 5.13
CA GLN A 51 5.56 -15.79 3.64
C GLN A 51 5.06 -14.49 2.92
N ARG A 52 4.64 -14.61 1.64
CA ARG A 52 3.83 -13.60 0.91
C ARG A 52 2.69 -12.86 1.68
N TRP A 53 2.45 -11.60 1.33
CA TRP A 53 1.24 -10.84 1.81
C TRP A 53 0.14 -11.00 0.74
N ASP A 54 -0.74 -11.98 0.93
CA ASP A 54 -1.89 -12.25 0.02
C ASP A 54 -3.30 -11.99 0.65
N TYR A 55 -3.45 -10.84 1.33
CA TYR A 55 -4.62 -10.57 2.21
C TYR A 55 -5.38 -9.29 1.79
N THR A 56 -6.43 -9.51 0.98
CA THR A 56 -7.39 -8.46 0.52
C THR A 56 -8.26 -7.95 1.71
N SER A 57 -7.90 -6.77 2.23
CA SER A 57 -8.20 -6.40 3.64
C SER A 57 -8.45 -4.88 3.85
N THR A 58 -9.14 -4.52 4.94
CA THR A 58 -9.36 -3.09 5.32
C THR A 58 -8.75 -2.74 6.72
N GLN A 59 -8.92 -1.48 7.13
CA GLN A 59 -8.15 -0.85 8.24
C GLN A 59 -8.87 0.46 8.69
N ARG A 60 -9.16 0.56 10.01
CA ARG A 60 -9.62 1.80 10.69
C ARG A 60 -10.70 2.66 9.94
N VAL A 61 -11.97 2.26 9.97
CA VAL A 61 -13.06 2.92 9.17
C VAL A 61 -13.33 4.43 9.47
N ASP A 62 -13.37 4.84 10.75
CA ASP A 62 -13.23 6.28 11.12
C ASP A 62 -11.73 6.74 11.03
N ARG A 63 -11.51 8.06 10.98
CA ARG A 63 -10.15 8.64 10.73
C ARG A 63 -9.18 8.59 11.95
N LEU A 64 -8.84 7.38 12.40
CA LEU A 64 -8.21 7.16 13.74
C LEU A 64 -6.66 7.30 13.70
N ALA A 65 -5.97 6.46 12.92
CA ALA A 65 -4.51 6.57 12.67
C ALA A 65 -4.17 6.55 11.15
N ARG A 66 -4.51 5.46 10.44
CA ARG A 66 -4.39 5.39 8.96
C ARG A 66 -5.52 4.44 8.45
N THR A 67 -6.63 5.05 8.01
CA THR A 67 -7.69 4.35 7.23
C THR A 67 -7.17 3.87 5.84
N GLU A 68 -7.31 2.57 5.55
CA GLU A 68 -6.61 1.94 4.40
C GLU A 68 -7.36 0.68 3.90
N ILE A 69 -7.87 0.70 2.66
CA ILE A 69 -8.29 -0.54 1.94
C ILE A 69 -7.04 -1.07 1.14
N LYS A 70 -6.65 -2.32 1.40
CA LYS A 70 -5.38 -2.90 0.92
C LYS A 70 -5.72 -4.18 0.08
N ASN A 71 -6.10 -4.00 -1.18
CA ASN A 71 -6.51 -5.13 -2.07
C ASN A 71 -5.27 -5.67 -2.87
N PHE A 72 -4.33 -6.33 -2.16
CA PHE A 72 -2.92 -6.40 -2.60
C PHE A 72 -2.30 -7.80 -2.34
N THR A 73 -1.71 -8.40 -3.39
CA THR A 73 -0.95 -9.68 -3.27
C THR A 73 0.53 -9.42 -3.68
N VAL A 74 1.45 -9.59 -2.74
CA VAL A 74 2.91 -9.40 -2.97
C VAL A 74 3.71 -10.60 -2.40
N PHE A 75 4.63 -11.12 -3.21
CA PHE A 75 5.42 -12.33 -2.88
C PHE A 75 6.82 -11.99 -2.29
N PHE A 76 7.24 -12.81 -1.32
CA PHE A 76 8.54 -12.66 -0.63
C PHE A 76 9.29 -14.03 -0.61
N GLU A 77 10.61 -14.02 -0.83
CA GLU A 77 11.45 -15.26 -0.76
C GLU A 77 11.78 -15.61 0.72
N ASN A 78 12.64 -14.81 1.37
CA ASN A 78 12.95 -14.92 2.82
C ASN A 78 12.32 -13.68 3.52
N GLU A 79 12.88 -12.48 3.32
CA GLU A 79 12.05 -11.25 3.19
C GLU A 79 12.37 -10.29 2.00
N GLN A 80 13.19 -10.68 1.01
CA GLN A 80 13.37 -9.88 -0.23
C GLN A 80 12.15 -9.97 -1.17
N VAL A 81 11.75 -8.82 -1.74
CA VAL A 81 10.46 -8.69 -2.47
C VAL A 81 10.59 -9.24 -3.93
N VAL A 82 9.69 -10.15 -4.29
CA VAL A 82 9.76 -10.92 -5.56
C VAL A 82 8.89 -10.22 -6.64
N ARG A 83 7.55 -10.19 -6.49
CA ARG A 83 6.63 -9.53 -7.44
C ARG A 83 5.26 -9.18 -6.78
N TRP A 84 4.62 -8.11 -7.24
CA TRP A 84 3.36 -7.59 -6.67
C TRP A 84 2.24 -7.30 -7.72
N GLU A 85 0.98 -7.47 -7.31
CA GLU A 85 -0.19 -6.85 -7.99
C GLU A 85 -1.29 -6.42 -6.97
N GLY A 86 -2.02 -5.35 -7.32
CA GLY A 86 -3.27 -5.00 -6.61
C GLY A 86 -3.85 -3.59 -6.86
N ASP A 87 -5.01 -3.40 -6.25
CA ASP A 87 -5.67 -2.08 -6.09
C ASP A 87 -5.64 -1.63 -4.59
N TYR A 88 -5.98 -0.37 -4.31
CA TYR A 88 -5.69 0.24 -2.98
C TYR A 88 -6.53 1.53 -2.70
N PHE A 89 -6.48 1.98 -1.44
CA PHE A 89 -7.06 3.26 -0.96
C PHE A 89 -6.80 4.53 -1.84
N PRO A 90 -7.77 5.46 -2.08
CA PRO A 90 -7.51 6.77 -2.78
C PRO A 90 -6.72 7.78 -1.91
N SER A 91 -5.40 7.60 -1.96
CA SER A 91 -4.45 8.21 -0.99
C SER A 91 -3.89 9.54 -1.54
N GLN A 92 -4.67 10.59 -1.31
CA GLN A 92 -4.21 12.00 -1.47
C GLN A 92 -3.38 12.60 -0.27
N ASP A 93 -2.47 11.78 0.27
CA ASP A 93 -1.46 12.13 1.29
C ASP A 93 -0.77 10.78 1.72
N GLU A 94 0.55 10.72 1.49
CA GLU A 94 1.47 9.89 2.31
C GLU A 94 2.74 10.65 2.87
N GLN A 95 2.79 11.99 2.81
CA GLN A 95 3.81 12.79 3.55
C GLN A 95 3.21 13.23 4.92
N LEU A 96 3.01 12.25 5.82
CA LEU A 96 1.64 12.03 6.37
C LEU A 96 1.20 13.03 7.47
N ALA A 97 0.04 13.67 7.25
CA ALA A 97 -0.69 14.42 8.30
C ALA A 97 -1.28 13.47 9.38
N LYS A 98 -0.78 13.60 10.61
CA LYS A 98 -0.94 12.53 11.64
C LYS A 98 -2.29 12.65 12.41
N ALA A 99 -3.18 11.67 12.20
CA ALA A 99 -4.53 11.69 12.77
C ALA A 99 -4.58 11.38 14.30
N ALA A 100 -5.22 12.28 15.05
CA ALA A 100 -5.41 12.12 16.51
C ALA A 100 -6.60 11.17 16.83
N PRO A 101 -6.44 10.01 17.53
CA PRO A 101 -7.48 8.91 17.49
C PRO A 101 -8.75 9.20 18.31
N LYS A 102 -9.81 9.60 17.59
CA LYS A 102 -11.15 9.86 18.17
C LYS A 102 -11.94 8.53 18.49
N GLN A 103 -11.57 7.92 19.62
CA GLN A 103 -12.14 6.63 20.07
C GLN A 103 -12.32 6.59 21.62
N PHE A 104 -13.26 7.41 22.13
CA PHE A 104 -13.42 7.66 23.59
C PHE A 104 -14.87 8.13 23.93
N GLY A 105 -15.85 7.24 23.70
CA GLY A 105 -17.29 7.55 23.96
C GLY A 105 -17.74 7.39 25.41
N ARG A 106 -17.38 8.35 26.28
CA ARG A 106 -17.67 8.29 27.73
C ARG A 106 -19.12 8.75 28.08
N ASN A 107 -20.07 7.84 27.84
CA ASN A 107 -21.53 8.12 27.99
C ASN A 107 -22.03 7.62 29.39
N LEU A 108 -21.95 8.50 30.39
CA LEU A 108 -22.36 8.19 31.79
C LEU A 108 -22.74 9.52 32.50
N ALA A 109 -24.04 9.74 32.75
CA ALA A 109 -24.52 10.94 33.47
C ALA A 109 -24.32 10.92 35.02
N ARG A 110 -24.82 9.90 35.71
CA ARG A 110 -24.59 9.71 37.17
C ARG A 110 -24.34 8.21 37.53
N ASP A 111 -23.81 7.98 38.74
CA ASP A 111 -23.48 6.63 39.23
C ASP A 111 -24.69 5.73 39.65
N LYS A 112 -24.39 4.44 39.84
CA LYS A 112 -25.16 3.60 40.82
C LYS A 112 -24.16 2.87 41.78
N LYS A 113 -23.44 3.65 42.60
CA LYS A 113 -22.54 3.11 43.68
C LYS A 113 -22.37 4.22 44.75
N LYS A 114 -23.41 4.42 45.59
CA LYS A 114 -23.47 5.61 46.49
C LYS A 114 -22.75 5.40 47.87
N GLN A 115 -21.42 5.29 47.79
CA GLN A 115 -20.50 5.52 48.92
C GLN A 115 -19.66 6.81 48.66
N ARG A 116 -20.35 7.97 48.53
CA ARG A 116 -19.82 9.20 47.91
C ARG A 116 -20.97 10.26 47.89
N GLY A 117 -20.84 11.31 48.72
CA GLY A 117 -21.91 12.30 48.98
C GLY A 117 -22.65 12.95 47.80
N ARG A 118 -21.95 13.77 47.02
CA ARG A 118 -22.52 14.45 45.82
C ARG A 118 -22.23 13.62 44.54
N MET A 1 14.25 1.34 -6.68
CA MET A 1 14.69 2.25 -7.78
C MET A 1 13.43 2.99 -8.34
N ALA A 2 13.15 4.20 -7.83
CA ALA A 2 11.85 4.87 -8.05
C ALA A 2 11.75 5.62 -9.41
N GLY A 3 11.22 4.95 -10.42
CA GLY A 3 11.18 5.48 -11.80
C GLY A 3 12.46 5.34 -12.61
N SER A 4 12.81 4.10 -13.01
CA SER A 4 13.99 3.84 -13.88
C SER A 4 13.65 4.14 -15.37
N GLY A 5 13.94 5.38 -15.80
CA GLY A 5 13.34 5.93 -17.04
C GLY A 5 12.07 6.77 -16.80
N ILE A 6 10.99 6.12 -16.32
CA ILE A 6 9.71 6.79 -15.98
C ILE A 6 9.75 7.62 -14.65
N ILE A 7 10.42 8.77 -14.70
CA ILE A 7 10.63 9.65 -13.50
C ILE A 7 9.53 10.74 -13.35
N TYR A 8 8.33 10.27 -13.01
CA TYR A 8 7.14 11.12 -12.72
C TYR A 8 6.35 10.45 -11.55
N LYS A 9 6.01 11.18 -10.49
CA LYS A 9 5.14 10.65 -9.40
C LYS A 9 4.18 11.80 -8.93
N GLN A 10 2.87 11.50 -8.86
CA GLN A 10 1.82 12.53 -8.64
C GLN A 10 1.64 12.87 -7.11
N PRO A 11 1.92 14.09 -6.57
CA PRO A 11 1.93 14.33 -5.08
C PRO A 11 0.58 14.73 -4.45
N ILE A 12 -0.37 13.79 -4.47
CA ILE A 12 -1.77 14.00 -3.98
C ILE A 12 -2.46 12.61 -3.81
N TYR A 13 -2.86 12.27 -2.58
CA TYR A 13 -3.82 11.16 -2.31
C TYR A 13 -4.51 11.36 -0.93
N GLN A 14 -5.83 11.64 -0.96
CA GLN A 14 -6.69 11.77 0.25
C GLN A 14 -7.52 10.52 0.71
N GLY A 15 -7.24 9.35 0.14
CA GLY A 15 -7.86 8.07 0.58
C GLY A 15 -7.27 7.46 1.85
N ASN A 16 -6.05 6.95 1.74
CA ASN A 16 -5.43 6.05 2.73
C ASN A 16 -3.88 6.21 2.74
N LEU A 17 -3.16 5.42 1.95
CA LEU A 17 -1.70 5.44 1.80
C LEU A 17 -1.29 5.03 0.33
N ILE A 18 -1.86 3.96 -0.22
CA ILE A 18 -1.60 3.42 -1.60
C ILE A 18 -1.44 4.47 -2.73
N LYS A 19 -0.55 4.16 -3.69
CA LYS A 19 -0.56 4.84 -5.01
C LYS A 19 -0.36 3.78 -6.14
N GLN A 20 -1.43 3.45 -6.89
CA GLN A 20 -1.37 2.45 -8.00
C GLN A 20 -0.69 2.99 -9.32
N ASN A 21 0.55 3.45 -9.16
CA ASN A 21 1.43 4.03 -10.21
C ASN A 21 2.85 4.34 -9.61
N ALA A 22 2.96 4.97 -8.42
CA ALA A 22 4.21 4.96 -7.62
C ALA A 22 4.58 3.62 -6.91
N VAL A 23 3.63 2.83 -6.37
CA VAL A 23 3.89 1.41 -5.95
C VAL A 23 4.29 0.47 -7.13
N GLU A 24 3.59 0.53 -8.28
CA GLU A 24 4.11 0.01 -9.59
C GLU A 24 5.61 0.34 -9.92
N GLN A 25 5.99 1.62 -9.80
CA GLN A 25 7.34 2.11 -10.23
C GLN A 25 8.44 2.23 -9.12
N LEU A 26 8.16 1.92 -7.83
CA LEU A 26 9.21 1.94 -6.76
C LEU A 26 10.40 0.96 -6.87
N GLN A 27 10.21 -0.24 -7.45
CA GLN A 27 11.27 -1.27 -7.67
C GLN A 27 12.27 -1.53 -6.51
N VAL A 28 11.73 -1.91 -5.34
CA VAL A 28 12.51 -2.22 -4.12
C VAL A 28 12.45 -3.76 -3.89
N GLY A 29 13.62 -4.42 -3.82
CA GLY A 29 13.72 -5.85 -3.43
C GLY A 29 14.58 -6.05 -2.19
N GLN A 30 14.05 -5.66 -1.02
CA GLN A 30 14.84 -5.55 0.24
C GLN A 30 14.19 -6.31 1.44
N SER A 31 12.94 -6.01 1.81
CA SER A 31 12.31 -6.60 3.02
C SER A 31 10.76 -6.46 3.02
N LYS A 32 10.08 -7.47 3.58
CA LYS A 32 8.62 -7.40 3.86
C LYS A 32 8.21 -6.43 4.98
N GLN A 33 8.90 -6.47 6.14
CA GLN A 33 8.66 -5.52 7.24
C GLN A 33 8.87 -4.01 6.95
N GLN A 34 9.77 -3.63 6.03
CA GLN A 34 9.86 -2.23 5.53
C GLN A 34 8.67 -1.82 4.60
N VAL A 35 8.38 -2.57 3.52
CA VAL A 35 7.21 -2.27 2.64
C VAL A 35 5.81 -2.42 3.30
N SER A 36 5.59 -3.44 4.15
CA SER A 36 4.34 -3.58 4.94
C SER A 36 4.16 -2.53 6.08
N ALA A 37 5.21 -2.13 6.82
CA ALA A 37 5.13 -0.95 7.73
C ALA A 37 4.83 0.42 7.06
N LEU A 38 5.45 0.73 5.91
CA LEU A 38 5.12 1.95 5.11
C LEU A 38 3.68 1.95 4.50
N LEU A 39 3.25 0.87 3.85
CA LEU A 39 1.85 0.69 3.39
C LEU A 39 0.73 0.53 4.49
N GLY A 40 1.09 0.03 5.67
CA GLY A 40 0.20 -0.03 6.85
C GLY A 40 -0.39 -1.43 7.12
N THR A 41 0.45 -2.37 7.54
CA THR A 41 0.10 -3.82 7.67
C THR A 41 1.27 -4.54 8.46
N PRO A 42 1.04 -5.58 9.29
CA PRO A 42 2.16 -6.38 9.90
C PRO A 42 2.99 -7.24 8.90
N SER A 43 4.00 -7.93 9.44
CA SER A 43 4.92 -8.81 8.69
C SER A 43 4.71 -10.33 9.01
N ILE A 44 5.51 -11.14 8.32
CA ILE A 44 5.53 -12.64 8.50
C ILE A 44 6.98 -13.01 8.99
N PRO A 45 7.27 -13.14 10.31
CA PRO A 45 8.65 -13.44 10.81
C PRO A 45 8.95 -14.96 11.03
N ASP A 46 9.10 -15.69 9.93
CA ASP A 46 9.56 -17.11 9.95
C ASP A 46 10.96 -17.23 9.27
N PRO A 47 12.02 -17.80 9.91
CA PRO A 47 13.25 -18.27 9.18
C PRO A 47 13.14 -19.58 8.32
N PHE A 48 12.06 -20.38 8.44
CA PHE A 48 11.87 -21.61 7.62
C PHE A 48 11.33 -21.27 6.21
N HIS A 49 10.05 -20.86 6.05
CA HIS A 49 9.55 -20.28 4.78
C HIS A 49 8.43 -19.24 5.08
N ALA A 50 8.84 -17.98 5.26
CA ALA A 50 7.91 -16.84 5.34
C ALA A 50 7.39 -16.41 3.95
N GLN A 51 6.11 -16.72 3.70
CA GLN A 51 5.50 -16.66 2.35
C GLN A 51 5.22 -15.21 1.82
N ARG A 52 4.56 -15.12 0.66
CA ARG A 52 3.93 -13.86 0.18
C ARG A 52 2.93 -13.20 1.19
N TRP A 53 2.70 -11.89 1.02
CA TRP A 53 1.53 -11.22 1.64
C TRP A 53 0.33 -11.36 0.67
N ASP A 54 -0.52 -12.37 0.88
CA ASP A 54 -1.75 -12.61 0.10
C ASP A 54 -3.05 -12.24 0.88
N TYR A 55 -3.19 -10.96 1.28
CA TYR A 55 -4.19 -10.55 2.32
C TYR A 55 -4.83 -9.17 2.00
N THR A 56 -6.16 -9.07 2.23
CA THR A 56 -6.91 -7.79 2.11
C THR A 56 -6.73 -6.93 3.39
N SER A 57 -5.73 -6.03 3.38
CA SER A 57 -5.61 -5.00 4.43
C SER A 57 -6.61 -3.83 4.23
N THR A 58 -7.20 -3.32 5.32
CA THR A 58 -8.27 -2.30 5.23
C THR A 58 -8.29 -1.39 6.50
N GLN A 59 -8.40 -0.08 6.28
CA GLN A 59 -8.51 0.93 7.38
C GLN A 59 -9.92 1.58 7.34
N ARG A 60 -10.77 1.22 8.32
CA ARG A 60 -12.23 1.52 8.27
C ARG A 60 -12.65 2.22 9.58
N VAL A 61 -12.72 3.56 9.57
CA VAL A 61 -12.91 4.38 10.79
C VAL A 61 -14.37 4.47 11.32
N ASP A 62 -15.31 4.96 10.48
CA ASP A 62 -16.68 5.34 10.93
C ASP A 62 -17.73 5.02 9.80
N ARG A 63 -19.01 5.27 10.09
CA ARG A 63 -20.12 5.20 9.08
C ARG A 63 -20.16 6.46 8.13
N LEU A 64 -19.07 6.63 7.37
CA LEU A 64 -18.79 7.81 6.54
C LEU A 64 -18.16 7.37 5.17
N ALA A 65 -17.99 8.31 4.23
CA ALA A 65 -17.22 8.06 2.98
C ALA A 65 -15.65 8.04 3.13
N ARG A 66 -15.16 7.22 4.06
CA ARG A 66 -13.71 6.90 4.20
C ARG A 66 -13.52 5.49 4.85
N THR A 67 -13.91 4.44 4.12
CA THR A 67 -13.81 3.04 4.60
C THR A 67 -13.02 2.21 3.55
N GLU A 68 -11.73 2.01 3.77
CA GLU A 68 -10.74 1.96 2.67
C GLU A 68 -10.20 0.54 2.43
N ILE A 69 -10.44 0.02 1.23
CA ILE A 69 -9.94 -1.31 0.78
C ILE A 69 -8.47 -1.14 0.23
N LYS A 70 -7.54 -1.98 0.69
CA LYS A 70 -6.15 -2.00 0.15
C LYS A 70 -5.56 -3.44 0.16
N ASN A 71 -5.95 -4.22 -0.85
CA ASN A 71 -5.45 -5.58 -1.11
C ASN A 71 -4.23 -5.56 -2.09
N PHE A 72 -3.15 -6.19 -1.64
CA PHE A 72 -1.86 -6.21 -2.34
C PHE A 72 -1.25 -7.63 -2.24
N THR A 73 -1.19 -8.39 -3.35
CA THR A 73 -0.57 -9.75 -3.35
C THR A 73 0.92 -9.63 -3.75
N VAL A 74 1.81 -9.59 -2.74
CA VAL A 74 3.26 -9.28 -2.94
C VAL A 74 4.14 -10.46 -2.45
N PHE A 75 5.10 -10.85 -3.29
CA PHE A 75 5.81 -12.14 -3.21
C PHE A 75 7.24 -11.96 -2.63
N PHE A 76 7.56 -12.78 -1.62
CA PHE A 76 8.84 -12.72 -0.88
C PHE A 76 9.51 -14.13 -0.92
N GLU A 77 10.84 -14.22 -1.09
CA GLU A 77 11.55 -15.55 -1.10
C GLU A 77 11.56 -16.24 0.31
N ASN A 78 12.25 -15.61 1.24
CA ASN A 78 11.88 -15.62 2.68
C ASN A 78 11.72 -14.16 3.26
N GLU A 79 12.47 -13.14 2.80
CA GLU A 79 12.29 -11.73 3.23
C GLU A 79 12.35 -10.70 2.06
N GLN A 80 13.28 -10.79 1.09
CA GLN A 80 13.40 -9.75 0.02
C GLN A 80 12.30 -9.85 -1.07
N VAL A 81 11.94 -8.70 -1.66
CA VAL A 81 10.71 -8.60 -2.49
C VAL A 81 11.00 -8.98 -3.98
N VAL A 82 10.22 -9.92 -4.51
CA VAL A 82 10.36 -10.38 -5.93
C VAL A 82 9.41 -9.57 -6.87
N ARG A 83 8.08 -9.70 -6.72
CA ARG A 83 7.08 -9.03 -7.59
C ARG A 83 5.70 -8.87 -6.86
N TRP A 84 4.80 -8.08 -7.44
CA TRP A 84 3.56 -7.63 -6.74
C TRP A 84 2.35 -7.35 -7.67
N GLU A 85 1.18 -7.77 -7.17
CA GLU A 85 -0.11 -7.60 -7.87
C GLU A 85 -1.01 -6.68 -6.98
N GLY A 86 -1.18 -5.43 -7.44
CA GLY A 86 -1.90 -4.39 -6.68
C GLY A 86 -3.07 -3.76 -7.45
N ASP A 87 -4.29 -4.15 -7.08
CA ASP A 87 -5.53 -3.45 -7.53
C ASP A 87 -6.45 -3.29 -6.29
N TYR A 88 -6.54 -2.06 -5.78
CA TYR A 88 -6.68 -1.83 -4.32
C TYR A 88 -8.12 -1.35 -3.95
N PHE A 89 -8.50 -0.14 -4.40
CA PHE A 89 -9.90 0.36 -4.33
C PHE A 89 -10.19 0.96 -5.75
N PRO A 90 -10.57 0.18 -6.81
CA PRO A 90 -10.51 0.69 -8.23
C PRO A 90 -11.68 1.60 -8.75
N SER A 91 -12.10 2.52 -7.88
CA SER A 91 -12.90 3.71 -8.26
C SER A 91 -12.80 4.82 -7.15
N GLN A 92 -11.57 5.26 -6.82
CA GLN A 92 -11.34 6.13 -5.64
C GLN A 92 -10.16 7.14 -5.90
N ASP A 93 -10.52 8.33 -6.40
CA ASP A 93 -9.85 9.59 -6.00
C ASP A 93 -10.90 10.74 -6.16
N GLU A 94 -11.29 11.35 -5.04
CA GLU A 94 -12.39 12.35 -4.98
C GLU A 94 -11.92 13.77 -5.47
N GLN A 95 -11.69 13.85 -6.78
CA GLN A 95 -10.92 14.96 -7.40
C GLN A 95 -11.62 15.34 -8.75
N LEU A 96 -12.59 16.27 -8.63
CA LEU A 96 -13.33 16.83 -9.81
C LEU A 96 -12.38 17.62 -10.76
N ALA A 97 -12.29 17.18 -12.02
CA ALA A 97 -11.22 17.57 -12.97
C ALA A 97 -9.77 17.25 -12.47
N LYS A 98 -9.43 15.95 -12.48
CA LYS A 98 -8.41 15.34 -11.58
C LYS A 98 -7.05 16.07 -11.40
N ALA A 99 -6.53 16.14 -10.17
CA ALA A 99 -5.22 16.78 -9.88
C ALA A 99 -4.00 15.90 -10.30
N ALA A 100 -3.50 16.20 -11.50
CA ALA A 100 -2.42 15.44 -12.19
C ALA A 100 -1.61 16.38 -13.16
N PRO A 101 -0.38 16.05 -13.61
CA PRO A 101 0.38 16.88 -14.61
C PRO A 101 -0.15 16.75 -16.06
N LYS A 102 -1.24 17.48 -16.34
CA LYS A 102 -2.01 17.36 -17.61
C LYS A 102 -1.38 18.24 -18.73
N GLN A 103 -0.48 17.60 -19.51
CA GLN A 103 0.44 18.33 -20.44
C GLN A 103 -0.14 18.33 -21.89
N PHE A 104 -1.02 19.32 -22.15
CA PHE A 104 -1.70 19.47 -23.46
C PHE A 104 -1.35 20.81 -24.16
N GLY A 105 -1.86 21.93 -23.64
CA GLY A 105 -1.76 23.26 -24.28
C GLY A 105 -0.52 24.06 -23.87
N ARG A 106 0.49 24.06 -24.75
CA ARG A 106 1.76 24.80 -24.51
C ARG A 106 1.60 26.31 -24.91
N ASN A 107 1.14 27.14 -23.96
CA ASN A 107 0.81 28.56 -24.22
C ASN A 107 2.06 29.48 -24.12
N LEU A 108 2.78 29.63 -25.24
CA LEU A 108 3.98 30.51 -25.33
C LEU A 108 3.57 31.99 -25.61
N ALA A 109 3.34 32.75 -24.54
CA ALA A 109 2.96 34.18 -24.63
C ALA A 109 4.17 35.10 -24.90
N ARG A 110 4.29 35.42 -26.19
CA ARG A 110 5.48 36.11 -26.76
C ARG A 110 5.03 37.05 -27.90
N ASP A 111 5.19 38.37 -27.71
CA ASP A 111 4.85 39.38 -28.75
C ASP A 111 5.93 39.52 -29.87
N LYS A 112 5.53 40.24 -30.92
CA LYS A 112 6.45 40.63 -32.04
C LYS A 112 6.30 42.14 -32.36
N LYS A 113 6.80 42.99 -31.45
CA LYS A 113 6.69 44.47 -31.56
C LYS A 113 7.94 45.13 -30.86
N LYS A 114 8.47 46.23 -31.43
CA LYS A 114 9.59 47.00 -30.81
C LYS A 114 9.04 47.93 -29.69
N GLN A 115 8.97 47.38 -28.47
CA GLN A 115 8.34 48.05 -27.30
C GLN A 115 9.43 48.57 -26.33
N ARG A 116 9.83 47.77 -25.33
CA ARG A 116 10.88 48.14 -24.34
C ARG A 116 12.24 47.51 -24.78
N GLY A 117 12.91 48.21 -25.71
CA GLY A 117 14.14 47.70 -26.38
C GLY A 117 15.38 47.44 -25.50
N ARG A 118 15.85 48.50 -24.84
CA ARG A 118 16.84 48.37 -23.74
C ARG A 118 16.07 48.59 -22.40
N MET A 1 25.78 32.72 -3.82
CA MET A 1 25.56 31.25 -3.94
C MET A 1 24.21 30.85 -3.27
N ALA A 2 24.12 30.75 -1.94
CA ALA A 2 22.84 30.44 -1.25
C ALA A 2 21.99 31.72 -0.99
N GLY A 3 20.83 31.81 -1.67
CA GLY A 3 19.90 32.95 -1.50
C GLY A 3 18.97 32.86 -0.28
N SER A 4 17.96 31.97 -0.34
CA SER A 4 17.06 31.73 0.81
C SER A 4 17.65 30.68 1.80
N GLY A 5 18.24 31.17 2.90
CA GLY A 5 18.80 30.29 3.96
C GLY A 5 17.76 29.49 4.77
N ILE A 6 16.87 30.18 5.50
CA ILE A 6 15.67 29.53 6.10
C ILE A 6 14.52 29.34 5.07
N ILE A 7 14.67 28.34 4.19
CA ILE A 7 13.67 28.02 3.13
C ILE A 7 12.52 27.12 3.69
N TYR A 8 11.58 27.75 4.41
CA TYR A 8 10.49 27.03 5.11
C TYR A 8 9.32 26.70 4.13
N LYS A 9 9.20 25.42 3.75
CA LYS A 9 8.23 24.95 2.73
C LYS A 9 7.61 23.62 3.26
N GLN A 10 6.28 23.60 3.48
CA GLN A 10 5.62 22.49 4.21
C GLN A 10 4.60 21.78 3.27
N PRO A 11 4.87 20.56 2.69
CA PRO A 11 3.94 19.94 1.69
C PRO A 11 2.78 19.15 2.33
N ILE A 12 1.74 19.89 2.76
CA ILE A 12 0.56 19.32 3.49
C ILE A 12 -0.47 18.68 2.52
N TYR A 13 -0.17 17.43 2.15
CA TYR A 13 -0.94 16.66 1.14
C TYR A 13 -0.92 15.15 1.53
N GLN A 14 -2.13 14.58 1.61
CA GLN A 14 -2.34 13.16 1.96
C GLN A 14 -1.98 12.05 0.93
N GLY A 15 -2.03 12.33 -0.38
CA GLY A 15 -1.75 11.32 -1.43
C GLY A 15 -0.28 10.94 -1.59
N ASN A 16 0.15 9.93 -0.84
CA ASN A 16 1.57 9.50 -0.77
C ASN A 16 1.69 7.93 -0.82
N LEU A 17 1.08 7.21 0.12
CA LEU A 17 1.27 5.75 0.30
C LEU A 17 0.66 4.80 -0.78
N ILE A 18 -0.65 4.87 -1.05
CA ILE A 18 -1.32 3.97 -2.04
C ILE A 18 -1.59 4.81 -3.33
N LYS A 19 -0.67 4.70 -4.30
CA LYS A 19 -0.77 5.38 -5.60
C LYS A 19 -0.13 4.45 -6.67
N GLN A 20 -0.92 3.95 -7.64
CA GLN A 20 -0.49 2.84 -8.54
C GLN A 20 0.89 3.00 -9.28
N ASN A 21 1.13 4.14 -9.94
CA ASN A 21 2.47 4.43 -10.57
C ASN A 21 3.65 4.66 -9.57
N ALA A 22 3.44 5.32 -8.42
CA ALA A 22 4.48 5.34 -7.34
C ALA A 22 4.78 3.96 -6.65
N VAL A 23 3.76 3.13 -6.40
CA VAL A 23 3.94 1.72 -5.93
C VAL A 23 4.60 0.78 -7.00
N GLU A 24 4.24 0.89 -8.28
CA GLU A 24 5.06 0.37 -9.42
C GLU A 24 6.56 0.86 -9.45
N GLN A 25 6.78 2.18 -9.34
CA GLN A 25 8.14 2.79 -9.39
C GLN A 25 9.06 2.58 -8.16
N LEU A 26 8.53 2.38 -6.93
CA LEU A 26 9.37 2.26 -5.69
C LEU A 26 10.53 1.22 -5.65
N GLN A 27 10.44 0.10 -6.40
CA GLN A 27 11.57 -0.85 -6.62
C GLN A 27 12.33 -1.37 -5.35
N VAL A 28 11.56 -1.81 -4.34
CA VAL A 28 12.12 -2.36 -3.06
C VAL A 28 12.23 -3.91 -3.20
N GLY A 29 13.43 -4.46 -2.94
CA GLY A 29 13.65 -5.92 -2.91
C GLY A 29 14.40 -6.40 -1.64
N GLN A 30 13.85 -6.13 -0.45
CA GLN A 30 14.58 -6.26 0.83
C GLN A 30 13.73 -6.90 1.98
N SER A 31 12.54 -6.36 2.30
CA SER A 31 11.75 -6.82 3.47
C SER A 31 10.22 -6.65 3.24
N LYS A 32 9.44 -7.59 3.79
CA LYS A 32 7.97 -7.42 3.95
C LYS A 32 7.51 -6.25 4.86
N GLN A 33 8.15 -6.08 6.04
CA GLN A 33 7.86 -4.97 6.97
C GLN A 33 8.21 -3.54 6.48
N GLN A 34 9.32 -3.35 5.76
CA GLN A 34 9.63 -2.06 5.08
C GLN A 34 8.59 -1.65 4.00
N VAL A 35 8.26 -2.53 3.02
CA VAL A 35 7.15 -2.26 2.06
C VAL A 35 5.73 -2.14 2.69
N SER A 36 5.36 -2.99 3.66
CA SER A 36 4.08 -2.84 4.41
C SER A 36 3.97 -1.57 5.30
N ALA A 37 5.03 -1.16 6.02
CA ALA A 37 5.06 0.14 6.73
C ALA A 37 4.97 1.41 5.83
N LEU A 38 5.66 1.44 4.68
CA LEU A 38 5.49 2.51 3.65
C LEU A 38 4.07 2.56 2.98
N LEU A 39 3.50 1.41 2.59
CA LEU A 39 2.09 1.31 2.14
C LEU A 39 0.97 1.55 3.23
N GLY A 40 1.23 1.17 4.47
CA GLY A 40 0.29 1.26 5.60
C GLY A 40 -0.42 -0.06 5.94
N THR A 41 0.32 -1.02 6.51
CA THR A 41 -0.18 -2.39 6.83
C THR A 41 0.87 -3.09 7.78
N PRO A 42 0.49 -3.82 8.87
CA PRO A 42 1.48 -4.61 9.67
C PRO A 42 2.10 -5.83 8.95
N SER A 43 3.25 -6.29 9.45
CA SER A 43 4.00 -7.43 8.88
C SER A 43 3.44 -8.83 9.27
N ILE A 44 4.09 -9.86 8.73
CA ILE A 44 3.67 -11.28 8.94
C ILE A 44 4.82 -12.03 9.70
N PRO A 45 4.81 -12.14 11.06
CA PRO A 45 5.85 -12.91 11.81
C PRO A 45 5.48 -14.40 12.04
N ASP A 46 5.56 -15.20 10.96
CA ASP A 46 5.34 -16.67 11.04
C ASP A 46 6.66 -17.44 11.36
N PRO A 47 6.78 -18.21 12.48
CA PRO A 47 7.90 -19.18 12.66
C PRO A 47 7.86 -20.50 11.81
N PHE A 48 6.78 -20.81 11.06
CA PHE A 48 6.78 -21.93 10.08
C PHE A 48 7.55 -21.52 8.79
N HIS A 49 7.00 -20.65 7.92
CA HIS A 49 7.80 -19.99 6.85
C HIS A 49 7.07 -18.69 6.41
N ALA A 50 7.54 -17.53 6.88
CA ALA A 50 6.90 -16.23 6.56
C ALA A 50 7.16 -15.73 5.11
N GLN A 51 6.27 -16.14 4.19
CA GLN A 51 6.42 -15.84 2.74
C GLN A 51 5.44 -14.70 2.32
N ARG A 52 4.71 -14.87 1.23
CA ARG A 52 3.85 -13.83 0.60
C ARG A 52 2.82 -13.10 1.51
N TRP A 53 2.52 -11.84 1.19
CA TRP A 53 1.31 -11.13 1.70
C TRP A 53 0.24 -11.25 0.61
N ASP A 54 -0.54 -12.34 0.63
CA ASP A 54 -1.71 -12.54 -0.27
C ASP A 54 -3.02 -12.50 0.58
N TYR A 55 -3.43 -11.29 0.98
CA TYR A 55 -4.52 -11.10 1.96
C TYR A 55 -5.35 -9.82 1.62
N THR A 56 -6.66 -9.85 1.92
CA THR A 56 -7.49 -8.60 1.92
C THR A 56 -7.24 -7.78 3.23
N SER A 57 -6.15 -7.02 3.22
CA SER A 57 -5.77 -6.12 4.34
C SER A 57 -6.55 -4.78 4.34
N THR A 58 -6.51 -4.07 5.48
CA THR A 58 -7.32 -2.83 5.67
C THR A 58 -6.65 -1.82 6.64
N GLN A 59 -6.82 -0.52 6.35
CA GLN A 59 -6.68 0.54 7.37
C GLN A 59 -8.08 1.16 7.67
N ARG A 60 -8.59 0.92 8.89
CA ARG A 60 -9.61 1.82 9.50
C ARG A 60 -8.94 2.64 10.65
N VAL A 61 -8.00 3.53 10.27
CA VAL A 61 -7.07 4.20 11.22
C VAL A 61 -7.51 5.64 11.59
N ASP A 62 -7.65 6.54 10.60
CA ASP A 62 -8.27 7.87 10.81
C ASP A 62 -9.45 8.08 9.80
N ARG A 63 -10.60 8.51 10.35
CA ARG A 63 -11.76 8.97 9.57
C ARG A 63 -11.64 10.41 8.96
N LEU A 64 -10.86 10.53 7.87
CA LEU A 64 -10.97 11.64 6.90
C LEU A 64 -12.12 11.31 5.88
N ALA A 65 -11.83 10.64 4.76
CA ALA A 65 -12.87 9.87 4.01
C ALA A 65 -12.23 8.53 3.55
N ARG A 66 -12.23 7.52 4.44
CA ARG A 66 -11.38 6.32 4.31
C ARG A 66 -11.83 5.27 5.36
N THR A 67 -12.49 4.23 4.87
CA THR A 67 -12.05 2.83 5.15
C THR A 67 -11.24 2.32 3.91
N GLU A 68 -9.97 1.94 4.12
CA GLU A 68 -9.11 1.36 3.07
C GLU A 68 -9.40 -0.17 2.94
N ILE A 69 -9.90 -0.61 1.79
CA ILE A 69 -9.94 -2.05 1.41
C ILE A 69 -8.70 -2.25 0.47
N LYS A 70 -7.61 -2.79 1.02
CA LYS A 70 -6.31 -2.89 0.31
C LYS A 70 -5.88 -4.38 0.16
N ASN A 71 -6.40 -5.02 -0.90
CA ASN A 71 -5.99 -6.39 -1.28
C ASN A 71 -4.74 -6.39 -2.21
N PHE A 72 -3.57 -6.22 -1.57
CA PHE A 72 -2.27 -6.19 -2.27
C PHE A 72 -1.59 -7.58 -2.16
N THR A 73 -1.59 -8.35 -3.25
CA THR A 73 -0.85 -9.65 -3.31
C THR A 73 0.62 -9.36 -3.69
N VAL A 74 1.53 -9.57 -2.74
CA VAL A 74 2.99 -9.38 -2.96
C VAL A 74 3.78 -10.63 -2.47
N PHE A 75 4.66 -11.12 -3.33
CA PHE A 75 5.43 -12.37 -3.12
C PHE A 75 6.84 -12.09 -2.54
N PHE A 76 7.25 -12.93 -1.59
CA PHE A 76 8.56 -12.82 -0.91
C PHE A 76 9.23 -14.23 -0.83
N GLU A 77 10.59 -14.32 -0.88
CA GLU A 77 11.30 -15.59 -0.56
C GLU A 77 11.13 -16.00 0.96
N ASN A 78 11.65 -15.16 1.86
CA ASN A 78 11.03 -14.94 3.20
C ASN A 78 10.84 -13.39 3.37
N GLU A 79 11.93 -12.62 3.45
CA GLU A 79 11.87 -11.14 3.47
C GLU A 79 12.00 -10.46 2.07
N GLN A 80 12.88 -10.91 1.18
CA GLN A 80 13.18 -10.16 -0.08
C GLN A 80 12.03 -10.18 -1.12
N VAL A 81 11.72 -9.01 -1.70
CA VAL A 81 10.46 -8.81 -2.47
C VAL A 81 10.64 -9.22 -3.97
N VAL A 82 9.68 -9.99 -4.48
CA VAL A 82 9.79 -10.68 -5.81
C VAL A 82 8.90 -9.96 -6.86
N ARG A 83 7.57 -9.98 -6.70
CA ARG A 83 6.61 -9.25 -7.58
C ARG A 83 5.28 -8.94 -6.80
N TRP A 84 4.51 -7.96 -7.30
CA TRP A 84 3.35 -7.39 -6.59
C TRP A 84 2.17 -6.96 -7.50
N GLU A 85 0.95 -7.19 -6.99
CA GLU A 85 -0.31 -6.96 -7.72
C GLU A 85 -1.32 -6.22 -6.78
N GLY A 86 -1.70 -4.98 -7.15
CA GLY A 86 -2.48 -4.08 -6.27
C GLY A 86 -3.82 -3.59 -6.82
N ASP A 87 -4.91 -4.27 -6.44
CA ASP A 87 -6.28 -3.69 -6.48
C ASP A 87 -6.63 -3.23 -5.02
N TYR A 88 -6.62 -1.91 -4.79
CA TYR A 88 -6.43 -1.35 -3.42
C TYR A 88 -7.00 0.08 -3.26
N PHE A 89 -8.24 0.20 -2.72
CA PHE A 89 -8.86 1.52 -2.35
C PHE A 89 -9.03 2.52 -3.53
N PRO A 90 -10.23 2.75 -4.15
CA PRO A 90 -10.37 3.67 -5.33
C PRO A 90 -10.37 5.21 -5.01
N SER A 91 -9.24 5.66 -4.48
CA SER A 91 -8.97 7.06 -4.10
C SER A 91 -7.46 7.07 -3.67
N GLN A 92 -6.57 7.58 -4.53
CA GLN A 92 -5.10 7.62 -4.25
C GLN A 92 -4.60 8.68 -3.21
N ASP A 93 -5.32 8.76 -2.08
CA ASP A 93 -5.68 10.02 -1.40
C ASP A 93 -6.83 9.59 -0.39
N GLU A 94 -6.52 9.58 0.91
CA GLU A 94 -7.52 9.32 1.98
C GLU A 94 -8.56 10.46 2.34
N GLN A 95 -8.87 11.33 1.38
CA GLN A 95 -9.72 12.52 1.59
C GLN A 95 -10.48 12.92 0.29
N LEU A 96 -11.43 12.06 -0.12
CA LEU A 96 -12.30 12.31 -1.30
C LEU A 96 -13.64 13.00 -0.93
N ALA A 97 -14.13 13.88 -1.82
CA ALA A 97 -15.42 14.60 -1.61
C ALA A 97 -16.67 13.74 -1.95
N LYS A 98 -17.00 12.82 -1.02
CA LYS A 98 -18.14 11.87 -1.18
C LYS A 98 -19.23 12.23 -0.13
N ALA A 99 -20.47 12.49 -0.59
CA ALA A 99 -21.59 12.96 0.26
C ALA A 99 -21.93 12.07 1.50
N ALA A 100 -21.65 12.61 2.69
CA ALA A 100 -21.75 11.92 3.98
C ALA A 100 -22.03 12.93 5.16
N PRO A 101 -22.58 12.53 6.34
CA PRO A 101 -22.79 13.49 7.49
C PRO A 101 -21.50 13.85 8.31
N LYS A 102 -20.55 14.47 7.61
CA LYS A 102 -19.26 14.94 8.17
C LYS A 102 -18.58 15.86 7.10
N GLN A 103 -17.87 16.91 7.56
CA GLN A 103 -16.87 17.61 6.71
C GLN A 103 -15.64 16.67 6.49
N PHE A 104 -15.50 16.25 5.22
CA PHE A 104 -14.54 15.21 4.78
C PHE A 104 -13.04 15.41 5.18
N GLY A 105 -12.51 16.61 4.92
CA GLY A 105 -11.20 17.04 5.45
C GLY A 105 -11.21 17.60 6.88
N ARG A 106 -11.52 16.73 7.85
CA ARG A 106 -11.53 17.08 9.29
C ARG A 106 -11.37 15.78 10.14
N ASN A 107 -10.32 15.74 10.96
CA ASN A 107 -9.98 14.56 11.82
C ASN A 107 -9.82 14.94 13.32
N LEU A 108 -10.94 15.20 14.02
CA LEU A 108 -10.93 15.51 15.47
C LEU A 108 -12.32 15.18 16.09
N ALA A 109 -12.42 14.08 16.84
CA ALA A 109 -13.62 13.77 17.67
C ALA A 109 -13.25 13.97 19.17
N ARG A 110 -12.76 12.94 19.88
CA ARG A 110 -11.73 13.15 20.93
C ARG A 110 -10.54 12.20 20.57
N ASP A 111 -9.56 12.75 19.85
CA ASP A 111 -8.42 11.96 19.33
C ASP A 111 -7.26 11.78 20.37
N LYS A 112 -6.44 10.75 20.08
CA LYS A 112 -5.10 10.57 20.70
C LYS A 112 -4.14 10.42 19.47
N LYS A 113 -3.59 11.57 19.02
CA LYS A 113 -3.17 11.72 17.60
C LYS A 113 -1.83 11.05 17.18
N LYS A 114 -1.89 9.72 16.97
CA LYS A 114 -0.88 8.96 16.19
C LYS A 114 -1.60 7.88 15.34
N GLN A 115 -2.18 8.30 14.20
CA GLN A 115 -2.93 7.40 13.29
C GLN A 115 -2.06 7.10 12.02
N ARG A 116 -2.13 7.96 11.01
CA ARG A 116 -1.38 7.83 9.74
C ARG A 116 -0.34 8.99 9.68
N GLY A 117 0.92 8.58 9.55
CA GLY A 117 2.03 9.46 9.12
C GLY A 117 1.93 9.93 7.66
N ARG A 118 1.84 11.25 7.50
CA ARG A 118 1.66 11.93 6.19
C ARG A 118 2.67 11.55 5.07
N MET A 1 12.50 -4.04 -11.04
CA MET A 1 11.08 -4.45 -11.17
C MET A 1 10.37 -3.65 -12.32
N ALA A 2 10.00 -2.38 -12.11
CA ALA A 2 9.24 -1.57 -13.09
C ALA A 2 9.44 -0.05 -12.83
N GLY A 3 9.50 0.74 -13.91
CA GLY A 3 9.61 2.21 -13.78
C GLY A 3 9.46 2.94 -15.12
N SER A 4 8.21 3.24 -15.51
CA SER A 4 7.93 3.98 -16.77
C SER A 4 6.68 4.89 -16.60
N GLY A 5 6.90 6.18 -16.24
CA GLY A 5 5.80 7.12 -15.99
C GLY A 5 6.22 8.32 -15.13
N ILE A 6 6.14 9.54 -15.70
CA ILE A 6 6.45 10.80 -14.95
C ILE A 6 5.19 11.36 -14.24
N ILE A 7 5.01 10.97 -12.97
CA ILE A 7 3.83 11.40 -12.16
C ILE A 7 4.02 12.78 -11.50
N TYR A 8 3.62 13.83 -12.22
CA TYR A 8 3.36 15.17 -11.61
C TYR A 8 1.99 15.17 -10.84
N LYS A 9 2.06 15.16 -9.50
CA LYS A 9 0.87 15.41 -8.65
C LYS A 9 1.31 16.27 -7.45
N GLN A 10 0.80 17.51 -7.36
CA GLN A 10 1.07 18.40 -6.19
C GLN A 10 0.34 17.88 -4.90
N PRO A 11 1.01 17.64 -3.73
CA PRO A 11 0.54 16.58 -2.75
C PRO A 11 -0.63 16.92 -1.79
N ILE A 12 -1.80 17.14 -2.39
CA ILE A 12 -3.13 17.00 -1.70
C ILE A 12 -3.66 15.55 -1.92
N TYR A 13 -3.23 14.63 -1.03
CA TYR A 13 -3.37 13.17 -1.30
C TYR A 13 -4.65 12.53 -0.69
N GLN A 14 -5.67 12.47 -1.55
CA GLN A 14 -6.78 11.49 -1.49
C GLN A 14 -6.46 9.96 -1.35
N GLY A 15 -5.32 9.50 -1.88
CA GLY A 15 -4.73 8.20 -1.51
C GLY A 15 -3.62 8.41 -0.46
N ASN A 16 -3.96 8.17 0.82
CA ASN A 16 -3.14 8.59 1.98
C ASN A 16 -1.71 7.95 2.00
N LEU A 17 -1.60 6.63 2.17
CA LEU A 17 -0.37 5.87 1.87
C LEU A 17 -0.40 5.23 0.42
N ILE A 18 -1.52 4.63 -0.03
CA ILE A 18 -1.66 4.07 -1.41
C ILE A 18 -1.52 5.15 -2.54
N LYS A 19 -0.91 4.72 -3.66
CA LYS A 19 -0.58 5.57 -4.82
C LYS A 19 -0.84 4.74 -6.15
N GLN A 20 -1.02 5.45 -7.25
CA GLN A 20 -1.17 4.85 -8.61
C GLN A 20 0.19 4.49 -9.29
N ASN A 21 1.05 5.49 -9.51
CA ASN A 21 2.39 5.31 -10.13
C ASN A 21 3.58 5.23 -9.11
N ALA A 22 3.52 5.89 -7.94
CA ALA A 22 4.51 5.66 -6.87
C ALA A 22 4.50 4.26 -6.16
N VAL A 23 3.42 3.43 -6.25
CA VAL A 23 3.52 1.97 -5.94
C VAL A 23 4.33 1.14 -7.00
N GLU A 24 4.26 1.44 -8.31
CA GLU A 24 5.30 0.99 -9.27
C GLU A 24 6.76 1.44 -8.89
N GLN A 25 6.97 2.75 -8.75
CA GLN A 25 8.33 3.33 -8.61
C GLN A 25 8.93 3.44 -7.18
N LEU A 26 8.24 2.99 -6.11
CA LEU A 26 8.89 2.63 -4.82
C LEU A 26 9.97 1.51 -4.88
N GLN A 27 9.79 0.48 -5.73
CA GLN A 27 10.82 -0.57 -6.03
C GLN A 27 11.61 -1.18 -4.83
N VAL A 28 10.85 -1.66 -3.83
CA VAL A 28 11.43 -2.27 -2.59
C VAL A 28 11.70 -3.79 -2.87
N GLY A 29 12.94 -4.23 -2.62
CA GLY A 29 13.31 -5.66 -2.72
C GLY A 29 14.15 -6.17 -1.54
N GLN A 30 13.63 -6.02 -0.31
CA GLN A 30 14.41 -6.27 0.94
C GLN A 30 13.57 -6.96 2.06
N SER A 31 12.39 -6.43 2.43
CA SER A 31 11.61 -6.92 3.60
C SER A 31 10.09 -6.69 3.44
N LYS A 32 9.30 -7.60 4.03
CA LYS A 32 7.82 -7.43 4.16
C LYS A 32 7.32 -6.23 5.00
N GLN A 33 7.95 -5.95 6.15
CA GLN A 33 7.66 -4.73 6.93
C GLN A 33 8.02 -3.36 6.28
N GLN A 34 9.04 -3.25 5.40
CA GLN A 34 9.27 -2.01 4.62
C GLN A 34 8.15 -1.72 3.57
N VAL A 35 7.82 -2.64 2.66
CA VAL A 35 6.69 -2.44 1.69
C VAL A 35 5.28 -2.31 2.35
N SER A 36 4.95 -3.13 3.37
CA SER A 36 3.68 -2.96 4.13
C SER A 36 3.57 -1.68 5.00
N ALA A 37 4.65 -1.20 5.65
CA ALA A 37 4.67 0.16 6.28
C ALA A 37 4.53 1.36 5.30
N LEU A 38 5.25 1.36 4.16
CA LEU A 38 5.07 2.38 3.08
C LEU A 38 3.66 2.38 2.41
N LEU A 39 3.09 1.22 2.11
CA LEU A 39 1.67 1.09 1.67
C LEU A 39 0.57 1.34 2.76
N GLY A 40 0.83 1.01 4.03
CA GLY A 40 -0.08 1.31 5.16
C GLY A 40 -0.82 0.08 5.73
N THR A 41 -0.09 -0.86 6.35
CA THR A 41 -0.62 -2.16 6.82
C THR A 41 0.45 -2.85 7.74
N PRO A 42 0.11 -3.56 8.85
CA PRO A 42 1.09 -4.47 9.55
C PRO A 42 1.35 -5.80 8.77
N SER A 43 2.62 -6.18 8.64
CA SER A 43 3.03 -7.39 7.90
C SER A 43 2.84 -8.73 8.68
N ILE A 44 3.25 -9.82 8.03
CA ILE A 44 3.00 -11.21 8.50
C ILE A 44 4.33 -11.95 8.89
N PRO A 45 4.84 -11.89 10.15
CA PRO A 45 6.00 -12.73 10.59
C PRO A 45 5.58 -14.15 11.03
N ASP A 46 5.39 -15.04 10.04
CA ASP A 46 4.80 -16.39 10.26
C ASP A 46 5.83 -17.35 10.95
N PRO A 47 5.63 -17.86 12.20
CA PRO A 47 6.62 -18.78 12.86
C PRO A 47 6.79 -20.22 12.30
N PHE A 48 5.91 -20.67 11.39
CA PHE A 48 6.18 -21.84 10.51
C PHE A 48 7.20 -21.49 9.38
N HIS A 49 6.83 -20.61 8.43
CA HIS A 49 7.77 -20.03 7.45
C HIS A 49 7.14 -18.69 6.96
N ALA A 50 7.82 -17.55 7.19
CA ALA A 50 7.28 -16.22 6.85
C ALA A 50 7.17 -15.91 5.33
N GLN A 51 5.94 -15.90 4.82
CA GLN A 51 5.63 -16.02 3.36
C GLN A 51 5.06 -14.70 2.72
N ARG A 52 4.60 -14.81 1.46
CA ARG A 52 3.82 -13.78 0.75
C ARG A 52 2.60 -13.18 1.53
N TRP A 53 2.44 -11.86 1.47
CA TRP A 53 1.29 -11.16 2.13
C TRP A 53 0.05 -11.27 1.21
N ASP A 54 -0.78 -12.27 1.48
CA ASP A 54 -1.87 -12.71 0.56
C ASP A 54 -3.32 -12.40 1.09
N TYR A 55 -3.55 -11.15 1.51
CA TYR A 55 -4.73 -10.82 2.37
C TYR A 55 -5.42 -9.51 1.91
N THR A 56 -6.77 -9.52 1.89
CA THR A 56 -7.59 -8.30 1.67
C THR A 56 -7.50 -7.34 2.90
N SER A 57 -6.62 -6.34 2.78
CA SER A 57 -6.02 -5.65 3.94
C SER A 57 -6.43 -4.15 4.05
N THR A 58 -6.07 -3.50 5.17
CA THR A 58 -6.34 -2.06 5.40
C THR A 58 -5.26 -1.41 6.32
N GLN A 59 -5.21 -0.07 6.28
CA GLN A 59 -4.83 0.72 7.49
C GLN A 59 -5.99 0.71 8.56
N ARG A 60 -5.60 0.73 9.84
CA ARG A 60 -6.56 0.72 10.98
C ARG A 60 -7.21 2.12 11.22
N VAL A 61 -8.47 2.10 11.68
CA VAL A 61 -9.21 3.29 12.18
C VAL A 61 -8.75 3.69 13.61
N ASP A 62 -7.58 4.34 13.58
CA ASP A 62 -6.87 4.87 14.77
C ASP A 62 -7.12 6.41 14.94
N ARG A 63 -6.31 7.06 15.79
CA ARG A 63 -6.26 8.54 15.90
C ARG A 63 -5.81 9.31 14.61
N LEU A 64 -4.75 8.84 13.93
CA LEU A 64 -4.27 9.41 12.65
C LEU A 64 -4.80 8.65 11.38
N ALA A 65 -4.67 7.31 11.31
CA ALA A 65 -5.14 6.51 10.15
C ALA A 65 -6.67 6.23 10.13
N ARG A 66 -7.26 6.03 8.94
CA ARG A 66 -8.72 5.83 8.79
C ARG A 66 -9.02 4.42 8.17
N THR A 67 -9.10 4.26 6.84
CA THR A 67 -9.39 2.93 6.21
C THR A 67 -9.03 3.02 4.69
N GLU A 68 -8.25 2.06 4.19
CA GLU A 68 -7.62 2.14 2.85
C GLU A 68 -7.40 0.70 2.30
N ILE A 69 -8.38 0.23 1.50
CA ILE A 69 -8.55 -1.22 1.17
C ILE A 69 -7.46 -1.72 0.16
N LYS A 70 -6.93 -2.92 0.40
CA LYS A 70 -5.73 -3.46 -0.28
C LYS A 70 -5.94 -4.98 -0.53
N ASN A 71 -6.60 -5.33 -1.64
CA ASN A 71 -6.66 -6.73 -2.13
C ASN A 71 -5.40 -7.08 -2.98
N PHE A 72 -4.27 -7.29 -2.28
CA PHE A 72 -2.91 -7.11 -2.85
C PHE A 72 -2.03 -8.29 -2.38
N THR A 73 -1.80 -9.27 -3.28
CA THR A 73 -0.87 -10.40 -3.00
C THR A 73 0.57 -9.97 -3.43
N VAL A 74 1.47 -9.84 -2.44
CA VAL A 74 2.88 -9.47 -2.69
C VAL A 74 3.84 -10.58 -2.18
N PHE A 75 4.75 -11.00 -3.07
CA PHE A 75 5.53 -12.25 -2.90
C PHE A 75 6.92 -11.97 -2.28
N PHE A 76 7.26 -12.79 -1.29
CA PHE A 76 8.55 -12.68 -0.56
C PHE A 76 9.28 -14.07 -0.59
N GLU A 77 10.61 -14.07 -0.74
CA GLU A 77 11.42 -15.33 -0.69
C GLU A 77 11.39 -15.99 0.73
N ASN A 78 11.99 -15.31 1.72
CA ASN A 78 11.39 -15.21 3.08
C ASN A 78 11.07 -13.72 3.38
N GLU A 79 12.09 -12.84 3.42
CA GLU A 79 11.90 -11.37 3.48
C GLU A 79 11.97 -10.63 2.11
N GLN A 80 12.92 -10.95 1.20
CA GLN A 80 13.16 -10.11 -0.01
C GLN A 80 12.04 -10.19 -1.07
N VAL A 81 11.64 -9.02 -1.59
CA VAL A 81 10.38 -8.89 -2.37
C VAL A 81 10.60 -9.33 -3.87
N VAL A 82 9.75 -10.23 -4.35
CA VAL A 82 9.80 -10.73 -5.75
C VAL A 82 8.87 -9.85 -6.65
N ARG A 83 7.54 -9.87 -6.46
CA ARG A 83 6.60 -8.98 -7.20
C ARG A 83 5.24 -8.76 -6.45
N TRP A 84 4.52 -7.71 -6.83
CA TRP A 84 3.15 -7.39 -6.31
C TRP A 84 2.03 -7.59 -7.38
N GLU A 85 0.89 -8.15 -6.94
CA GLU A 85 -0.24 -8.56 -7.81
C GLU A 85 -1.61 -8.21 -7.13
N GLY A 86 -2.46 -7.44 -7.81
CA GLY A 86 -3.90 -7.34 -7.45
C GLY A 86 -4.57 -5.98 -7.67
N ASP A 87 -5.28 -5.50 -6.65
CA ASP A 87 -6.24 -4.37 -6.76
C ASP A 87 -6.37 -3.63 -5.39
N TYR A 88 -6.60 -2.32 -5.40
CA TYR A 88 -6.62 -1.49 -4.15
C TYR A 88 -7.49 -0.20 -4.25
N PHE A 89 -7.63 0.47 -3.10
CA PHE A 89 -8.42 1.71 -2.88
C PHE A 89 -8.51 2.75 -4.03
N PRO A 90 -9.64 2.87 -4.79
CA PRO A 90 -9.69 3.77 -6.00
C PRO A 90 -10.03 5.26 -5.73
N SER A 91 -9.20 5.91 -4.91
CA SER A 91 -9.18 7.39 -4.79
C SER A 91 -8.10 7.96 -5.76
N GLN A 92 -8.48 8.06 -7.04
CA GLN A 92 -7.51 8.32 -8.14
C GLN A 92 -7.59 9.77 -8.71
N ASP A 93 -7.15 10.73 -7.89
CA ASP A 93 -6.52 12.00 -8.38
C ASP A 93 -4.93 12.00 -8.39
N GLU A 94 -4.33 10.81 -8.29
CA GLU A 94 -3.03 10.50 -8.93
C GLU A 94 -3.38 9.67 -10.20
N GLN A 95 -3.49 10.34 -11.36
CA GLN A 95 -4.06 9.73 -12.59
C GLN A 95 -3.20 10.06 -13.84
N LEU A 96 -2.05 9.36 -13.94
CA LEU A 96 -1.39 9.11 -15.25
C LEU A 96 -2.00 7.82 -15.87
N ALA A 97 -2.46 7.87 -17.13
CA ALA A 97 -3.37 6.84 -17.71
C ALA A 97 -2.72 5.45 -18.00
N LYS A 98 -2.56 4.67 -16.93
CA LYS A 98 -1.79 3.39 -16.93
C LYS A 98 -2.01 2.67 -15.55
N ALA A 99 -3.18 2.04 -15.37
CA ALA A 99 -3.58 1.42 -14.09
C ALA A 99 -4.55 0.23 -14.35
N ALA A 100 -4.13 -0.99 -14.02
CA ALA A 100 -4.96 -2.21 -14.24
C ALA A 100 -5.31 -2.90 -12.89
N PRO A 101 -6.50 -2.67 -12.26
CA PRO A 101 -6.86 -3.32 -10.95
C PRO A 101 -7.43 -4.75 -11.14
N LYS A 102 -6.51 -5.73 -11.21
CA LYS A 102 -6.86 -7.12 -11.55
C LYS A 102 -7.33 -7.93 -10.30
N GLN A 103 -8.66 -7.94 -10.07
CA GLN A 103 -9.25 -8.61 -8.89
C GLN A 103 -9.43 -10.15 -9.11
N PHE A 104 -8.31 -10.87 -8.93
CA PHE A 104 -8.19 -12.31 -9.28
C PHE A 104 -8.78 -13.37 -8.30
N GLY A 105 -8.93 -13.04 -7.01
CA GLY A 105 -9.47 -13.97 -6.00
C GLY A 105 -11.00 -14.16 -6.02
N ARG A 106 -11.48 -14.91 -7.02
CA ARG A 106 -12.92 -15.10 -7.27
C ARG A 106 -13.17 -16.53 -7.81
N ASN A 107 -13.54 -17.46 -6.92
CA ASN A 107 -13.74 -18.89 -7.29
C ASN A 107 -15.17 -19.13 -7.87
N LEU A 108 -15.29 -18.95 -9.20
CA LEU A 108 -16.60 -19.03 -9.90
C LEU A 108 -16.98 -20.50 -10.25
N ALA A 109 -17.63 -21.16 -9.29
CA ALA A 109 -18.13 -22.54 -9.43
C ALA A 109 -19.41 -22.62 -10.31
N ARG A 110 -19.43 -23.69 -11.10
CA ARG A 110 -20.45 -23.93 -12.15
C ARG A 110 -20.78 -25.44 -12.29
N ASP A 111 -22.06 -25.79 -12.21
CA ASP A 111 -22.53 -27.20 -12.32
C ASP A 111 -22.72 -27.71 -13.79
N LYS A 112 -23.07 -29.00 -13.90
CA LYS A 112 -23.86 -29.49 -15.08
C LYS A 112 -25.07 -30.35 -14.58
N LYS A 113 -26.09 -29.67 -14.05
CA LYS A 113 -27.21 -30.34 -13.30
C LYS A 113 -28.36 -30.80 -14.24
N LYS A 114 -28.16 -31.97 -14.87
CA LYS A 114 -29.20 -32.60 -15.74
C LYS A 114 -29.05 -34.15 -15.60
N GLN A 115 -29.88 -34.76 -14.74
CA GLN A 115 -29.90 -36.23 -14.55
C GLN A 115 -31.01 -36.87 -15.44
N ARG A 116 -32.05 -37.50 -14.86
CA ARG A 116 -33.10 -38.21 -15.65
C ARG A 116 -34.23 -37.26 -16.12
N GLY A 117 -33.88 -36.44 -17.13
CA GLY A 117 -34.82 -35.56 -17.82
C GLY A 117 -35.19 -36.09 -19.22
N ARG A 118 -36.20 -36.95 -19.27
CA ARG A 118 -36.74 -37.52 -20.54
C ARG A 118 -38.22 -37.96 -20.29
N MET A 1 19.26 -11.36 2.43
CA MET A 1 19.37 -10.12 1.61
C MET A 1 19.94 -10.42 0.19
N ALA A 2 19.45 -9.69 -0.81
CA ALA A 2 20.01 -9.72 -2.19
C ALA A 2 21.16 -8.70 -2.39
N GLY A 3 21.99 -8.94 -3.40
CA GLY A 3 23.10 -8.00 -3.75
C GLY A 3 22.70 -6.79 -4.61
N SER A 4 21.94 -5.86 -4.01
CA SER A 4 21.43 -4.66 -4.71
C SER A 4 21.13 -3.52 -3.69
N GLY A 5 21.92 -2.43 -3.74
CA GLY A 5 21.64 -1.21 -2.93
C GLY A 5 20.58 -0.27 -3.53
N ILE A 6 19.33 -0.73 -3.53
CA ILE A 6 18.25 -0.12 -4.36
C ILE A 6 17.43 0.96 -3.62
N ILE A 7 18.04 2.15 -3.47
CA ILE A 7 17.38 3.35 -2.86
C ILE A 7 16.49 4.10 -3.89
N TYR A 8 15.26 3.59 -4.06
CA TYR A 8 14.40 3.93 -5.23
C TYR A 8 12.97 4.27 -4.73
N LYS A 9 12.71 5.57 -4.51
CA LYS A 9 11.36 6.08 -4.12
C LYS A 9 11.07 7.38 -4.94
N GLN A 10 10.10 7.32 -5.86
CA GLN A 10 9.98 8.32 -6.96
C GLN A 10 8.90 9.43 -6.73
N PRO A 11 9.05 10.71 -7.20
CA PRO A 11 8.12 11.82 -6.84
C PRO A 11 6.74 11.82 -7.57
N ILE A 12 5.84 10.96 -7.06
CA ILE A 12 4.37 11.07 -7.29
C ILE A 12 3.69 10.54 -5.99
N TYR A 13 3.54 11.41 -4.98
CA TYR A 13 3.26 10.99 -3.57
C TYR A 13 2.44 12.06 -2.75
N GLN A 14 1.19 12.29 -3.19
CA GLN A 14 0.17 13.04 -2.40
C GLN A 14 -0.62 12.05 -1.51
N GLY A 15 0.09 11.68 -0.42
CA GLY A 15 -0.14 10.42 0.32
C GLY A 15 1.15 9.59 0.30
N ASN A 16 2.10 9.92 1.21
CA ASN A 16 3.54 9.60 1.00
C ASN A 16 4.02 8.11 1.16
N LEU A 17 3.25 7.22 1.79
CA LEU A 17 3.67 5.82 2.04
C LEU A 17 2.93 4.85 1.06
N ILE A 18 1.68 4.46 1.34
CA ILE A 18 0.84 3.59 0.45
C ILE A 18 0.25 4.43 -0.72
N LYS A 19 0.68 4.17 -1.97
CA LYS A 19 0.29 4.99 -3.15
C LYS A 19 0.49 4.18 -4.47
N GLN A 20 -0.59 3.85 -5.17
CA GLN A 20 -0.53 2.98 -6.39
C GLN A 20 -0.20 3.74 -7.72
N ASN A 21 0.99 4.36 -7.74
CA ASN A 21 1.69 4.81 -8.98
C ASN A 21 3.23 4.93 -8.73
N ALA A 22 3.69 5.63 -7.67
CA ALA A 22 5.10 5.52 -7.22
C ALA A 22 5.51 4.16 -6.57
N VAL A 23 4.62 3.50 -5.80
CA VAL A 23 4.82 2.07 -5.40
C VAL A 23 4.78 1.07 -6.60
N GLU A 24 3.83 1.22 -7.54
CA GLU A 24 3.93 0.59 -8.91
C GLU A 24 5.30 0.78 -9.65
N GLN A 25 5.86 2.01 -9.64
CA GLN A 25 7.19 2.31 -10.22
C GLN A 25 8.46 1.87 -9.42
N LEU A 26 8.42 1.77 -8.07
CA LEU A 26 9.65 1.53 -7.24
C LEU A 26 10.56 0.30 -7.52
N GLN A 27 10.02 -0.81 -8.04
CA GLN A 27 10.84 -1.97 -8.55
C GLN A 27 11.98 -2.52 -7.62
N VAL A 28 11.64 -2.74 -6.35
CA VAL A 28 12.59 -3.25 -5.32
C VAL A 28 12.53 -4.81 -5.24
N GLY A 29 13.68 -5.40 -4.88
CA GLY A 29 13.80 -6.84 -4.62
C GLY A 29 14.85 -7.18 -3.56
N GLN A 30 14.63 -6.74 -2.31
CA GLN A 30 15.67 -6.80 -1.24
C GLN A 30 15.15 -7.48 0.06
N SER A 31 14.18 -6.88 0.77
CA SER A 31 13.83 -7.30 2.15
C SER A 31 12.35 -6.99 2.51
N LYS A 32 11.66 -7.99 3.08
CA LYS A 32 10.24 -7.90 3.51
C LYS A 32 9.91 -6.89 4.63
N GLN A 33 10.70 -6.87 5.71
CA GLN A 33 10.63 -5.82 6.74
C GLN A 33 11.02 -4.38 6.32
N GLN A 34 11.96 -4.20 5.37
CA GLN A 34 12.26 -2.86 4.80
C GLN A 34 11.10 -2.26 3.94
N VAL A 35 10.56 -2.99 2.95
CA VAL A 35 9.36 -2.53 2.19
C VAL A 35 8.07 -2.35 3.04
N SER A 36 7.76 -3.25 3.98
CA SER A 36 6.64 -3.05 4.93
C SER A 36 6.81 -1.91 5.97
N ALA A 37 8.02 -1.68 6.54
CA ALA A 37 8.30 -0.46 7.34
C ALA A 37 8.25 0.89 6.57
N LEU A 38 8.80 0.97 5.34
CA LEU A 38 8.65 2.17 4.47
C LEU A 38 7.18 2.45 3.96
N LEU A 39 6.41 1.42 3.60
CA LEU A 39 4.96 1.54 3.36
C LEU A 39 4.02 1.71 4.62
N GLY A 40 4.46 1.27 5.79
CA GLY A 40 3.78 1.50 7.09
C GLY A 40 2.86 0.36 7.56
N THR A 41 3.45 -0.81 7.82
CA THR A 41 2.70 -2.07 8.10
C THR A 41 3.73 -3.15 8.62
N PRO A 42 3.37 -4.16 9.46
CA PRO A 42 4.24 -5.36 9.67
C PRO A 42 4.38 -6.28 8.43
N SER A 43 5.34 -7.22 8.46
CA SER A 43 5.44 -8.30 7.44
C SER A 43 4.70 -9.57 7.94
N ILE A 44 5.41 -10.66 8.24
CA ILE A 44 4.87 -11.84 8.99
C ILE A 44 5.99 -12.19 10.03
N PRO A 45 5.83 -12.06 11.37
CA PRO A 45 6.90 -12.45 12.36
C PRO A 45 6.99 -13.97 12.67
N ASP A 46 7.45 -14.74 11.67
CA ASP A 46 7.83 -16.16 11.83
C ASP A 46 9.37 -16.32 11.58
N PRO A 47 10.19 -16.84 12.53
CA PRO A 47 11.58 -17.31 12.21
C PRO A 47 11.74 -18.64 11.39
N PHE A 48 10.68 -19.44 11.17
CA PHE A 48 10.75 -20.67 10.33
C PHE A 48 10.69 -20.31 8.82
N HIS A 49 9.53 -19.89 8.27
CA HIS A 49 9.46 -19.36 6.88
C HIS A 49 8.25 -18.37 6.78
N ALA A 50 8.51 -17.09 7.06
CA ALA A 50 7.51 -16.02 6.89
C ALA A 50 7.22 -15.69 5.39
N GLN A 51 6.03 -16.10 4.92
CA GLN A 51 5.66 -16.06 3.49
C GLN A 51 5.31 -14.61 2.95
N ARG A 52 4.68 -14.52 1.78
CA ARG A 52 4.04 -13.28 1.25
C ARG A 52 3.23 -12.44 2.28
N TRP A 53 3.33 -11.11 2.20
CA TRP A 53 2.46 -10.20 3.03
C TRP A 53 1.09 -10.10 2.33
N ASP A 54 0.05 -10.68 2.95
CA ASP A 54 -1.27 -10.87 2.29
C ASP A 54 -2.44 -10.18 3.08
N TYR A 55 -2.33 -8.89 3.42
CA TYR A 55 -3.32 -8.22 4.30
C TYR A 55 -4.36 -7.37 3.50
N THR A 56 -5.63 -7.78 3.61
CA THR A 56 -6.79 -7.03 3.07
C THR A 56 -7.54 -6.32 4.24
N SER A 57 -7.62 -4.99 4.18
CA SER A 57 -8.47 -4.19 5.10
C SER A 57 -9.42 -3.25 4.32
N THR A 58 -10.61 -3.79 4.06
CA THR A 58 -11.59 -3.19 3.11
C THR A 58 -13.02 -3.02 3.71
N GLN A 59 -13.92 -2.48 2.89
CA GLN A 59 -15.29 -2.13 3.29
C GLN A 59 -16.27 -3.32 3.13
N ARG A 60 -16.68 -3.95 4.25
CA ARG A 60 -17.78 -4.96 4.23
C ARG A 60 -19.20 -4.30 4.25
N VAL A 61 -19.61 -3.82 3.07
CA VAL A 61 -20.99 -3.31 2.82
C VAL A 61 -22.01 -4.45 2.50
N ASP A 62 -21.77 -5.24 1.45
CA ASP A 62 -22.64 -6.38 1.05
C ASP A 62 -21.78 -7.68 0.81
N ARG A 63 -22.44 -8.74 0.38
CA ARG A 63 -21.79 -9.85 -0.39
C ARG A 63 -21.58 -9.51 -1.90
N LEU A 64 -22.59 -9.00 -2.62
CA LEU A 64 -22.49 -8.70 -4.06
C LEU A 64 -22.03 -7.21 -4.30
N ALA A 65 -20.73 -6.96 -4.09
CA ALA A 65 -20.12 -5.61 -4.24
C ALA A 65 -18.58 -5.70 -4.48
N ARG A 66 -17.99 -4.65 -5.07
CA ARG A 66 -16.52 -4.59 -5.35
C ARG A 66 -15.73 -4.10 -4.09
N THR A 67 -15.73 -4.99 -3.08
CA THR A 67 -15.20 -4.67 -1.73
C THR A 67 -13.68 -5.01 -1.65
N GLU A 68 -12.85 -4.02 -1.97
CA GLU A 68 -11.46 -4.24 -2.47
C GLU A 68 -10.78 -2.84 -2.50
N ILE A 69 -10.05 -2.52 -1.43
CA ILE A 69 -9.47 -1.18 -1.15
C ILE A 69 -8.63 -1.31 0.16
N LYS A 70 -7.37 -0.89 0.10
CA LYS A 70 -6.31 -1.32 1.05
C LYS A 70 -6.07 -2.88 1.06
N ASN A 71 -5.78 -3.39 -0.13
CA ASN A 71 -5.51 -4.81 -0.41
C ASN A 71 -4.09 -4.84 -1.09
N PHE A 72 -3.05 -5.20 -0.33
CA PHE A 72 -1.67 -5.32 -0.89
C PHE A 72 -1.14 -6.76 -0.62
N THR A 73 -1.28 -7.65 -1.61
CA THR A 73 -0.67 -9.01 -1.52
C THR A 73 0.70 -9.00 -2.25
N VAL A 74 1.78 -8.99 -1.48
CA VAL A 74 3.17 -8.85 -2.00
C VAL A 74 4.03 -10.10 -1.69
N PHE A 75 4.66 -10.64 -2.73
CA PHE A 75 5.26 -11.99 -2.71
C PHE A 75 6.78 -11.94 -2.43
N PHE A 76 7.23 -12.81 -1.52
CA PHE A 76 8.65 -12.91 -1.10
C PHE A 76 9.18 -14.33 -1.37
N GLU A 77 10.42 -14.44 -1.88
CA GLU A 77 11.09 -15.78 -2.05
C GLU A 77 11.53 -16.40 -0.69
N ASN A 78 12.47 -15.75 0.00
CA ASN A 78 12.70 -15.96 1.45
C ASN A 78 12.43 -14.60 2.16
N GLU A 79 13.36 -13.62 2.12
CA GLU A 79 13.02 -12.20 2.40
C GLU A 79 12.75 -11.29 1.16
N GLN A 80 13.31 -11.60 -0.01
CA GLN A 80 13.45 -10.65 -1.14
C GLN A 80 12.20 -10.58 -2.05
N VAL A 81 11.89 -9.37 -2.50
CA VAL A 81 10.55 -9.03 -3.07
C VAL A 81 10.45 -9.46 -4.58
N VAL A 82 9.42 -10.25 -4.90
CA VAL A 82 9.17 -10.73 -6.28
C VAL A 82 8.19 -9.73 -6.98
N ARG A 83 6.90 -9.69 -6.60
CA ARG A 83 5.92 -8.71 -7.16
C ARG A 83 4.71 -8.47 -6.21
N TRP A 84 3.98 -7.36 -6.46
CA TRP A 84 2.84 -6.90 -5.62
C TRP A 84 1.49 -6.82 -6.40
N GLU A 85 0.41 -7.19 -5.70
CA GLU A 85 -0.94 -7.36 -6.27
C GLU A 85 -2.00 -6.55 -5.45
N GLY A 86 -2.93 -5.93 -6.20
CA GLY A 86 -4.26 -5.59 -5.66
C GLY A 86 -4.72 -4.14 -5.84
N ASP A 87 -5.29 -3.60 -4.77
CA ASP A 87 -5.99 -2.28 -4.79
C ASP A 87 -5.72 -1.61 -3.42
N TYR A 88 -4.71 -0.75 -3.37
CA TYR A 88 -4.10 -0.29 -2.10
C TYR A 88 -4.33 1.21 -1.80
N PHE A 89 -3.89 2.10 -2.69
CA PHE A 89 -4.47 3.47 -2.80
C PHE A 89 -4.42 3.96 -4.28
N PRO A 90 -5.38 3.58 -5.19
CA PRO A 90 -5.39 4.07 -6.61
C PRO A 90 -6.22 5.38 -6.81
N SER A 91 -5.69 6.48 -6.28
CA SER A 91 -6.27 7.83 -6.49
C SER A 91 -5.12 8.85 -6.32
N GLN A 92 -4.53 9.26 -7.47
CA GLN A 92 -3.29 10.07 -7.50
C GLN A 92 -3.17 10.90 -8.80
N ASP A 93 -3.24 12.24 -8.69
CA ASP A 93 -3.19 13.16 -9.87
C ASP A 93 -2.28 14.43 -9.67
N GLU A 94 -1.12 14.30 -8.99
CA GLU A 94 -0.06 15.35 -9.00
C GLU A 94 0.77 15.47 -10.32
N GLN A 95 1.17 14.29 -10.81
CA GLN A 95 1.59 14.07 -12.20
C GLN A 95 0.30 13.78 -13.00
N LEU A 96 -0.16 14.82 -13.70
CA LEU A 96 -1.50 14.87 -14.35
C LEU A 96 -1.91 13.57 -15.11
N ALA A 97 -2.86 12.81 -14.53
CA ALA A 97 -2.99 11.37 -14.84
C ALA A 97 -3.74 11.12 -16.16
N LYS A 98 -2.97 10.87 -17.22
CA LYS A 98 -3.44 10.89 -18.62
C LYS A 98 -3.62 9.50 -19.28
N ALA A 99 -4.45 8.66 -18.62
CA ALA A 99 -5.02 7.42 -19.22
C ALA A 99 -6.32 7.72 -20.03
N ALA A 100 -7.34 8.35 -19.42
CA ALA A 100 -8.19 9.34 -20.13
C ALA A 100 -7.34 10.60 -20.53
N PRO A 101 -7.05 10.92 -21.82
CA PRO A 101 -5.79 11.67 -22.19
C PRO A 101 -5.85 13.20 -21.99
N LYS A 102 -5.64 13.62 -20.74
CA LYS A 102 -5.59 15.04 -20.34
C LYS A 102 -4.15 15.64 -20.40
N GLN A 103 -3.82 16.36 -21.48
CA GLN A 103 -2.49 16.95 -21.70
C GLN A 103 -2.52 18.50 -21.44
N PHE A 104 -2.22 18.89 -20.20
CA PHE A 104 -2.06 20.31 -19.81
C PHE A 104 -0.99 20.50 -18.67
N GLY A 105 0.27 20.15 -18.98
CA GLY A 105 1.43 20.51 -18.12
C GLY A 105 2.38 19.35 -17.81
N ARG A 106 2.19 18.71 -16.65
CA ARG A 106 3.22 17.81 -16.07
C ARG A 106 3.13 16.35 -16.60
N ASN A 107 4.25 15.87 -17.12
CA ASN A 107 4.65 14.44 -16.98
C ASN A 107 6.05 14.44 -16.27
N LEU A 108 6.07 14.13 -14.95
CA LEU A 108 7.33 14.07 -14.16
C LEU A 108 7.11 13.14 -12.91
N ALA A 109 7.48 11.86 -13.08
CA ALA A 109 7.53 10.85 -12.00
C ALA A 109 8.85 10.01 -12.09
N ARG A 110 9.07 9.24 -13.17
CA ARG A 110 10.42 8.72 -13.55
C ARG A 110 10.61 8.89 -15.09
N ASP A 111 10.76 10.14 -15.53
CA ASP A 111 10.55 10.54 -16.95
C ASP A 111 11.86 10.65 -17.78
N LYS A 112 11.69 10.88 -19.07
CA LYS A 112 12.82 11.02 -20.04
C LYS A 112 12.40 11.91 -21.25
N LYS A 113 12.30 13.24 -21.02
CA LYS A 113 11.81 14.20 -22.03
C LYS A 113 12.97 14.74 -22.92
N LYS A 114 13.45 13.90 -23.84
CA LYS A 114 14.60 14.21 -24.74
C LYS A 114 14.52 13.28 -25.97
N GLN A 115 14.26 13.86 -27.16
CA GLN A 115 14.43 13.15 -28.46
C GLN A 115 15.66 13.72 -29.23
N ARG A 116 15.46 14.75 -30.06
CA ARG A 116 16.46 15.19 -31.07
C ARG A 116 16.56 16.74 -31.18
N GLY A 117 17.22 17.35 -30.19
CA GLY A 117 17.85 18.68 -30.33
C GLY A 117 19.32 18.58 -30.77
N ARG A 118 20.19 18.25 -29.81
CA ARG A 118 21.52 17.67 -30.10
C ARG A 118 21.51 16.11 -29.95
N MET A 1 -8.51 17.26 10.80
CA MET A 1 -8.70 15.96 10.10
C MET A 1 -9.89 16.01 9.09
N ALA A 2 -9.94 15.06 8.13
CA ALA A 2 -11.09 14.91 7.21
C ALA A 2 -12.42 14.55 7.95
N GLY A 3 -13.36 15.50 7.96
CA GLY A 3 -14.53 15.46 8.86
C GLY A 3 -14.43 16.34 10.11
N SER A 4 -13.43 16.06 10.98
CA SER A 4 -13.20 16.85 12.21
C SER A 4 -12.22 18.03 11.98
N GLY A 5 -12.79 19.23 11.79
CA GLY A 5 -12.06 20.41 11.31
C GLY A 5 -12.51 20.78 9.88
N ILE A 6 -11.82 20.23 8.88
CA ILE A 6 -12.25 20.33 7.46
C ILE A 6 -13.38 19.29 7.15
N ILE A 7 -14.64 19.72 7.34
CA ILE A 7 -15.86 18.92 7.01
C ILE A 7 -16.23 19.00 5.49
N TYR A 8 -15.43 18.32 4.67
CA TYR A 8 -15.47 18.46 3.19
C TYR A 8 -15.02 17.13 2.48
N LYS A 9 -15.29 17.05 1.18
CA LYS A 9 -14.43 16.26 0.24
C LYS A 9 -13.36 17.25 -0.33
N GLN A 10 -12.15 17.20 0.24
CA GLN A 10 -11.12 18.26 0.07
C GLN A 10 -10.02 17.89 -0.96
N PRO A 11 -9.63 18.73 -1.97
CA PRO A 11 -8.53 18.37 -2.93
C PRO A 11 -7.10 18.51 -2.34
N ILE A 12 -6.70 17.49 -1.56
CA ILE A 12 -5.43 17.49 -0.77
C ILE A 12 -5.05 16.00 -0.54
N TYR A 13 -3.83 15.64 -0.94
CA TYR A 13 -3.30 14.27 -0.79
C TYR A 13 -3.10 13.86 0.72
N GLN A 14 -4.06 13.07 1.24
CA GLN A 14 -3.99 12.56 2.64
C GLN A 14 -3.11 11.29 2.81
N GLY A 15 -3.49 10.14 2.25
CA GLY A 15 -2.68 8.90 2.30
C GLY A 15 -1.66 8.75 1.16
N ASN A 16 -0.57 9.54 1.25
CA ASN A 16 0.30 9.85 0.08
C ASN A 16 1.02 8.67 -0.66
N LEU A 17 1.50 7.66 0.06
CA LEU A 17 2.25 6.53 -0.54
C LEU A 17 1.43 5.45 -1.34
N ILE A 18 0.09 5.39 -1.23
CA ILE A 18 -0.74 4.39 -1.97
C ILE A 18 -1.13 4.94 -3.37
N LYS A 19 -0.19 4.87 -4.32
CA LYS A 19 -0.42 5.32 -5.72
C LYS A 19 0.48 4.45 -6.65
N GLN A 20 -0.11 3.57 -7.47
CA GLN A 20 0.66 2.53 -8.18
C GLN A 20 1.71 2.99 -9.23
N ASN A 21 1.57 4.13 -9.91
CA ASN A 21 2.70 4.71 -10.69
C ASN A 21 3.93 5.26 -9.86
N ALA A 22 3.78 5.54 -8.56
CA ALA A 22 4.93 5.57 -7.61
C ALA A 22 5.30 4.18 -6.99
N VAL A 23 4.33 3.36 -6.55
CA VAL A 23 4.58 2.03 -5.92
C VAL A 23 5.16 0.93 -6.88
N GLU A 24 4.83 0.93 -8.17
CA GLU A 24 5.59 0.17 -9.20
C GLU A 24 6.98 0.79 -9.55
N GLN A 25 7.05 2.12 -9.76
CA GLN A 25 8.31 2.86 -10.02
C GLN A 25 9.42 2.80 -8.92
N LEU A 26 9.09 2.70 -7.61
CA LEU A 26 10.09 2.35 -6.56
C LEU A 26 10.99 1.11 -6.79
N GLN A 27 10.44 0.03 -7.38
CA GLN A 27 11.17 -1.22 -7.73
C GLN A 27 12.20 -1.81 -6.71
N VAL A 28 11.74 -1.98 -5.46
CA VAL A 28 12.61 -2.37 -4.31
C VAL A 28 12.44 -3.90 -4.05
N GLY A 29 13.57 -4.63 -4.06
CA GLY A 29 13.62 -6.06 -3.66
C GLY A 29 14.48 -6.27 -2.41
N GLN A 30 13.95 -5.87 -1.24
CA GLN A 30 14.75 -5.83 0.02
C GLN A 30 14.03 -6.45 1.26
N SER A 31 12.83 -5.99 1.66
CA SER A 31 12.20 -6.41 2.94
C SER A 31 10.64 -6.38 2.91
N LYS A 32 10.05 -7.39 3.56
CA LYS A 32 8.59 -7.50 3.78
C LYS A 32 7.95 -6.45 4.72
N GLN A 33 8.51 -6.27 5.93
CA GLN A 33 8.02 -5.27 6.91
C GLN A 33 8.26 -3.78 6.53
N GLN A 34 9.37 -3.43 5.88
CA GLN A 34 9.59 -2.08 5.31
C GLN A 34 8.55 -1.67 4.22
N VAL A 35 8.27 -2.51 3.21
CA VAL A 35 7.16 -2.24 2.23
C VAL A 35 5.74 -2.23 2.85
N SER A 36 5.39 -3.16 3.74
CA SER A 36 4.09 -3.11 4.48
C SER A 36 3.91 -1.92 5.46
N ALA A 37 4.93 -1.54 6.24
CA ALA A 37 4.89 -0.30 7.07
C ALA A 37 4.79 1.04 6.29
N LEU A 38 5.52 1.21 5.17
CA LEU A 38 5.34 2.38 4.25
C LEU A 38 3.95 2.44 3.54
N LEU A 39 3.45 1.33 3.00
CA LEU A 39 2.06 1.23 2.46
C LEU A 39 0.89 1.30 3.50
N GLY A 40 1.12 0.83 4.73
CA GLY A 40 0.12 0.86 5.82
C GLY A 40 -0.61 -0.47 6.03
N THR A 41 0.10 -1.49 6.52
CA THR A 41 -0.46 -2.85 6.75
C THR A 41 0.55 -3.65 7.66
N PRO A 42 0.12 -4.40 8.72
CA PRO A 42 1.05 -5.26 9.52
C PRO A 42 1.71 -6.42 8.72
N SER A 43 2.92 -6.80 9.15
CA SER A 43 3.80 -7.69 8.37
C SER A 43 3.50 -9.21 8.52
N ILE A 44 4.45 -10.03 8.04
CA ILE A 44 4.45 -11.50 8.29
C ILE A 44 5.63 -11.73 9.31
N PRO A 45 5.40 -11.91 10.65
CA PRO A 45 6.53 -12.01 11.63
C PRO A 45 7.20 -13.41 11.72
N ASP A 46 7.90 -13.77 10.64
CA ASP A 46 8.77 -14.97 10.58
C ASP A 46 10.15 -14.57 9.95
N PRO A 47 11.32 -14.88 10.58
CA PRO A 47 12.62 -14.92 9.86
C PRO A 47 13.04 -16.27 9.18
N PHE A 48 12.28 -17.37 9.28
CA PHE A 48 12.65 -18.68 8.70
C PHE A 48 12.33 -18.81 7.19
N HIS A 49 11.04 -18.88 6.78
CA HIS A 49 10.67 -18.96 5.34
C HIS A 49 9.28 -18.29 5.13
N ALA A 50 9.28 -16.96 5.13
CA ALA A 50 8.04 -16.17 5.02
C ALA A 50 7.63 -15.86 3.55
N GLN A 51 6.64 -16.61 3.07
CA GLN A 51 6.12 -16.45 1.68
C GLN A 51 5.14 -15.22 1.53
N ARG A 52 4.32 -15.18 0.48
CA ARG A 52 3.64 -13.94 0.03
C ARG A 52 2.65 -13.26 1.02
N TRP A 53 2.56 -11.93 0.95
CA TRP A 53 1.43 -11.15 1.55
C TRP A 53 0.30 -11.10 0.50
N ASP A 54 -0.74 -11.93 0.68
CA ASP A 54 -1.90 -12.02 -0.27
C ASP A 54 -3.24 -11.36 0.23
N TYR A 55 -3.18 -10.42 1.17
CA TYR A 55 -4.15 -10.39 2.29
C TYR A 55 -4.85 -8.99 2.39
N THR A 56 -6.16 -9.03 2.64
CA THR A 56 -7.00 -7.81 2.58
C THR A 56 -6.95 -6.99 3.90
N SER A 57 -6.45 -5.74 3.84
CA SER A 57 -6.82 -4.72 4.86
C SER A 57 -8.20 -4.08 4.55
N THR A 58 -8.97 -3.75 5.60
CA THR A 58 -10.23 -2.97 5.47
C THR A 58 -10.49 -2.10 6.75
N GLN A 59 -11.64 -1.43 6.78
CA GLN A 59 -12.14 -0.66 7.96
C GLN A 59 -11.38 0.67 8.25
N ARG A 60 -11.86 1.42 9.26
CA ARG A 60 -11.32 2.74 9.62
C ARG A 60 -9.99 2.66 10.41
N VAL A 61 -8.86 2.97 9.75
CA VAL A 61 -7.56 3.17 10.44
C VAL A 61 -7.51 4.43 11.35
N ASP A 62 -7.81 5.63 10.81
CA ASP A 62 -7.71 6.92 11.56
C ASP A 62 -9.03 7.76 11.47
N ARG A 63 -9.05 8.84 12.25
CA ARG A 63 -10.01 9.97 12.07
C ARG A 63 -9.95 10.69 10.68
N LEU A 64 -8.76 10.92 10.08
CA LEU A 64 -8.62 11.35 8.67
C LEU A 64 -8.75 10.21 7.61
N ALA A 65 -7.98 9.12 7.74
CA ALA A 65 -8.01 7.98 6.80
C ALA A 65 -9.10 6.94 7.18
N ARG A 66 -10.28 7.11 6.57
CA ARG A 66 -11.53 6.46 7.05
C ARG A 66 -11.88 5.03 6.50
N THR A 67 -11.29 4.58 5.39
CA THR A 67 -11.56 3.23 4.82
C THR A 67 -10.21 2.67 4.22
N GLU A 68 -9.62 1.67 4.88
CA GLU A 68 -8.23 1.22 4.56
C GLU A 68 -8.20 -0.04 3.65
N ILE A 69 -8.71 0.09 2.41
CA ILE A 69 -9.05 -1.08 1.54
C ILE A 69 -7.81 -1.51 0.67
N LYS A 70 -7.06 -2.54 1.09
CA LYS A 70 -5.80 -2.92 0.39
C LYS A 70 -5.60 -4.47 0.43
N ASN A 71 -5.99 -5.15 -0.66
CA ASN A 71 -5.48 -6.53 -0.94
C ASN A 71 -4.27 -6.46 -1.93
N PHE A 72 -3.09 -6.13 -1.40
CA PHE A 72 -1.84 -6.02 -2.20
C PHE A 72 -1.13 -7.40 -2.22
N THR A 73 -1.38 -8.21 -3.27
CA THR A 73 -0.74 -9.55 -3.39
C THR A 73 0.74 -9.42 -3.85
N VAL A 74 1.65 -9.54 -2.88
CA VAL A 74 3.10 -9.30 -3.08
C VAL A 74 3.92 -10.54 -2.64
N PHE A 75 4.75 -11.02 -3.56
CA PHE A 75 5.54 -12.26 -3.38
C PHE A 75 6.91 -11.98 -2.71
N PHE A 76 7.25 -12.85 -1.76
CA PHE A 76 8.54 -12.81 -1.04
C PHE A 76 9.17 -14.24 -1.07
N GLU A 77 10.51 -14.33 -1.11
CA GLU A 77 11.20 -15.59 -0.67
C GLU A 77 11.15 -15.79 0.88
N ASN A 78 11.74 -14.86 1.61
CA ASN A 78 11.62 -14.72 3.08
C ASN A 78 11.49 -13.20 3.41
N GLU A 79 12.56 -12.40 3.18
CA GLU A 79 12.47 -10.92 3.19
C GLU A 79 12.40 -10.28 1.77
N GLN A 80 13.23 -10.66 0.78
CA GLN A 80 13.41 -9.84 -0.45
C GLN A 80 12.25 -9.97 -1.45
N VAL A 81 11.84 -8.84 -2.03
CA VAL A 81 10.53 -8.71 -2.70
C VAL A 81 10.63 -9.14 -4.20
N VAL A 82 9.69 -9.98 -4.63
CA VAL A 82 9.73 -10.66 -5.96
C VAL A 82 8.84 -9.87 -6.98
N ARG A 83 7.50 -9.84 -6.80
CA ARG A 83 6.61 -8.94 -7.60
C ARG A 83 5.25 -8.68 -6.88
N TRP A 84 4.66 -7.51 -7.11
CA TRP A 84 3.39 -7.08 -6.46
C TRP A 84 2.25 -6.75 -7.47
N GLU A 85 1.08 -7.36 -7.21
CA GLU A 85 -0.21 -7.05 -7.86
C GLU A 85 -1.32 -8.00 -7.31
N GLY A 86 -2.39 -7.41 -6.77
CA GLY A 86 -3.69 -8.08 -6.60
C GLY A 86 -4.80 -7.12 -7.08
N ASP A 87 -5.42 -6.42 -6.13
CA ASP A 87 -5.85 -5.01 -6.35
C ASP A 87 -6.00 -4.33 -4.95
N TYR A 88 -5.38 -3.16 -4.81
CA TYR A 88 -5.23 -2.47 -3.52
C TYR A 88 -5.83 -1.03 -3.42
N PHE A 89 -6.81 -0.65 -4.27
CA PHE A 89 -7.38 0.74 -4.29
C PHE A 89 -6.28 1.84 -4.50
N PRO A 90 -5.66 2.03 -5.71
CA PRO A 90 -4.38 2.83 -5.82
C PRO A 90 -4.47 4.38 -5.86
N SER A 91 -5.21 4.92 -4.88
CA SER A 91 -5.22 6.34 -4.46
C SER A 91 -6.25 6.42 -3.29
N GLN A 92 -5.75 6.47 -2.04
CA GLN A 92 -6.54 6.89 -0.85
C GLN A 92 -6.13 8.31 -0.35
N ASP A 93 -6.25 9.29 -1.24
CA ASP A 93 -5.49 10.56 -1.15
C ASP A 93 -6.19 11.60 -2.08
N GLU A 94 -7.00 12.44 -1.45
CA GLU A 94 -8.13 13.16 -2.11
C GLU A 94 -7.89 14.25 -3.22
N GLN A 95 -6.65 14.40 -3.69
CA GLN A 95 -6.39 14.96 -5.05
C GLN A 95 -6.11 13.74 -5.97
N LEU A 96 -7.17 13.11 -6.49
CA LEU A 96 -7.16 11.63 -6.71
C LEU A 96 -6.42 11.16 -8.00
N ALA A 97 -5.08 11.14 -7.94
CA ALA A 97 -4.22 10.74 -9.08
C ALA A 97 -4.05 9.19 -9.18
N LYS A 98 -5.08 8.54 -9.74
CA LYS A 98 -5.25 7.07 -9.60
C LYS A 98 -4.75 6.30 -10.86
N ALA A 99 -3.42 6.23 -11.00
CA ALA A 99 -2.76 5.68 -12.19
C ALA A 99 -2.18 4.26 -11.91
N ALA A 100 -2.71 3.26 -12.64
CA ALA A 100 -2.39 1.84 -12.38
C ALA A 100 -1.60 1.15 -13.54
N PRO A 101 -0.25 1.02 -13.49
CA PRO A 101 0.52 0.14 -14.42
C PRO A 101 0.43 -1.36 -14.00
N LYS A 102 -0.68 -1.99 -14.40
CA LYS A 102 -1.19 -3.24 -13.77
C LYS A 102 -0.28 -4.49 -14.00
N GLN A 103 0.31 -5.01 -12.92
CA GLN A 103 1.43 -6.01 -12.99
C GLN A 103 0.97 -7.48 -12.86
N PHE A 104 0.25 -7.96 -13.88
CA PHE A 104 0.06 -9.42 -14.12
C PHE A 104 0.81 -9.81 -15.44
N GLY A 105 2.14 -9.87 -15.34
CA GLY A 105 3.02 -10.08 -16.51
C GLY A 105 3.52 -8.78 -17.15
N ARG A 106 2.64 -8.10 -17.90
CA ARG A 106 2.97 -6.82 -18.56
C ARG A 106 2.61 -5.62 -17.63
N ASN A 107 3.63 -5.05 -16.97
CA ASN A 107 3.45 -3.93 -15.98
C ASN A 107 3.20 -2.52 -16.58
N LEU A 108 2.10 -2.41 -17.33
CA LEU A 108 1.65 -1.16 -17.98
C LEU A 108 0.20 -1.42 -18.53
N ALA A 109 -0.81 -0.67 -18.05
CA ALA A 109 -2.19 -0.78 -18.58
C ALA A 109 -2.42 0.09 -19.84
N ARG A 110 -2.56 1.43 -19.71
CA ARG A 110 -2.85 2.33 -20.86
C ARG A 110 -1.53 2.89 -21.46
N ASP A 111 -1.05 2.25 -22.53
CA ASP A 111 0.17 2.68 -23.26
C ASP A 111 -0.08 3.79 -24.32
N LYS A 112 0.93 3.99 -25.19
CA LYS A 112 0.80 4.84 -26.41
C LYS A 112 0.05 4.05 -27.54
N LYS A 113 -1.27 3.97 -27.36
CA LYS A 113 -2.13 3.01 -28.11
C LYS A 113 -2.48 3.44 -29.57
N LYS A 114 -1.49 3.30 -30.46
CA LYS A 114 -1.71 3.22 -31.92
C LYS A 114 -0.67 2.20 -32.48
N GLN A 115 -1.15 1.01 -32.85
CA GLN A 115 -0.31 -0.06 -33.44
C GLN A 115 -0.90 -0.54 -34.79
N ARG A 116 -1.08 -1.84 -35.01
CA ARG A 116 -1.68 -2.41 -36.24
C ARG A 116 -2.36 -3.76 -35.86
N GLY A 117 -3.69 -3.83 -36.01
CA GLY A 117 -4.43 -5.10 -35.89
C GLY A 117 -4.16 -6.15 -37.00
N ARG A 118 -4.50 -5.77 -38.24
CA ARG A 118 -3.89 -6.40 -39.45
C ARG A 118 -2.62 -5.63 -39.91
N MET A 1 -7.09 17.42 -12.34
CA MET A 1 -5.76 18.00 -12.02
C MET A 1 -5.05 18.55 -13.30
N ALA A 2 -4.44 17.69 -14.14
CA ALA A 2 -3.72 18.14 -15.35
C ALA A 2 -4.20 17.37 -16.62
N GLY A 3 -4.47 18.10 -17.71
CA GLY A 3 -4.77 17.49 -19.02
C GLY A 3 -3.57 16.90 -19.79
N SER A 4 -2.54 17.70 -20.05
CA SER A 4 -1.24 17.20 -20.55
C SER A 4 -0.11 18.18 -20.11
N GLY A 5 0.43 17.95 -18.90
CA GLY A 5 1.41 18.85 -18.28
C GLY A 5 1.30 18.85 -16.75
N ILE A 6 1.95 17.88 -16.09
CA ILE A 6 1.77 17.65 -14.61
C ILE A 6 2.65 18.56 -13.72
N ILE A 7 2.28 19.85 -13.65
CA ILE A 7 2.92 20.85 -12.74
C ILE A 7 2.19 20.90 -11.36
N TYR A 8 2.40 19.85 -10.55
CA TYR A 8 1.61 19.62 -9.32
C TYR A 8 2.54 19.05 -8.20
N LYS A 9 2.85 19.89 -7.21
CA LYS A 9 3.29 19.41 -5.86
C LYS A 9 2.61 20.37 -4.83
N GLN A 10 1.35 20.08 -4.49
CA GLN A 10 0.46 21.06 -3.81
C GLN A 10 0.55 21.04 -2.25
N PRO A 11 0.11 22.08 -1.49
CA PRO A 11 0.03 22.01 0.01
C PRO A 11 -1.19 21.20 0.58
N ILE A 12 -1.22 19.91 0.24
CA ILE A 12 -2.32 18.97 0.60
C ILE A 12 -1.78 17.52 0.42
N TYR A 13 -1.22 16.94 1.48
CA TYR A 13 -0.36 15.73 1.35
C TYR A 13 -1.16 14.40 1.44
N GLN A 14 -1.78 14.10 0.29
CA GLN A 14 -2.50 12.85 0.00
C GLN A 14 -1.75 11.49 0.16
N GLY A 15 -0.51 11.38 -0.33
CA GLY A 15 0.16 10.07 -0.52
C GLY A 15 0.68 9.36 0.73
N ASN A 16 -0.20 8.55 1.35
CA ASN A 16 0.07 7.89 2.64
C ASN A 16 -0.02 6.33 2.57
N LEU A 17 -1.10 5.76 2.02
CA LEU A 17 -1.37 4.30 2.03
C LEU A 17 -1.12 3.72 0.60
N ILE A 18 -2.08 3.73 -0.34
CA ILE A 18 -1.79 3.48 -1.77
C ILE A 18 -1.61 4.87 -2.48
N LYS A 19 -0.36 5.33 -2.47
CA LYS A 19 0.12 6.32 -3.48
C LYS A 19 0.59 5.53 -4.74
N GLN A 20 -0.33 5.25 -5.67
CA GLN A 20 -0.10 4.24 -6.74
C GLN A 20 1.11 4.46 -7.69
N ASN A 21 1.41 5.69 -8.10
CA ASN A 21 2.67 6.01 -8.82
C ASN A 21 4.00 5.94 -7.97
N ALA A 22 3.96 6.16 -6.64
CA ALA A 22 5.04 5.66 -5.75
C ALA A 22 5.13 4.10 -5.59
N VAL A 23 4.02 3.34 -5.69
CA VAL A 23 4.06 1.86 -5.84
C VAL A 23 4.75 1.35 -7.16
N GLU A 24 4.53 2.04 -8.30
CA GLU A 24 5.41 1.92 -9.50
C GLU A 24 6.92 2.28 -9.25
N GLN A 25 7.18 3.48 -8.70
CA GLN A 25 8.56 3.98 -8.49
C GLN A 25 9.39 3.32 -7.34
N LEU A 26 8.77 2.71 -6.31
CA LEU A 26 9.47 1.88 -5.31
C LEU A 26 10.26 0.67 -5.88
N GLN A 27 9.61 -0.12 -6.76
CA GLN A 27 10.11 -1.40 -7.33
C GLN A 27 11.19 -2.19 -6.54
N VAL A 28 10.78 -2.67 -5.36
CA VAL A 28 11.72 -3.24 -4.34
C VAL A 28 11.93 -4.76 -4.62
N GLY A 29 13.20 -5.20 -4.63
CA GLY A 29 13.56 -6.63 -4.53
C GLY A 29 14.52 -6.94 -3.36
N GLN A 30 14.11 -6.59 -2.12
CA GLN A 30 15.03 -6.57 -0.95
C GLN A 30 14.38 -7.02 0.41
N SER A 31 13.21 -6.49 0.80
CA SER A 31 12.62 -6.76 2.15
C SER A 31 11.08 -6.62 2.15
N LYS A 32 10.42 -7.42 3.01
CA LYS A 32 8.98 -7.21 3.36
C LYS A 32 8.66 -5.92 4.15
N GLN A 33 9.46 -5.59 5.17
CA GLN A 33 9.32 -4.35 5.97
C GLN A 33 9.50 -3.01 5.22
N GLN A 34 10.44 -2.91 4.27
CA GLN A 34 10.58 -1.73 3.39
C GLN A 34 9.33 -1.45 2.49
N VAL A 35 8.83 -2.44 1.73
CA VAL A 35 7.53 -2.29 0.98
C VAL A 35 6.26 -2.13 1.87
N SER A 36 6.14 -2.86 3.00
CA SER A 36 5.04 -2.64 3.99
C SER A 36 5.05 -1.27 4.73
N ALA A 37 6.23 -0.75 5.13
CA ALA A 37 6.34 0.64 5.67
C ALA A 37 6.00 1.78 4.67
N LEU A 38 6.44 1.70 3.40
CA LEU A 38 5.97 2.63 2.33
C LEU A 38 4.43 2.55 1.99
N LEU A 39 3.87 1.34 1.89
CA LEU A 39 2.40 1.13 1.76
C LEU A 39 1.50 1.33 3.04
N GLY A 40 2.11 1.32 4.23
CA GLY A 40 1.44 1.59 5.51
C GLY A 40 0.87 0.37 6.23
N THR A 41 1.73 -0.56 6.65
CA THR A 41 1.30 -1.89 7.21
C THR A 41 2.54 -2.54 7.95
N PRO A 42 2.42 -3.13 9.17
CA PRO A 42 3.58 -3.81 9.84
C PRO A 42 4.10 -5.09 9.15
N SER A 43 5.36 -5.44 9.45
CA SER A 43 6.02 -6.64 8.93
C SER A 43 5.62 -7.94 9.67
N ILE A 44 5.66 -9.03 8.91
CA ILE A 44 5.25 -10.38 9.38
C ILE A 44 6.48 -11.36 9.45
N PRO A 45 7.19 -11.51 10.61
CA PRO A 45 8.26 -12.55 10.75
C PRO A 45 7.68 -13.93 11.16
N ASP A 46 7.28 -14.72 10.14
CA ASP A 46 6.63 -16.05 10.35
C ASP A 46 7.64 -17.10 10.94
N PRO A 47 7.45 -17.69 12.15
CA PRO A 47 8.43 -18.68 12.72
C PRO A 47 8.51 -20.08 12.05
N PHE A 48 7.59 -20.42 11.12
CA PHE A 48 7.80 -21.53 10.17
C PHE A 48 8.81 -21.16 9.04
N HIS A 49 8.45 -20.21 8.15
CA HIS A 49 9.38 -19.62 7.16
C HIS A 49 8.84 -18.21 6.81
N ALA A 50 9.56 -17.14 7.19
CA ALA A 50 9.07 -15.75 7.04
C ALA A 50 8.93 -15.26 5.58
N GLN A 51 7.71 -15.31 5.02
CA GLN A 51 7.48 -15.27 3.56
C GLN A 51 6.28 -14.32 3.23
N ARG A 52 5.37 -14.73 2.34
CA ARG A 52 4.39 -13.85 1.67
C ARG A 52 3.38 -13.09 2.58
N TRP A 53 3.11 -11.83 2.22
CA TRP A 53 2.04 -11.01 2.87
C TRP A 53 0.82 -11.05 1.93
N ASP A 54 -0.16 -11.91 2.26
CA ASP A 54 -1.30 -12.19 1.33
C ASP A 54 -2.56 -11.28 1.39
N TYR A 55 -2.61 -10.30 2.28
CA TYR A 55 -3.89 -9.88 2.91
C TYR A 55 -4.66 -8.75 2.13
N THR A 56 -5.99 -8.88 2.11
CA THR A 56 -6.89 -7.74 1.79
C THR A 56 -7.19 -6.91 3.06
N SER A 57 -6.94 -5.60 2.98
CA SER A 57 -7.62 -4.62 3.85
C SER A 57 -8.93 -4.14 3.17
N THR A 58 -10.06 -4.20 3.88
CA THR A 58 -11.36 -3.66 3.37
C THR A 58 -12.29 -3.20 4.53
N GLN A 59 -12.88 -2.00 4.37
CA GLN A 59 -13.63 -1.28 5.44
C GLN A 59 -12.91 -1.26 6.81
N ARG A 60 -13.57 -1.76 7.83
CA ARG A 60 -12.96 -2.06 9.15
C ARG A 60 -12.97 -3.59 9.49
N VAL A 61 -12.35 -4.40 8.62
CA VAL A 61 -12.19 -5.87 8.84
C VAL A 61 -10.99 -6.21 9.76
N ASP A 62 -9.79 -5.72 9.42
CA ASP A 62 -8.55 -5.87 10.24
C ASP A 62 -8.11 -4.60 11.05
N ARG A 63 -9.02 -3.64 11.25
CA ARG A 63 -8.66 -2.23 11.53
C ARG A 63 -9.82 -1.55 12.34
N LEU A 64 -9.66 -1.38 13.66
CA LEU A 64 -10.76 -0.90 14.55
C LEU A 64 -11.15 0.61 14.47
N ALA A 65 -10.19 1.53 14.39
CA ALA A 65 -10.47 2.98 14.16
C ALA A 65 -9.76 3.53 12.88
N ARG A 66 -10.03 2.90 11.73
CA ARG A 66 -9.22 3.06 10.49
C ARG A 66 -9.99 2.32 9.34
N THR A 67 -10.92 3.03 8.68
CA THR A 67 -11.60 2.51 7.45
C THR A 67 -10.63 2.57 6.23
N GLU A 68 -10.32 1.40 5.65
CA GLU A 68 -9.14 1.25 4.75
C GLU A 68 -9.40 0.13 3.71
N ILE A 69 -9.40 0.48 2.41
CA ILE A 69 -9.54 -0.52 1.32
C ILE A 69 -8.20 -0.54 0.49
N LYS A 70 -7.44 -1.64 0.59
CA LYS A 70 -6.20 -1.84 -0.19
C LYS A 70 -5.89 -3.36 -0.28
N ASN A 71 -6.02 -3.92 -1.49
CA ASN A 71 -6.10 -5.40 -1.69
C ASN A 71 -4.75 -5.88 -2.32
N PHE A 72 -3.83 -6.36 -1.47
CA PHE A 72 -2.40 -6.55 -1.87
C PHE A 72 -1.83 -7.92 -1.41
N THR A 73 -1.61 -8.84 -2.36
CA THR A 73 -0.96 -10.16 -2.08
C THR A 73 0.47 -10.13 -2.72
N VAL A 74 1.50 -10.19 -1.88
CA VAL A 74 2.92 -10.06 -2.31
C VAL A 74 3.77 -11.24 -1.76
N PHE A 75 4.55 -11.85 -2.65
CA PHE A 75 5.39 -13.03 -2.34
C PHE A 75 6.86 -12.63 -2.04
N PHE A 76 7.44 -13.28 -1.03
CA PHE A 76 8.84 -13.03 -0.59
C PHE A 76 9.62 -14.37 -0.46
N GLU A 77 10.91 -14.35 -0.82
CA GLU A 77 11.77 -15.56 -0.82
C GLU A 77 12.13 -16.04 0.62
N ASN A 78 12.84 -15.19 1.37
CA ASN A 78 12.52 -14.97 2.82
C ASN A 78 12.21 -13.45 2.98
N GLU A 79 13.22 -12.57 2.85
CA GLU A 79 13.01 -11.11 2.70
C GLU A 79 12.86 -10.61 1.24
N GLN A 80 13.67 -11.07 0.26
CA GLN A 80 13.75 -10.43 -1.07
C GLN A 80 12.53 -10.74 -1.98
N VAL A 81 12.01 -9.70 -2.63
CA VAL A 81 10.62 -9.73 -3.19
C VAL A 81 10.56 -10.55 -4.51
N VAL A 82 9.53 -11.39 -4.60
CA VAL A 82 9.30 -12.31 -5.74
C VAL A 82 8.30 -11.65 -6.74
N ARG A 83 7.04 -11.42 -6.32
CA ARG A 83 6.04 -10.69 -7.14
C ARG A 83 4.80 -10.22 -6.31
N TRP A 84 4.26 -9.04 -6.64
CA TRP A 84 2.98 -8.54 -6.10
C TRP A 84 1.82 -8.49 -7.13
N GLU A 85 0.63 -8.84 -6.63
CA GLU A 85 -0.66 -8.52 -7.30
C GLU A 85 -1.39 -7.44 -6.45
N GLY A 86 -1.69 -6.30 -7.09
CA GLY A 86 -2.43 -5.20 -6.45
C GLY A 86 -3.80 -4.98 -7.08
N ASP A 87 -4.85 -5.38 -6.36
CA ASP A 87 -6.27 -5.12 -6.73
C ASP A 87 -6.75 -3.82 -6.02
N TYR A 88 -6.14 -2.69 -6.39
CA TYR A 88 -6.07 -1.52 -5.49
C TYR A 88 -7.38 -0.64 -5.54
N PHE A 89 -7.61 0.13 -4.47
CA PHE A 89 -8.58 1.26 -4.49
C PHE A 89 -7.76 2.59 -4.32
N PRO A 90 -7.19 3.23 -5.38
CA PRO A 90 -6.17 4.32 -5.21
C PRO A 90 -6.75 5.75 -5.09
N SER A 91 -7.47 6.01 -3.99
CA SER A 91 -8.10 7.34 -3.74
C SER A 91 -7.17 8.40 -3.04
N GLN A 92 -5.91 8.48 -3.48
CA GLN A 92 -4.87 9.36 -2.90
C GLN A 92 -3.58 9.42 -3.77
N ASP A 93 -3.67 10.00 -4.97
CA ASP A 93 -2.52 10.12 -5.89
C ASP A 93 -2.63 11.40 -6.79
N GLU A 94 -1.97 12.47 -6.34
CA GLU A 94 -1.55 13.61 -7.19
C GLU A 94 -0.31 13.23 -8.07
N GLN A 95 -0.59 12.52 -9.18
CA GLN A 95 0.43 12.17 -10.20
C GLN A 95 -0.30 11.59 -11.46
N LEU A 96 -0.45 12.40 -12.52
CA LEU A 96 -0.82 11.90 -13.87
C LEU A 96 0.37 11.09 -14.49
N ALA A 97 0.12 9.79 -14.77
CA ALA A 97 1.14 8.74 -14.58
C ALA A 97 2.34 8.71 -15.58
N LYS A 98 3.54 9.03 -15.07
CA LYS A 98 4.82 8.62 -15.69
C LYS A 98 5.27 7.18 -15.25
N ALA A 99 6.07 6.52 -16.11
CA ALA A 99 6.88 5.34 -15.72
C ALA A 99 8.35 5.75 -15.42
N ALA A 100 8.89 5.28 -14.30
CA ALA A 100 10.27 5.61 -13.88
C ALA A 100 11.39 4.76 -14.58
N PRO A 101 12.57 5.31 -14.98
CA PRO A 101 13.69 4.49 -15.58
C PRO A 101 14.47 3.67 -14.50
N LYS A 102 13.88 2.55 -14.11
CA LYS A 102 14.22 1.86 -12.84
C LYS A 102 15.11 0.62 -13.07
N GLN A 103 16.43 0.79 -12.92
CA GLN A 103 17.41 -0.36 -12.95
C GLN A 103 17.57 -1.16 -11.61
N PHE A 104 16.43 -1.54 -11.01
CA PHE A 104 16.33 -2.33 -9.76
C PHE A 104 14.81 -2.62 -9.56
N GLY A 105 14.36 -3.82 -9.94
CA GLY A 105 12.94 -4.19 -9.79
C GLY A 105 12.65 -5.68 -9.99
N ARG A 106 12.73 -6.48 -8.91
CA ARG A 106 12.38 -7.93 -8.99
C ARG A 106 10.88 -8.16 -8.68
N ASN A 107 10.04 -8.00 -9.71
CA ASN A 107 8.57 -8.19 -9.60
C ASN A 107 8.04 -8.78 -10.94
N LEU A 108 7.84 -10.11 -10.99
CA LEU A 108 7.16 -10.78 -12.13
C LEU A 108 5.62 -10.80 -11.90
N ALA A 109 4.95 -9.66 -12.19
CA ALA A 109 3.54 -9.45 -11.77
C ALA A 109 2.50 -10.20 -12.66
N ARG A 110 2.12 -11.36 -12.13
CA ARG A 110 1.35 -12.38 -12.87
C ARG A 110 0.30 -13.03 -11.93
N ASP A 111 -1.00 -12.76 -12.18
CA ASP A 111 -2.09 -13.73 -11.88
C ASP A 111 -3.38 -13.48 -12.74
N LYS A 112 -4.26 -14.49 -12.73
CA LYS A 112 -5.67 -14.34 -13.20
C LYS A 112 -6.68 -14.79 -12.09
N LYS A 113 -6.69 -14.05 -10.98
CA LYS A 113 -7.38 -14.41 -9.70
C LYS A 113 -7.33 -13.15 -8.81
N LYS A 114 -8.47 -12.71 -8.24
CA LYS A 114 -8.52 -11.46 -7.42
C LYS A 114 -7.77 -11.57 -6.06
N GLN A 115 -8.40 -12.05 -4.96
CA GLN A 115 -7.65 -12.47 -3.73
C GLN A 115 -8.46 -13.66 -3.09
N ARG A 116 -8.78 -13.63 -1.79
CA ARG A 116 -9.63 -14.64 -1.11
C ARG A 116 -10.24 -14.07 0.23
N GLY A 117 -11.02 -13.00 0.13
CA GLY A 117 -11.68 -12.36 1.30
C GLY A 117 -10.83 -11.36 2.11
N ARG A 118 -10.08 -11.88 3.09
CA ARG A 118 -9.23 -11.06 4.00
C ARG A 118 -7.80 -11.68 4.04
N MET A 1 17.08 -14.52 -4.36
CA MET A 1 18.23 -13.57 -4.34
C MET A 1 17.72 -12.09 -4.50
N ALA A 2 18.29 -11.15 -3.72
CA ALA A 2 17.76 -9.77 -3.62
C ALA A 2 18.16 -8.83 -4.80
N GLY A 3 17.20 -8.56 -5.70
CA GLY A 3 17.37 -7.53 -6.75
C GLY A 3 16.97 -6.11 -6.33
N SER A 4 17.82 -5.45 -5.55
CA SER A 4 17.45 -4.19 -4.85
C SER A 4 17.86 -2.91 -5.62
N GLY A 5 16.94 -2.38 -6.42
CA GLY A 5 17.02 -0.97 -6.92
C GLY A 5 16.20 0.03 -6.08
N ILE A 6 16.56 0.19 -4.80
CA ILE A 6 15.59 0.64 -3.76
C ILE A 6 15.41 2.18 -3.62
N ILE A 7 14.71 2.77 -4.60
CA ILE A 7 14.42 4.23 -4.64
C ILE A 7 13.02 4.53 -4.02
N TYR A 8 13.02 4.74 -2.70
CA TYR A 8 11.78 4.86 -1.87
C TYR A 8 10.83 6.04 -2.28
N LYS A 9 9.53 5.76 -2.31
CA LYS A 9 8.48 6.78 -2.59
C LYS A 9 7.57 6.90 -1.32
N GLN A 10 7.44 8.11 -0.77
CA GLN A 10 6.60 8.35 0.44
C GLN A 10 5.34 9.17 0.03
N PRO A 11 4.11 8.60 -0.14
CA PRO A 11 2.97 9.33 -0.80
C PRO A 11 2.13 10.23 0.15
N ILE A 12 2.56 11.49 0.28
CA ILE A 12 1.86 12.52 1.12
C ILE A 12 0.74 13.26 0.33
N TYR A 13 -0.46 12.65 0.33
CA TYR A 13 -1.62 13.11 -0.45
C TYR A 13 -2.94 12.98 0.40
N GLN A 14 -4.01 13.54 -0.13
CA GLN A 14 -5.41 13.19 0.24
C GLN A 14 -5.76 11.68 0.28
N GLY A 15 -5.68 10.97 -0.86
CA GLY A 15 -5.50 9.50 -0.87
C GLY A 15 -4.02 9.10 -0.76
N ASN A 16 -3.55 8.99 0.49
CA ASN A 16 -2.11 8.86 0.81
C ASN A 16 -1.51 7.44 0.58
N LEU A 17 -1.78 6.45 1.45
CA LEU A 17 -1.01 5.18 1.47
C LEU A 17 -0.96 4.35 0.13
N ILE A 18 -2.11 3.93 -0.42
CA ILE A 18 -2.14 3.17 -1.71
C ILE A 18 -2.22 4.15 -2.92
N LYS A 19 -1.19 4.12 -3.78
CA LYS A 19 -1.20 4.89 -5.05
C LYS A 19 -0.40 4.10 -6.15
N GLN A 20 -1.07 3.44 -7.11
CA GLN A 20 -0.38 2.52 -8.08
C GLN A 20 0.30 3.19 -9.32
N ASN A 21 1.19 4.13 -9.00
CA ASN A 21 2.41 4.44 -9.80
C ASN A 21 3.61 4.76 -8.83
N ALA A 22 3.42 5.49 -7.72
CA ALA A 22 4.34 5.41 -6.55
C ALA A 22 4.60 4.00 -5.92
N VAL A 23 3.58 3.12 -5.85
CA VAL A 23 3.75 1.69 -5.49
C VAL A 23 4.51 0.83 -6.56
N GLU A 24 4.37 1.09 -7.86
CA GLU A 24 5.35 0.64 -8.88
C GLU A 24 6.80 1.21 -8.69
N GLN A 25 6.93 2.55 -8.63
CA GLN A 25 8.26 3.23 -8.63
C GLN A 25 9.02 3.32 -7.27
N LEU A 26 8.45 2.85 -6.13
CA LEU A 26 9.25 2.45 -4.93
C LEU A 26 10.38 1.39 -5.14
N GLN A 27 10.19 0.44 -6.08
CA GLN A 27 11.24 -0.54 -6.51
C GLN A 27 12.02 -1.29 -5.39
N VAL A 28 11.28 -1.88 -4.45
CA VAL A 28 11.87 -2.65 -3.32
C VAL A 28 12.07 -4.13 -3.78
N GLY A 29 13.31 -4.61 -3.74
CA GLY A 29 13.63 -6.05 -3.90
C GLY A 29 14.58 -6.58 -2.82
N GLN A 30 14.17 -6.43 -1.55
CA GLN A 30 15.13 -6.44 -0.40
C GLN A 30 14.45 -6.82 0.96
N SER A 31 13.32 -6.20 1.31
CA SER A 31 12.86 -6.10 2.72
C SER A 31 11.32 -6.05 2.83
N LYS A 32 10.75 -7.12 3.39
CA LYS A 32 9.29 -7.32 3.55
C LYS A 32 8.54 -6.25 4.42
N GLN A 33 9.11 -5.96 5.59
CA GLN A 33 8.65 -4.89 6.50
C GLN A 33 8.84 -3.42 6.04
N GLN A 34 9.78 -3.11 5.12
CA GLN A 34 9.85 -1.78 4.49
C GLN A 34 8.74 -1.52 3.43
N VAL A 35 8.48 -2.41 2.45
CA VAL A 35 7.31 -2.28 1.54
C VAL A 35 5.92 -2.28 2.24
N SER A 36 5.67 -3.19 3.19
CA SER A 36 4.46 -3.15 4.05
C SER A 36 4.31 -1.96 5.04
N ALA A 37 5.39 -1.38 5.57
CA ALA A 37 5.32 -0.07 6.28
C ALA A 37 5.10 1.18 5.37
N LEU A 38 5.75 1.26 4.20
CA LEU A 38 5.39 2.25 3.14
C LEU A 38 3.91 2.19 2.61
N LEU A 39 3.38 0.98 2.42
CA LEU A 39 1.94 0.77 2.14
C LEU A 39 0.96 0.86 3.37
N GLY A 40 1.43 0.55 4.59
CA GLY A 40 0.61 0.59 5.82
C GLY A 40 -0.14 -0.71 6.11
N THR A 41 0.57 -1.77 6.56
CA THR A 41 -0.06 -3.09 6.85
C THR A 41 0.83 -3.98 7.79
N PRO A 42 0.32 -4.62 8.90
CA PRO A 42 1.09 -5.64 9.68
C PRO A 42 1.36 -6.96 8.90
N SER A 43 2.56 -7.51 9.07
CA SER A 43 3.19 -8.40 8.05
C SER A 43 3.29 -9.90 8.52
N ILE A 44 4.27 -10.64 7.97
CA ILE A 44 4.48 -12.08 8.25
C ILE A 44 5.91 -12.20 8.90
N PRO A 45 6.11 -12.10 10.24
CA PRO A 45 7.48 -12.00 10.85
C PRO A 45 8.18 -13.35 11.15
N ASP A 46 8.51 -14.08 10.07
CA ASP A 46 9.05 -15.45 10.14
C ASP A 46 10.55 -15.48 9.70
N PRO A 47 11.55 -15.82 10.57
CA PRO A 47 12.95 -16.07 10.12
C PRO A 47 13.25 -17.40 9.36
N PHE A 48 12.37 -18.42 9.45
CA PHE A 48 12.50 -19.69 8.69
C PHE A 48 12.03 -19.56 7.21
N HIS A 49 10.74 -19.31 6.94
CA HIS A 49 10.24 -19.05 5.56
C HIS A 49 9.02 -18.08 5.60
N ALA A 50 9.31 -16.77 5.54
CA ALA A 50 8.28 -15.73 5.39
C ALA A 50 7.75 -15.65 3.92
N GLN A 51 6.61 -16.28 3.72
CA GLN A 51 6.00 -16.47 2.37
C GLN A 51 5.12 -15.24 1.96
N ARG A 52 4.33 -15.37 0.88
CA ARG A 52 3.60 -14.24 0.28
C ARG A 52 2.53 -13.54 1.19
N TRP A 53 2.45 -12.21 1.07
CA TRP A 53 1.30 -11.42 1.63
C TRP A 53 0.21 -11.37 0.52
N ASP A 54 -0.84 -12.16 0.72
CA ASP A 54 -1.95 -12.38 -0.27
C ASP A 54 -3.32 -12.28 0.47
N TYR A 55 -3.64 -11.09 0.98
CA TYR A 55 -4.68 -10.95 2.04
C TYR A 55 -5.47 -9.60 1.92
N THR A 56 -6.78 -9.66 2.25
CA THR A 56 -7.68 -8.48 2.18
C THR A 56 -7.59 -7.61 3.49
N SER A 57 -6.58 -6.73 3.52
CA SER A 57 -6.36 -5.76 4.62
C SER A 57 -7.18 -4.45 4.46
N THR A 58 -7.25 -3.62 5.53
CA THR A 58 -7.91 -2.29 5.47
C THR A 58 -7.42 -1.30 6.59
N GLN A 59 -7.40 0.00 6.25
CA GLN A 59 -7.27 1.10 7.26
C GLN A 59 -8.24 2.29 6.93
N ARG A 60 -8.24 3.35 7.76
CA ARG A 60 -8.72 4.70 7.32
C ARG A 60 -7.52 5.56 6.84
N VAL A 61 -7.61 6.08 5.61
CA VAL A 61 -6.52 6.84 4.93
C VAL A 61 -6.68 8.40 4.91
N ASP A 62 -7.88 8.90 4.59
CA ASP A 62 -8.10 10.34 4.25
C ASP A 62 -8.25 11.25 5.51
N ARG A 63 -8.22 12.57 5.28
CA ARG A 63 -8.75 13.56 6.26
C ARG A 63 -10.27 13.40 6.67
N LEU A 64 -11.16 13.10 5.71
CA LEU A 64 -12.53 12.59 5.99
C LEU A 64 -12.54 11.06 6.35
N ALA A 65 -13.71 10.56 6.79
CA ALA A 65 -13.94 9.10 6.95
C ALA A 65 -14.02 8.37 5.58
N ARG A 66 -13.03 7.51 5.29
CA ARG A 66 -12.82 6.92 3.94
C ARG A 66 -11.94 5.65 4.13
N THR A 67 -12.61 4.51 4.18
CA THR A 67 -11.95 3.19 4.38
C THR A 67 -11.16 2.73 3.12
N GLU A 68 -9.86 2.52 3.30
CA GLU A 68 -8.94 2.02 2.25
C GLU A 68 -9.04 0.47 2.16
N ILE A 69 -9.57 -0.06 1.05
CA ILE A 69 -9.74 -1.53 0.86
C ILE A 69 -8.45 -2.08 0.18
N LYS A 70 -7.67 -2.91 0.88
CA LYS A 70 -6.25 -3.16 0.53
C LYS A 70 -6.01 -4.68 0.30
N ASN A 71 -6.49 -5.18 -0.85
CA ASN A 71 -6.19 -6.57 -1.31
C ASN A 71 -4.92 -6.52 -2.21
N PHE A 72 -3.78 -6.80 -1.59
CA PHE A 72 -2.45 -6.76 -2.25
C PHE A 72 -1.80 -8.17 -2.19
N THR A 73 -1.53 -8.78 -3.35
CA THR A 73 -0.84 -10.08 -3.43
C THR A 73 0.64 -9.85 -3.87
N VAL A 74 1.54 -9.87 -2.88
CA VAL A 74 3.00 -9.68 -3.08
C VAL A 74 3.78 -10.93 -2.57
N PHE A 75 4.71 -11.40 -3.41
CA PHE A 75 5.50 -12.63 -3.14
C PHE A 75 6.85 -12.31 -2.44
N PHE A 76 7.10 -12.99 -1.32
CA PHE A 76 8.36 -12.83 -0.54
C PHE A 76 9.16 -14.18 -0.51
N GLU A 77 10.49 -14.11 -0.61
CA GLU A 77 11.38 -15.31 -0.51
C GLU A 77 11.62 -15.71 0.98
N ASN A 78 12.36 -14.89 1.74
CA ASN A 78 12.05 -14.67 3.17
C ASN A 78 11.89 -13.13 3.37
N GLU A 79 13.00 -12.38 3.39
CA GLU A 79 12.97 -10.90 3.39
C GLU A 79 12.72 -10.25 2.00
N GLN A 80 13.34 -10.77 0.92
CA GLN A 80 13.37 -10.05 -0.38
C GLN A 80 12.10 -10.22 -1.23
N VAL A 81 11.76 -9.14 -1.94
CA VAL A 81 10.44 -8.99 -2.58
C VAL A 81 10.53 -9.42 -4.08
N VAL A 82 9.72 -10.40 -4.48
CA VAL A 82 9.78 -10.99 -5.85
C VAL A 82 8.87 -10.18 -6.83
N ARG A 83 7.53 -10.18 -6.64
CA ARG A 83 6.59 -9.47 -7.56
C ARG A 83 5.22 -9.19 -6.87
N TRP A 84 4.57 -8.09 -7.24
CA TRP A 84 3.32 -7.61 -6.61
C TRP A 84 2.14 -7.31 -7.59
N GLU A 85 0.91 -7.53 -7.09
CA GLU A 85 -0.34 -7.08 -7.77
C GLU A 85 -1.37 -6.53 -6.72
N GLY A 86 -2.11 -5.49 -7.11
CA GLY A 86 -3.10 -4.85 -6.21
C GLY A 86 -4.47 -4.58 -6.83
N ASP A 87 -5.49 -5.36 -6.41
CA ASP A 87 -6.91 -4.94 -6.53
C ASP A 87 -7.32 -4.16 -5.24
N TYR A 88 -7.14 -2.84 -5.25
CA TYR A 88 -7.13 -2.03 -3.99
C TYR A 88 -7.62 -0.56 -4.20
N PHE A 89 -8.32 -0.05 -3.18
CA PHE A 89 -8.62 1.39 -2.98
C PHE A 89 -9.24 2.19 -4.17
N PRO A 90 -10.59 2.28 -4.35
CA PRO A 90 -11.21 3.21 -5.36
C PRO A 90 -11.31 4.70 -4.91
N SER A 91 -10.14 5.32 -4.65
CA SER A 91 -9.98 6.78 -4.51
C SER A 91 -8.48 7.23 -4.58
N GLN A 92 -7.82 6.95 -5.72
CA GLN A 92 -6.38 7.27 -5.91
C GLN A 92 -6.25 8.63 -6.66
N ASP A 93 -5.95 9.67 -5.86
CA ASP A 93 -6.11 11.10 -6.24
C ASP A 93 -7.60 11.58 -6.35
N GLU A 94 -8.22 11.79 -5.17
CA GLU A 94 -9.60 12.36 -5.02
C GLU A 94 -10.73 11.78 -5.94
N GLN A 95 -10.79 10.44 -6.01
CA GLN A 95 -11.44 9.71 -7.14
C GLN A 95 -12.56 8.80 -6.60
N LEU A 96 -13.67 9.42 -6.17
CA LEU A 96 -14.73 8.71 -5.39
C LEU A 96 -15.66 7.79 -6.24
N ALA A 97 -15.15 6.59 -6.56
CA ALA A 97 -15.92 5.56 -7.28
C ALA A 97 -16.56 4.54 -6.29
N LYS A 98 -17.80 4.83 -5.88
CA LYS A 98 -18.51 4.00 -4.86
C LYS A 98 -19.14 2.75 -5.52
N ALA A 99 -18.53 1.57 -5.30
CA ALA A 99 -19.01 0.30 -5.90
C ALA A 99 -20.39 -0.17 -5.35
N ALA A 100 -21.42 -0.08 -6.19
CA ALA A 100 -22.82 -0.40 -5.80
C ALA A 100 -23.31 -1.71 -6.48
N PRO A 101 -23.49 -2.86 -5.79
CA PRO A 101 -23.90 -4.14 -6.47
C PRO A 101 -25.43 -4.29 -6.69
N LYS A 102 -25.96 -3.48 -7.63
CA LYS A 102 -27.38 -3.60 -8.07
C LYS A 102 -27.54 -4.77 -9.07
N GLN A 103 -27.99 -5.94 -8.57
CA GLN A 103 -28.14 -7.17 -9.40
C GLN A 103 -29.51 -7.19 -10.20
N PHE A 104 -29.69 -6.20 -11.07
CA PHE A 104 -30.91 -5.98 -11.88
C PHE A 104 -30.50 -5.00 -13.02
N GLY A 105 -30.02 -5.58 -14.13
CA GLY A 105 -29.25 -4.80 -15.15
C GLY A 105 -27.74 -5.01 -15.01
N ARG A 106 -27.15 -4.47 -13.94
CA ARG A 106 -25.73 -4.77 -13.55
C ARG A 106 -25.60 -6.12 -12.76
N ASN A 107 -25.81 -7.23 -13.49
CA ASN A 107 -25.83 -8.59 -12.90
C ASN A 107 -24.41 -9.24 -12.96
N LEU A 108 -23.67 -9.09 -11.86
CA LEU A 108 -22.31 -9.66 -11.70
C LEU A 108 -21.98 -9.74 -10.18
N ALA A 109 -21.73 -10.96 -9.66
CA ALA A 109 -21.28 -11.14 -8.25
C ALA A 109 -19.76 -10.90 -8.05
N ARG A 110 -19.48 -9.60 -7.94
CA ARG A 110 -18.10 -9.06 -7.84
C ARG A 110 -18.12 -7.58 -7.32
N ASP A 111 -17.14 -7.29 -6.47
CA ASP A 111 -16.70 -5.92 -6.12
C ASP A 111 -16.16 -5.03 -7.29
N LYS A 112 -15.84 -3.76 -6.97
CA LYS A 112 -14.97 -2.93 -7.86
C LYS A 112 -14.08 -1.99 -7.00
N LYS A 113 -12.89 -2.49 -6.64
CA LYS A 113 -11.72 -1.63 -6.35
C LYS A 113 -11.05 -1.10 -7.68
N LYS A 114 -10.12 -0.13 -7.56
CA LYS A 114 -9.66 0.72 -8.70
C LYS A 114 -9.22 -0.03 -10.00
N GLN A 115 -8.12 -0.78 -9.97
CA GLN A 115 -7.68 -1.60 -11.13
C GLN A 115 -6.59 -2.62 -10.65
N ARG A 116 -6.79 -3.91 -11.01
CA ARG A 116 -5.68 -4.91 -11.04
C ARG A 116 -4.86 -4.73 -12.36
N GLY A 117 -3.93 -3.77 -12.33
CA GLY A 117 -3.17 -3.34 -13.51
C GLY A 117 -2.36 -2.08 -13.20
N ARG A 118 -2.95 -0.91 -13.37
CA ARG A 118 -2.48 0.34 -12.73
C ARG A 118 -3.68 1.05 -12.04
N MET A 1 15.63 33.71 -12.74
CA MET A 1 14.28 33.37 -13.28
C MET A 1 14.21 31.87 -13.69
N ALA A 2 14.77 31.45 -14.83
CA ALA A 2 14.80 30.03 -15.24
C ALA A 2 16.01 29.28 -14.63
N GLY A 3 15.73 28.34 -13.71
CA GLY A 3 16.78 27.53 -13.04
C GLY A 3 17.17 26.24 -13.78
N SER A 4 16.37 25.18 -13.62
CA SER A 4 16.60 23.89 -14.34
C SER A 4 15.31 23.01 -14.26
N GLY A 5 14.79 22.57 -15.41
CA GLY A 5 13.58 21.71 -15.45
C GLY A 5 13.85 20.21 -15.23
N ILE A 6 14.10 19.83 -13.97
CA ILE A 6 14.46 18.42 -13.61
C ILE A 6 13.21 17.52 -13.42
N ILE A 7 12.68 17.01 -14.54
CA ILE A 7 11.45 16.17 -14.55
C ILE A 7 11.74 14.68 -14.19
N TYR A 8 11.84 14.43 -12.87
CA TYR A 8 12.18 13.10 -12.31
C TYR A 8 11.15 12.66 -11.22
N LYS A 9 10.72 11.40 -11.31
CA LYS A 9 9.66 10.85 -10.41
C LYS A 9 10.33 10.10 -9.23
N GLN A 10 10.65 10.84 -8.16
CA GLN A 10 11.50 10.34 -7.05
C GLN A 10 10.66 9.86 -5.82
N PRO A 11 11.00 8.78 -5.07
CA PRO A 11 10.11 8.23 -3.98
C PRO A 11 10.05 9.02 -2.64
N ILE A 12 9.43 10.20 -2.70
CA ILE A 12 9.14 11.06 -1.50
C ILE A 12 7.84 11.87 -1.78
N TYR A 13 6.68 11.21 -1.62
CA TYR A 13 5.34 11.79 -1.93
C TYR A 13 4.24 10.82 -1.38
N GLN A 14 3.11 11.40 -0.95
CA GLN A 14 1.93 10.63 -0.43
C GLN A 14 1.37 9.46 -1.30
N GLY A 15 1.27 9.64 -2.63
CA GLY A 15 1.05 8.52 -3.56
C GLY A 15 2.06 7.37 -3.62
N ASN A 16 3.35 7.61 -3.35
CA ASN A 16 4.36 6.53 -3.13
C ASN A 16 4.11 5.56 -1.92
N LEU A 17 3.17 5.86 -1.00
CA LEU A 17 2.53 4.82 -0.16
C LEU A 17 1.52 3.99 -1.04
N ILE A 18 0.25 4.42 -1.26
CA ILE A 18 -0.71 3.67 -2.13
C ILE A 18 -1.15 4.56 -3.34
N LYS A 19 -0.70 4.18 -4.54
CA LYS A 19 -1.39 4.38 -5.83
C LYS A 19 -0.66 3.57 -6.95
N GLN A 20 -1.42 2.95 -7.87
CA GLN A 20 -0.89 1.85 -8.74
C GLN A 20 0.38 2.18 -9.59
N ASN A 21 0.43 3.34 -10.25
CA ASN A 21 1.64 3.83 -10.97
C ASN A 21 2.82 4.37 -10.08
N ALA A 22 2.57 4.80 -8.84
CA ALA A 22 3.64 5.04 -7.84
C ALA A 22 4.17 3.78 -7.09
N VAL A 23 3.29 2.82 -6.74
CA VAL A 23 3.71 1.46 -6.28
C VAL A 23 4.48 0.62 -7.35
N GLU A 24 4.10 0.69 -8.63
CA GLU A 24 5.01 0.33 -9.78
C GLU A 24 6.43 1.00 -9.76
N GLN A 25 6.49 2.32 -9.55
CA GLN A 25 7.77 3.07 -9.42
C GLN A 25 8.63 2.83 -8.14
N LEU A 26 8.05 2.53 -6.95
CA LEU A 26 8.84 2.44 -5.69
C LEU A 26 10.07 1.48 -5.61
N GLN A 27 10.06 0.35 -6.34
CA GLN A 27 11.24 -0.55 -6.50
C GLN A 27 11.98 -1.03 -5.20
N VAL A 28 11.19 -1.51 -4.23
CA VAL A 28 11.75 -2.05 -2.95
C VAL A 28 11.89 -3.60 -3.09
N GLY A 29 13.12 -4.11 -2.90
CA GLY A 29 13.39 -5.57 -2.89
C GLY A 29 14.17 -6.08 -1.65
N GLN A 30 13.73 -5.71 -0.44
CA GLN A 30 14.53 -5.87 0.79
C GLN A 30 13.76 -6.43 2.03
N SER A 31 12.56 -5.92 2.38
CA SER A 31 11.87 -6.31 3.63
C SER A 31 10.33 -6.26 3.52
N LYS A 32 9.68 -7.34 3.97
CA LYS A 32 8.20 -7.43 4.04
C LYS A 32 7.51 -6.49 5.05
N GLN A 33 7.99 -6.46 6.29
CA GLN A 33 7.56 -5.50 7.33
C GLN A 33 7.82 -3.99 7.07
N GLN A 34 8.80 -3.63 6.24
CA GLN A 34 8.96 -2.23 5.76
C GLN A 34 8.00 -1.86 4.58
N VAL A 35 7.89 -2.66 3.51
CA VAL A 35 6.86 -2.44 2.45
C VAL A 35 5.37 -2.54 2.94
N SER A 36 5.02 -3.50 3.81
CA SER A 36 3.72 -3.50 4.52
C SER A 36 3.47 -2.29 5.49
N ALA A 37 4.49 -1.77 6.20
CA ALA A 37 4.36 -0.44 6.89
C ALA A 37 4.15 0.80 5.97
N LEU A 38 4.89 0.91 4.85
CA LEU A 38 4.66 1.96 3.83
C LEU A 38 3.28 1.86 3.11
N LEU A 39 2.92 0.70 2.56
CA LEU A 39 1.58 0.45 1.99
C LEU A 39 0.37 0.48 3.01
N GLY A 40 0.60 0.07 4.26
CA GLY A 40 -0.41 0.15 5.33
C GLY A 40 -1.08 -1.19 5.63
N THR A 41 -0.37 -2.08 6.35
CA THR A 41 -0.80 -3.50 6.49
C THR A 41 -0.06 -4.24 7.65
N PRO A 42 -0.73 -5.06 8.52
CA PRO A 42 -0.03 -6.15 9.28
C PRO A 42 0.41 -7.34 8.38
N SER A 43 1.70 -7.69 8.47
CA SER A 43 2.34 -8.72 7.63
C SER A 43 2.03 -10.20 8.08
N ILE A 44 2.68 -11.16 7.41
CA ILE A 44 2.79 -12.56 7.93
C ILE A 44 4.29 -12.77 8.36
N PRO A 45 4.71 -12.53 9.64
CA PRO A 45 6.13 -12.71 10.06
C PRO A 45 6.45 -14.12 10.63
N ASP A 46 6.68 -15.09 9.74
CA ASP A 46 7.29 -16.38 10.10
C ASP A 46 8.83 -16.23 10.37
N PRO A 47 9.38 -16.70 11.52
CA PRO A 47 10.85 -16.71 11.75
C PRO A 47 11.74 -17.69 10.95
N PHE A 48 11.16 -18.70 10.27
CA PHE A 48 11.92 -19.62 9.39
C PHE A 48 11.92 -19.11 7.92
N HIS A 49 10.76 -19.11 7.23
CA HIS A 49 10.67 -18.72 5.80
C HIS A 49 9.29 -18.07 5.52
N ALA A 50 9.20 -16.75 5.80
CA ALA A 50 7.96 -15.98 5.60
C ALA A 50 7.60 -15.64 4.11
N GLN A 51 6.76 -16.49 3.52
CA GLN A 51 6.36 -16.36 2.09
C GLN A 51 5.37 -15.15 1.80
N ARG A 52 4.86 -15.12 0.57
CA ARG A 52 3.92 -14.09 0.04
C ARG A 52 2.72 -13.61 0.92
N TRP A 53 2.28 -12.38 0.63
CA TRP A 53 1.03 -11.77 1.18
C TRP A 53 -0.11 -12.00 0.16
N ASP A 54 -0.97 -13.00 0.37
CA ASP A 54 -2.14 -13.28 -0.52
C ASP A 54 -3.51 -12.89 0.16
N TYR A 55 -3.71 -11.63 0.59
CA TYR A 55 -4.90 -11.26 1.42
C TYR A 55 -5.35 -9.79 1.23
N THR A 56 -6.67 -9.58 1.38
CA THR A 56 -7.28 -8.22 1.31
C THR A 56 -7.06 -7.45 2.64
N SER A 57 -6.01 -6.62 2.64
CA SER A 57 -5.54 -5.90 3.84
C SER A 57 -6.22 -4.54 4.12
N THR A 58 -5.95 -3.97 5.30
CA THR A 58 -6.41 -2.61 5.67
C THR A 58 -5.37 -1.87 6.58
N GLN A 59 -5.22 -0.56 6.33
CA GLN A 59 -4.33 0.32 7.12
C GLN A 59 -5.04 0.83 8.40
N ARG A 60 -4.47 0.53 9.58
CA ARG A 60 -5.15 0.82 10.88
C ARG A 60 -4.27 1.63 11.87
N VAL A 61 -3.97 2.88 11.49
CA VAL A 61 -3.74 4.01 12.44
C VAL A 61 -5.11 4.68 12.79
N ASP A 62 -5.96 3.91 13.48
CA ASP A 62 -7.45 4.05 13.35
C ASP A 62 -8.17 5.14 14.19
N ARG A 63 -7.50 6.24 14.52
CA ARG A 63 -8.07 7.33 15.37
C ARG A 63 -7.99 8.74 14.69
N LEU A 64 -6.85 9.12 14.05
CA LEU A 64 -6.90 10.07 12.91
C LEU A 64 -7.47 9.41 11.62
N ALA A 65 -7.87 10.23 10.63
CA ALA A 65 -8.61 9.75 9.44
C ALA A 65 -7.70 9.13 8.34
N ARG A 66 -7.30 7.88 8.62
CA ARG A 66 -6.54 7.02 7.67
C ARG A 66 -6.96 5.53 7.89
N THR A 67 -8.19 5.21 7.48
CA THR A 67 -8.85 3.91 7.76
C THR A 67 -9.41 3.34 6.43
N GLU A 68 -8.62 2.50 5.75
CA GLU A 68 -8.75 2.30 4.27
C GLU A 68 -8.28 0.88 3.86
N ILE A 69 -8.84 0.38 2.75
CA ILE A 69 -8.65 -1.02 2.27
C ILE A 69 -7.50 -1.08 1.22
N LYS A 70 -6.59 -2.05 1.37
CA LYS A 70 -5.49 -2.31 0.40
C LYS A 70 -5.58 -3.81 -0.05
N ASN A 71 -6.32 -4.07 -1.13
CA ASN A 71 -6.37 -5.40 -1.80
C ASN A 71 -5.11 -5.63 -2.68
N PHE A 72 -4.12 -6.32 -2.10
CA PHE A 72 -2.75 -6.40 -2.68
C PHE A 72 -2.18 -7.84 -2.55
N THR A 73 -1.65 -8.40 -3.65
CA THR A 73 -0.94 -9.71 -3.64
C THR A 73 0.56 -9.45 -3.96
N VAL A 74 1.48 -9.82 -3.05
CA VAL A 74 2.95 -9.54 -3.22
C VAL A 74 3.81 -10.74 -2.73
N PHE A 75 4.83 -11.07 -3.53
CA PHE A 75 5.64 -12.30 -3.35
C PHE A 75 6.98 -12.02 -2.62
N PHE A 76 7.26 -12.86 -1.62
CA PHE A 76 8.45 -12.73 -0.74
C PHE A 76 9.18 -14.11 -0.62
N GLU A 77 10.50 -14.07 -0.43
CA GLU A 77 11.26 -15.28 0.05
C GLU A 77 11.09 -15.44 1.58
N ASN A 78 11.73 -14.58 2.38
CA ASN A 78 11.42 -14.40 3.83
C ASN A 78 11.19 -12.89 4.15
N GLU A 79 12.21 -12.06 3.93
CA GLU A 79 12.06 -10.59 3.87
C GLU A 79 12.09 -10.01 2.41
N GLN A 80 12.95 -10.50 1.51
CA GLN A 80 13.21 -9.84 0.20
C GLN A 80 12.04 -9.95 -0.81
N VAL A 81 11.71 -8.81 -1.45
CA VAL A 81 10.46 -8.68 -2.25
C VAL A 81 10.74 -9.06 -3.75
N VAL A 82 9.93 -9.96 -4.29
CA VAL A 82 10.10 -10.47 -5.68
C VAL A 82 9.20 -9.67 -6.68
N ARG A 83 7.86 -9.76 -6.58
CA ARG A 83 6.92 -9.10 -7.54
C ARG A 83 5.50 -8.91 -6.92
N TRP A 84 4.71 -7.99 -7.48
CA TRP A 84 3.47 -7.47 -6.84
C TRP A 84 2.32 -7.13 -7.84
N GLU A 85 1.10 -7.48 -7.40
CA GLU A 85 -0.16 -7.24 -8.15
C GLU A 85 -1.14 -6.45 -7.23
N GLY A 86 -1.47 -5.21 -7.62
CA GLY A 86 -2.27 -4.29 -6.79
C GLY A 86 -3.53 -3.73 -7.43
N ASP A 87 -4.62 -4.51 -7.36
CA ASP A 87 -5.99 -4.02 -7.67
C ASP A 87 -6.71 -3.61 -6.35
N TYR A 88 -6.44 -2.38 -5.90
CA TYR A 88 -6.85 -1.87 -4.56
C TYR A 88 -7.85 -0.68 -4.63
N PHE A 89 -8.44 -0.37 -3.45
CA PHE A 89 -9.59 0.55 -3.29
C PHE A 89 -9.44 1.98 -3.91
N PRO A 90 -10.49 2.62 -4.51
CA PRO A 90 -10.38 4.01 -5.08
C PRO A 90 -10.36 5.20 -4.07
N SER A 91 -9.41 5.11 -3.13
CA SER A 91 -8.90 6.25 -2.34
C SER A 91 -7.35 6.13 -2.35
N GLN A 92 -6.72 6.63 -3.43
CA GLN A 92 -5.29 6.36 -3.71
C GLN A 92 -4.50 7.62 -4.15
N ASP A 93 -4.27 8.51 -3.17
CA ASP A 93 -3.09 9.40 -3.11
C ASP A 93 -2.96 9.73 -1.59
N GLU A 94 -2.13 8.97 -0.86
CA GLU A 94 -2.50 8.52 0.50
C GLU A 94 -2.35 9.60 1.62
N GLN A 95 -3.40 10.42 1.68
CA GLN A 95 -3.46 11.61 2.56
C GLN A 95 -3.80 11.18 4.02
N LEU A 96 -2.75 11.28 4.83
CA LEU A 96 -2.82 11.14 6.30
C LEU A 96 -3.52 12.38 6.97
N ALA A 97 -4.84 12.28 7.16
CA ALA A 97 -5.68 13.42 7.60
C ALA A 97 -5.79 13.51 9.14
N LYS A 98 -5.29 14.61 9.70
CA LYS A 98 -5.17 14.80 11.18
C LYS A 98 -6.49 15.18 11.91
N ALA A 99 -7.35 14.17 12.13
CA ALA A 99 -8.60 14.32 12.91
C ALA A 99 -8.34 14.19 14.44
N ALA A 100 -8.32 12.97 15.03
CA ALA A 100 -8.02 12.79 16.47
C ALA A 100 -6.75 11.92 16.71
N PRO A 101 -5.50 12.45 16.69
CA PRO A 101 -4.25 11.61 16.75
C PRO A 101 -3.85 11.20 18.20
N LYS A 102 -4.59 10.21 18.72
CA LYS A 102 -4.48 9.77 20.14
C LYS A 102 -5.01 8.31 20.26
N GLN A 103 -4.33 7.46 21.06
CA GLN A 103 -4.74 6.03 21.20
C GLN A 103 -5.89 5.82 22.26
N PHE A 104 -7.12 6.12 21.82
CA PHE A 104 -8.38 5.73 22.50
C PHE A 104 -9.04 4.52 21.77
N GLY A 105 -8.32 3.39 21.75
CA GLY A 105 -8.39 2.42 20.63
C GLY A 105 -7.16 2.55 19.70
N ARG A 106 -6.75 1.43 19.09
CA ARG A 106 -5.40 1.31 18.46
C ARG A 106 -5.08 2.32 17.32
N ASN A 107 -4.13 3.22 17.61
CA ASN A 107 -3.58 4.17 16.61
C ASN A 107 -2.10 3.79 16.30
N LEU A 108 -1.90 2.71 15.54
CA LEU A 108 -0.54 2.17 15.22
C LEU A 108 -0.64 1.37 13.88
N ALA A 109 -0.07 1.92 12.79
CA ALA A 109 -0.28 1.39 11.41
C ALA A 109 0.01 -0.12 11.14
N ARG A 110 1.18 -0.64 11.55
CA ARG A 110 1.41 -2.11 11.62
C ARG A 110 2.29 -2.48 12.84
N ASP A 111 1.78 -3.39 13.66
CA ASP A 111 2.47 -3.91 14.87
C ASP A 111 3.50 -5.04 14.59
N LYS A 112 4.33 -5.33 15.61
CA LYS A 112 5.31 -6.44 15.56
C LYS A 112 5.57 -6.96 17.01
N LYS A 113 4.67 -7.84 17.51
CA LYS A 113 4.87 -8.51 18.82
C LYS A 113 5.55 -9.90 18.63
N LYS A 114 6.89 -9.91 18.59
CA LYS A 114 7.69 -11.16 18.59
C LYS A 114 9.13 -10.85 19.12
N GLN A 115 9.50 -11.51 20.23
CA GLN A 115 10.77 -11.20 20.96
C GLN A 115 12.12 -11.43 20.18
N ARG A 116 12.21 -12.51 19.38
CA ARG A 116 13.30 -12.66 18.38
C ARG A 116 12.82 -11.96 17.07
N GLY A 117 13.20 -10.68 16.91
CA GLY A 117 12.53 -9.77 15.95
C GLY A 117 12.82 -9.87 14.43
N ARG A 118 12.47 -11.04 13.88
CA ARG A 118 12.52 -11.35 12.42
C ARG A 118 11.45 -12.46 12.24
N MET A 1 -21.21 -5.88 28.12
CA MET A 1 -19.88 -5.22 27.97
C MET A 1 -19.93 -4.14 26.84
N ALA A 2 -19.33 -2.96 27.07
CA ALA A 2 -19.28 -1.88 26.07
C ALA A 2 -18.06 -2.02 25.11
N GLY A 3 -18.32 -2.41 23.85
CA GLY A 3 -17.24 -2.64 22.86
C GLY A 3 -16.73 -1.38 22.14
N SER A 4 -15.90 -0.59 22.83
CA SER A 4 -15.35 0.66 22.28
C SER A 4 -14.05 0.42 21.46
N GLY A 5 -14.20 0.23 20.14
CA GLY A 5 -13.06 0.03 19.21
C GLY A 5 -12.29 1.33 18.90
N ILE A 6 -11.30 1.61 19.75
CA ILE A 6 -10.47 2.85 19.66
C ILE A 6 -9.19 2.63 18.80
N ILE A 7 -9.36 2.70 17.48
CA ILE A 7 -8.24 2.67 16.49
C ILE A 7 -7.62 4.08 16.35
N TYR A 8 -6.52 4.30 17.10
CA TYR A 8 -5.87 5.62 17.23
C TYR A 8 -5.15 6.10 15.91
N LYS A 9 -5.85 6.93 15.14
CA LYS A 9 -5.33 7.58 13.91
C LYS A 9 -6.04 8.97 13.77
N GLN A 10 -5.32 9.97 13.23
CA GLN A 10 -5.89 11.33 13.04
C GLN A 10 -6.88 11.40 11.83
N PRO A 11 -8.18 11.77 11.97
CA PRO A 11 -9.18 11.59 10.85
C PRO A 11 -9.26 12.67 9.73
N ILE A 12 -8.09 13.13 9.29
CA ILE A 12 -7.93 14.07 8.15
C ILE A 12 -6.53 13.80 7.52
N TYR A 13 -6.49 12.99 6.46
CA TYR A 13 -5.22 12.45 5.91
C TYR A 13 -5.42 11.97 4.45
N GLN A 14 -4.93 12.74 3.46
CA GLN A 14 -5.17 12.44 2.03
C GLN A 14 -4.38 11.26 1.42
N GLY A 15 -3.08 11.10 1.74
CA GLY A 15 -2.31 9.89 1.36
C GLY A 15 -2.59 8.64 2.21
N ASN A 16 -3.80 8.08 2.04
CA ASN A 16 -4.35 7.05 2.96
C ASN A 16 -4.10 5.60 2.49
N LEU A 17 -4.81 5.11 1.45
CA LEU A 17 -4.74 3.70 1.02
C LEU A 17 -3.57 3.40 0.05
N ILE A 18 -3.77 3.66 -1.25
CA ILE A 18 -2.82 3.28 -2.33
C ILE A 18 -2.26 4.61 -2.94
N LYS A 19 -0.93 4.72 -2.91
CA LYS A 19 -0.22 5.90 -3.47
C LYS A 19 0.36 5.48 -4.85
N GLN A 20 -0.50 5.42 -5.89
CA GLN A 20 -0.29 4.45 -7.02
C GLN A 20 1.04 4.55 -7.81
N ASN A 21 1.42 5.74 -8.28
CA ASN A 21 2.76 5.96 -8.91
C ASN A 21 3.99 5.79 -7.96
N ALA A 22 3.89 6.11 -6.65
CA ALA A 22 4.86 5.61 -5.65
C ALA A 22 4.91 4.06 -5.43
N VAL A 23 3.77 3.34 -5.42
CA VAL A 23 3.75 1.84 -5.41
C VAL A 23 4.33 1.18 -6.72
N GLU A 24 4.01 1.70 -7.90
CA GLU A 24 4.73 1.41 -9.16
C GLU A 24 6.26 1.75 -9.15
N GLN A 25 6.65 2.96 -8.73
CA GLN A 25 8.08 3.41 -8.75
C GLN A 25 8.99 2.88 -7.59
N LEU A 26 8.45 2.50 -6.41
CA LEU A 26 9.28 2.07 -5.24
C LEU A 26 10.36 0.97 -5.43
N GLN A 27 10.16 0.00 -6.35
CA GLN A 27 11.18 -1.01 -6.76
C GLN A 27 11.98 -1.72 -5.61
N VAL A 28 11.24 -2.25 -4.63
CA VAL A 28 11.83 -2.86 -3.42
C VAL A 28 12.08 -4.38 -3.69
N GLY A 29 13.31 -4.82 -3.44
CA GLY A 29 13.73 -6.22 -3.63
C GLY A 29 14.14 -7.01 -2.38
N GLN A 30 14.77 -6.39 -1.38
CA GLN A 30 15.25 -7.10 -0.16
C GLN A 30 14.38 -6.95 1.14
N SER A 31 13.37 -6.06 1.20
CA SER A 31 12.70 -5.73 2.48
C SER A 31 11.15 -5.73 2.38
N LYS A 32 10.51 -6.76 2.97
CA LYS A 32 9.03 -6.84 3.08
C LYS A 32 8.30 -5.74 3.91
N GLN A 33 8.89 -5.32 5.03
CA GLN A 33 8.44 -4.19 5.84
C GLN A 33 8.46 -2.78 5.19
N GLN A 34 9.36 -2.51 4.22
CA GLN A 34 9.34 -1.23 3.46
C GLN A 34 8.11 -1.04 2.52
N VAL A 35 7.78 -2.03 1.66
CA VAL A 35 6.51 -2.00 0.87
C VAL A 35 5.20 -2.02 1.71
N SER A 36 5.13 -2.85 2.75
CA SER A 36 3.99 -2.87 3.70
C SER A 36 3.82 -1.63 4.63
N ALA A 37 4.90 -1.00 5.10
CA ALA A 37 4.81 0.34 5.76
C ALA A 37 4.38 1.52 4.84
N LEU A 38 4.91 1.62 3.60
CA LEU A 38 4.42 2.63 2.61
C LEU A 38 2.91 2.49 2.20
N LEU A 39 2.45 1.27 1.93
CA LEU A 39 1.00 0.96 1.82
C LEU A 39 0.15 1.13 3.12
N GLY A 40 0.71 0.75 4.28
CA GLY A 40 0.04 0.86 5.59
C GLY A 40 -0.60 -0.45 6.05
N THR A 41 0.23 -1.42 6.42
CA THR A 41 -0.20 -2.81 6.79
C THR A 41 1.03 -3.53 7.47
N PRO A 42 0.89 -4.35 8.55
CA PRO A 42 2.04 -5.16 9.07
C PRO A 42 2.43 -6.34 8.15
N SER A 43 3.75 -6.52 7.94
CA SER A 43 4.30 -7.66 7.18
C SER A 43 4.36 -8.99 7.99
N ILE A 44 4.74 -10.07 7.30
CA ILE A 44 4.57 -11.46 7.81
C ILE A 44 5.99 -12.12 7.99
N PRO A 45 6.64 -12.06 9.18
CA PRO A 45 7.91 -12.80 9.46
C PRO A 45 7.68 -14.21 10.06
N ASP A 46 7.50 -15.22 9.19
CA ASP A 46 7.39 -16.64 9.60
C ASP A 46 8.84 -17.20 9.88
N PRO A 47 9.25 -17.57 11.11
CA PRO A 47 10.65 -18.04 11.37
C PRO A 47 11.09 -19.43 10.81
N PHE A 48 10.14 -20.23 10.29
CA PHE A 48 10.47 -21.36 9.37
C PHE A 48 10.87 -20.89 7.93
N HIS A 49 9.94 -20.22 7.21
CA HIS A 49 10.19 -19.68 5.86
C HIS A 49 9.16 -18.53 5.64
N ALA A 50 9.63 -17.27 5.65
CA ALA A 50 8.73 -16.08 5.73
C ALA A 50 8.06 -15.70 4.39
N GLN A 51 6.81 -16.14 4.17
CA GLN A 51 6.22 -16.25 2.81
C GLN A 51 5.27 -15.06 2.43
N ARG A 52 4.48 -15.23 1.34
CA ARG A 52 3.65 -14.18 0.71
C ARG A 52 2.59 -13.48 1.61
N TRP A 53 2.34 -12.20 1.32
CA TRP A 53 1.13 -11.47 1.82
C TRP A 53 0.04 -11.57 0.73
N ASP A 54 -0.84 -12.57 0.83
CA ASP A 54 -2.04 -12.71 -0.06
C ASP A 54 -3.34 -12.49 0.76
N TYR A 55 -3.66 -11.23 1.11
CA TYR A 55 -4.77 -10.93 2.05
C TYR A 55 -5.48 -9.60 1.66
N THR A 56 -6.82 -9.61 1.60
CA THR A 56 -7.64 -8.38 1.47
C THR A 56 -7.48 -7.49 2.75
N SER A 57 -6.64 -6.46 2.64
CA SER A 57 -6.05 -5.80 3.81
C SER A 57 -6.67 -4.40 4.04
N THR A 58 -6.80 -4.01 5.32
CA THR A 58 -7.26 -2.65 5.69
C THR A 58 -6.57 -2.11 6.97
N GLN A 59 -6.57 -0.78 7.08
CA GLN A 59 -6.01 -0.03 8.23
C GLN A 59 -6.88 1.23 8.50
N ARG A 60 -8.18 1.07 8.80
CA ARG A 60 -9.15 2.19 8.76
C ARG A 60 -9.28 2.96 10.09
N VAL A 61 -9.38 4.29 10.01
CA VAL A 61 -9.72 5.16 11.18
C VAL A 61 -11.19 5.05 11.73
N ASP A 62 -12.20 4.86 10.87
CA ASP A 62 -13.63 5.02 11.28
C ASP A 62 -14.29 3.72 11.86
N ARG A 63 -15.21 3.97 12.78
CA ARG A 63 -16.24 2.96 13.19
C ARG A 63 -17.44 2.79 12.19
N LEU A 64 -17.84 3.81 11.40
CA LEU A 64 -19.00 3.74 10.49
C LEU A 64 -18.60 3.25 9.06
N ALA A 65 -18.17 4.13 8.14
CA ALA A 65 -17.99 3.78 6.70
C ALA A 65 -16.94 4.70 6.01
N ARG A 66 -15.67 4.27 6.07
CA ARG A 66 -14.50 5.00 5.51
C ARG A 66 -13.30 4.02 5.56
N THR A 67 -13.17 3.15 4.56
CA THR A 67 -12.20 2.01 4.60
C THR A 67 -10.99 2.25 3.66
N GLU A 68 -9.77 1.94 4.15
CA GLU A 68 -8.58 1.81 3.29
C GLU A 68 -8.55 0.36 2.65
N ILE A 69 -9.07 0.23 1.42
CA ILE A 69 -9.27 -1.10 0.77
C ILE A 69 -8.06 -1.42 -0.18
N LYS A 70 -7.38 -2.55 0.08
CA LYS A 70 -6.06 -2.83 -0.53
C LYS A 70 -5.81 -4.35 -0.61
N ASN A 71 -6.30 -4.99 -1.70
CA ASN A 71 -5.93 -6.39 -2.05
C ASN A 71 -4.52 -6.37 -2.76
N PHE A 72 -3.47 -6.53 -1.96
CA PHE A 72 -2.07 -6.51 -2.47
C PHE A 72 -1.45 -7.91 -2.26
N THR A 73 -1.52 -8.77 -3.29
CA THR A 73 -0.88 -10.12 -3.25
C THR A 73 0.59 -10.00 -3.65
N VAL A 74 1.48 -10.03 -2.67
CA VAL A 74 2.93 -9.80 -2.88
C VAL A 74 3.74 -11.02 -2.34
N PHE A 75 4.62 -11.51 -3.22
CA PHE A 75 5.34 -12.79 -3.00
C PHE A 75 6.71 -12.51 -2.34
N PHE A 76 6.86 -13.04 -1.13
CA PHE A 76 8.12 -12.91 -0.35
C PHE A 76 8.80 -14.30 -0.23
N GLU A 77 10.13 -14.34 -0.39
CA GLU A 77 10.89 -15.61 -0.27
C GLU A 77 11.21 -15.88 1.23
N ASN A 78 12.12 -15.11 1.83
CA ASN A 78 12.26 -15.00 3.30
C ASN A 78 11.94 -13.53 3.68
N GLU A 79 12.91 -12.65 3.93
CA GLU A 79 12.67 -11.18 4.02
C GLU A 79 12.43 -10.41 2.68
N GLN A 80 12.75 -11.03 1.53
CA GLN A 80 12.97 -10.35 0.24
C GLN A 80 11.75 -10.45 -0.73
N VAL A 81 11.52 -9.38 -1.50
CA VAL A 81 10.33 -9.22 -2.36
C VAL A 81 10.60 -9.76 -3.80
N VAL A 82 9.74 -10.69 -4.27
CA VAL A 82 9.82 -11.25 -5.64
C VAL A 82 8.96 -10.36 -6.61
N ARG A 83 7.61 -10.38 -6.51
CA ARG A 83 6.73 -9.48 -7.31
C ARG A 83 5.32 -9.26 -6.66
N TRP A 84 4.64 -8.18 -7.06
CA TRP A 84 3.31 -7.80 -6.53
C TRP A 84 2.15 -7.86 -7.58
N GLU A 85 0.99 -8.33 -7.12
CA GLU A 85 -0.24 -8.54 -7.92
C GLU A 85 -1.43 -7.81 -7.21
N GLY A 86 -1.88 -6.69 -7.79
CA GLY A 86 -2.93 -5.86 -7.18
C GLY A 86 -4.36 -6.15 -7.66
N ASP A 87 -5.30 -6.18 -6.72
CA ASP A 87 -6.70 -5.73 -6.99
C ASP A 87 -7.07 -4.58 -6.00
N TYR A 88 -6.43 -3.42 -6.18
CA TYR A 88 -6.44 -2.32 -5.18
C TYR A 88 -7.17 -1.05 -5.66
N PHE A 89 -7.33 -0.07 -4.77
CA PHE A 89 -8.25 1.08 -4.96
C PHE A 89 -7.40 2.39 -5.04
N PRO A 90 -6.96 2.89 -6.24
CA PRO A 90 -6.06 4.10 -6.32
C PRO A 90 -6.82 5.45 -6.27
N SER A 91 -7.31 5.78 -5.07
CA SER A 91 -8.11 7.01 -4.83
C SER A 91 -7.71 7.69 -3.49
N GLN A 92 -6.51 8.28 -3.47
CA GLN A 92 -5.96 8.97 -2.26
C GLN A 92 -6.23 10.50 -2.25
N ASP A 93 -7.51 10.86 -2.09
CA ASP A 93 -8.01 12.26 -2.24
C ASP A 93 -8.81 12.81 -1.01
N GLU A 94 -8.37 12.49 0.21
CA GLU A 94 -9.16 12.72 1.44
C GLU A 94 -8.65 13.90 2.31
N GLN A 95 -8.86 15.12 1.79
CA GLN A 95 -8.91 16.34 2.62
C GLN A 95 -10.38 16.53 3.05
N LEU A 96 -10.66 16.13 4.29
CA LEU A 96 -12.00 16.27 4.92
C LEU A 96 -12.36 17.77 5.12
N ALA A 97 -13.16 18.30 4.18
CA ALA A 97 -13.54 19.73 4.16
C ALA A 97 -14.41 20.14 5.36
N LYS A 98 -13.98 21.20 6.07
CA LYS A 98 -14.62 21.60 7.36
C LYS A 98 -15.90 22.48 7.20
N ALA A 99 -16.90 21.86 6.56
CA ALA A 99 -18.25 22.42 6.31
C ALA A 99 -19.15 21.24 5.80
N ALA A 100 -18.93 20.75 4.56
CA ALA A 100 -19.43 19.43 4.11
C ALA A 100 -18.33 18.34 4.28
N PRO A 101 -18.38 17.37 5.24
CA PRO A 101 -17.19 16.52 5.60
C PRO A 101 -16.86 15.39 4.60
N LYS A 102 -15.79 15.56 3.82
CA LYS A 102 -15.34 14.53 2.85
C LYS A 102 -14.48 13.40 3.53
N GLN A 103 -15.16 12.37 4.06
CA GLN A 103 -14.54 11.09 4.42
C GLN A 103 -14.89 10.03 3.34
N PHE A 104 -13.92 9.74 2.49
CA PHE A 104 -14.12 9.06 1.18
C PHE A 104 -13.20 7.79 1.03
N GLY A 105 -13.41 6.81 1.92
CA GLY A 105 -12.84 5.46 1.76
C GLY A 105 -13.84 4.49 1.09
N ARG A 106 -13.78 4.44 -0.25
CA ARG A 106 -14.92 3.97 -1.08
C ARG A 106 -14.93 2.42 -1.27
N ASN A 107 -15.57 1.72 -0.31
CA ASN A 107 -15.60 0.23 -0.29
C ASN A 107 -16.71 -0.38 -1.19
N LEU A 108 -16.34 -0.67 -2.45
CA LEU A 108 -17.22 -1.29 -3.46
C LEU A 108 -16.61 -2.67 -3.86
N ALA A 109 -17.24 -3.75 -3.40
CA ALA A 109 -16.71 -5.13 -3.56
C ALA A 109 -16.50 -5.63 -5.01
N ARG A 110 -15.47 -6.45 -5.14
CA ARG A 110 -14.97 -6.99 -6.41
C ARG A 110 -14.78 -8.55 -6.36
N ASP A 111 -14.91 -9.19 -7.53
CA ASP A 111 -14.04 -10.36 -7.87
C ASP A 111 -12.94 -9.91 -8.92
N LYS A 112 -11.87 -10.72 -8.94
CA LYS A 112 -10.72 -10.51 -9.87
C LYS A 112 -9.97 -11.87 -9.94
N LYS A 113 -10.37 -12.74 -10.89
CA LYS A 113 -9.94 -14.18 -10.86
C LYS A 113 -8.55 -14.46 -11.53
N LYS A 114 -7.53 -13.78 -10.98
CA LYS A 114 -6.12 -13.85 -11.44
C LYS A 114 -5.29 -13.22 -10.29
N GLN A 115 -4.84 -14.04 -9.32
CA GLN A 115 -4.28 -13.51 -8.04
C GLN A 115 -3.13 -14.40 -7.47
N ARG A 116 -3.44 -15.62 -7.02
CA ARG A 116 -2.46 -16.49 -6.30
C ARG A 116 -2.74 -17.99 -6.57
N GLY A 117 -2.08 -18.54 -7.60
CA GLY A 117 -1.94 -20.00 -7.77
C GLY A 117 -0.69 -20.60 -7.10
N ARG A 118 -0.73 -20.68 -5.76
CA ARG A 118 0.43 -21.07 -4.92
C ARG A 118 -0.07 -21.53 -3.52
N MET A 1 19.73 8.22 -15.41
CA MET A 1 19.41 7.44 -14.18
C MET A 1 17.98 7.78 -13.68
N ALA A 2 17.77 8.83 -12.88
CA ALA A 2 16.41 9.25 -12.44
C ALA A 2 15.61 9.93 -13.59
N GLY A 3 14.50 9.29 -14.00
CA GLY A 3 13.83 9.59 -15.28
C GLY A 3 13.96 8.47 -16.33
N SER A 4 15.20 8.18 -16.75
CA SER A 4 15.51 7.13 -17.74
C SER A 4 15.40 5.68 -17.16
N GLY A 5 14.25 5.02 -17.36
CA GLY A 5 14.00 3.69 -16.78
C GLY A 5 13.39 3.73 -15.37
N ILE A 6 14.21 4.06 -14.37
CA ILE A 6 13.71 4.40 -13.00
C ILE A 6 13.12 5.83 -12.96
N ILE A 7 11.81 5.94 -13.28
CA ILE A 7 11.12 7.25 -13.44
C ILE A 7 10.72 7.85 -12.07
N TYR A 8 11.69 8.54 -11.45
CA TYR A 8 11.64 8.91 -10.01
C TYR A 8 10.54 9.94 -9.63
N LYS A 9 9.72 9.57 -8.65
CA LYS A 9 8.58 10.38 -8.16
C LYS A 9 8.41 10.15 -6.63
N GLN A 10 8.62 11.18 -5.78
CA GLN A 10 8.69 10.99 -4.31
C GLN A 10 7.27 11.00 -3.64
N PRO A 11 6.74 9.91 -3.01
CA PRO A 11 5.35 9.91 -2.45
C PRO A 11 5.23 10.42 -0.99
N ILE A 12 5.52 11.71 -0.78
CA ILE A 12 5.46 12.36 0.56
C ILE A 12 4.03 12.90 0.91
N TYR A 13 3.08 11.95 1.00
CA TYR A 13 1.60 12.23 0.99
C TYR A 13 0.89 10.87 1.25
N GLN A 14 0.04 10.82 2.28
CA GLN A 14 -0.82 9.64 2.59
C GLN A 14 -1.75 9.12 1.45
N GLY A 15 -2.43 10.03 0.72
CA GLY A 15 -3.04 9.70 -0.59
C GLY A 15 -2.05 9.63 -1.78
N ASN A 16 -1.01 8.79 -1.65
CA ASN A 16 0.07 8.63 -2.64
C ASN A 16 0.98 7.37 -2.44
N LEU A 17 1.25 6.93 -1.20
CA LEU A 17 2.08 5.73 -0.90
C LEU A 17 1.61 4.40 -1.60
N ILE A 18 0.39 3.93 -1.34
CA ILE A 18 -0.30 2.92 -2.20
C ILE A 18 -0.90 3.68 -3.44
N LYS A 19 -0.23 3.54 -4.59
CA LYS A 19 -0.73 4.02 -5.89
C LYS A 19 -0.12 3.16 -7.03
N GLN A 20 -0.89 2.97 -8.11
CA GLN A 20 -0.41 2.34 -9.37
C GLN A 20 0.52 3.28 -10.24
N ASN A 21 1.61 3.72 -9.61
CA ASN A 21 2.54 4.77 -10.10
C ASN A 21 3.72 4.94 -9.08
N ALA A 22 3.45 5.22 -7.79
CA ALA A 22 4.46 5.06 -6.70
C ALA A 22 4.89 3.58 -6.39
N VAL A 23 3.95 2.63 -6.36
CA VAL A 23 4.27 1.17 -6.28
C VAL A 23 5.00 0.60 -7.57
N GLU A 24 4.63 1.05 -8.78
CA GLU A 24 5.52 0.97 -9.98
C GLU A 24 6.96 1.53 -9.81
N GLN A 25 7.12 2.74 -9.26
CA GLN A 25 8.46 3.34 -9.02
C GLN A 25 9.31 2.67 -7.92
N LEU A 26 8.74 2.25 -6.76
CA LEU A 26 9.53 1.77 -5.60
C LEU A 26 10.63 0.69 -5.82
N GLN A 27 10.42 -0.26 -6.74
CA GLN A 27 11.46 -1.21 -7.23
C GLN A 27 12.30 -1.95 -6.14
N VAL A 28 11.60 -2.53 -5.15
CA VAL A 28 12.24 -3.14 -3.95
C VAL A 28 12.43 -4.67 -4.21
N GLY A 29 13.65 -5.15 -4.00
CA GLY A 29 13.93 -6.60 -3.82
C GLY A 29 14.87 -6.87 -2.64
N GLN A 30 14.41 -6.55 -1.42
CA GLN A 30 15.31 -6.39 -0.24
C GLN A 30 14.70 -7.01 1.05
N SER A 31 13.59 -6.46 1.58
CA SER A 31 13.06 -6.84 2.90
C SER A 31 11.51 -6.68 2.99
N LYS A 32 10.88 -7.69 3.60
CA LYS A 32 9.44 -7.71 3.93
C LYS A 32 8.90 -6.57 4.83
N GLN A 33 9.63 -6.23 5.90
CA GLN A 33 9.33 -5.04 6.72
C GLN A 33 9.61 -3.66 6.08
N GLN A 34 10.58 -3.50 5.17
CA GLN A 34 10.80 -2.22 4.45
C GLN A 34 9.64 -1.85 3.49
N VAL A 35 9.21 -2.73 2.57
CA VAL A 35 8.04 -2.44 1.69
C VAL A 35 6.68 -2.24 2.43
N SER A 36 6.36 -3.07 3.45
CA SER A 36 5.15 -2.84 4.28
C SER A 36 5.19 -1.61 5.21
N ALA A 37 6.33 -1.29 5.87
CA ALA A 37 6.49 0.00 6.60
C ALA A 37 6.44 1.30 5.73
N LEU A 38 7.08 1.31 4.54
CA LEU A 38 6.93 2.44 3.56
C LEU A 38 5.50 2.61 2.98
N LEU A 39 4.80 1.53 2.62
CA LEU A 39 3.37 1.57 2.24
C LEU A 39 2.35 1.89 3.39
N GLY A 40 2.60 1.39 4.60
CA GLY A 40 1.79 1.69 5.80
C GLY A 40 0.97 0.50 6.33
N THR A 41 1.65 -0.57 6.77
CA THR A 41 1.02 -1.88 7.14
C THR A 41 2.14 -2.77 7.82
N PRO A 42 1.86 -3.70 8.76
CA PRO A 42 2.86 -4.75 9.18
C PRO A 42 3.20 -5.80 8.09
N SER A 43 4.25 -6.61 8.33
CA SER A 43 4.62 -7.74 7.42
C SER A 43 4.14 -9.12 7.98
N ILE A 44 4.83 -10.21 7.58
CA ILE A 44 4.64 -11.56 8.18
C ILE A 44 5.97 -11.86 8.92
N PRO A 45 6.15 -11.63 10.26
CA PRO A 45 7.51 -11.69 10.90
C PRO A 45 8.01 -13.11 11.32
N ASP A 46 8.23 -13.96 10.32
CA ASP A 46 9.03 -15.20 10.46
C ASP A 46 10.47 -14.95 9.91
N PRO A 47 11.57 -15.14 10.69
CA PRO A 47 12.95 -15.27 10.11
C PRO A 47 13.31 -16.63 9.43
N PHE A 48 12.50 -17.69 9.49
CA PHE A 48 12.76 -18.97 8.77
C PHE A 48 12.36 -18.91 7.27
N HIS A 49 11.06 -18.88 6.93
CA HIS A 49 10.59 -18.77 5.52
C HIS A 49 9.21 -18.05 5.47
N ALA A 50 9.24 -16.72 5.55
CA ALA A 50 8.01 -15.90 5.46
C ALA A 50 7.55 -15.68 3.99
N GLN A 51 6.48 -16.38 3.61
CA GLN A 51 5.89 -16.27 2.24
C GLN A 51 5.07 -14.94 2.03
N ARG A 52 4.37 -14.84 0.89
CA ARG A 52 3.70 -13.61 0.41
C ARG A 52 2.74 -12.89 1.40
N TRP A 53 2.78 -11.54 1.40
CA TRP A 53 1.80 -10.70 2.14
C TRP A 53 0.52 -10.55 1.28
N ASP A 54 -0.52 -11.31 1.66
CA ASP A 54 -1.70 -11.58 0.79
C ASP A 54 -3.03 -11.03 1.40
N TYR A 55 -3.12 -9.72 1.67
CA TYR A 55 -4.29 -9.15 2.40
C TYR A 55 -5.38 -8.64 1.45
N THR A 56 -6.49 -9.39 1.31
CA THR A 56 -7.77 -8.83 0.76
C THR A 56 -8.59 -8.23 1.93
N SER A 57 -8.32 -6.95 2.24
CA SER A 57 -8.71 -6.36 3.53
C SER A 57 -9.64 -5.13 3.43
N THR A 58 -10.61 -5.06 4.34
CA THR A 58 -11.24 -3.77 4.73
C THR A 58 -10.97 -3.53 6.24
N GLN A 59 -10.42 -2.35 6.54
CA GLN A 59 -9.79 -2.08 7.86
C GLN A 59 -10.66 -1.05 8.62
N ARG A 60 -11.41 -1.56 9.61
CA ARG A 60 -12.49 -0.84 10.32
C ARG A 60 -13.71 -0.46 9.42
N VAL A 61 -14.59 -1.44 9.14
CA VAL A 61 -15.90 -1.19 8.47
C VAL A 61 -16.90 -0.26 9.24
N ASP A 62 -16.99 -0.37 10.59
CA ASP A 62 -17.59 0.70 11.42
C ASP A 62 -16.63 1.93 11.59
N ARG A 63 -16.51 2.73 10.54
CA ARG A 63 -16.14 4.16 10.59
C ARG A 63 -16.38 4.71 9.13
N LEU A 64 -17.51 5.38 8.92
CA LEU A 64 -17.87 5.98 7.59
C LEU A 64 -16.84 7.01 7.00
N ALA A 65 -16.35 7.94 7.83
CA ALA A 65 -15.21 8.80 7.50
C ALA A 65 -13.77 8.18 7.50
N ARG A 66 -13.56 6.92 7.95
CA ARG A 66 -12.24 6.24 7.79
C ARG A 66 -12.42 4.68 7.73
N THR A 67 -12.73 4.14 6.55
CA THR A 67 -12.69 2.66 6.28
C THR A 67 -11.60 2.40 5.19
N GLU A 68 -10.44 1.86 5.58
CA GLU A 68 -9.28 1.69 4.65
C GLU A 68 -9.31 0.32 3.92
N ILE A 69 -9.76 0.31 2.66
CA ILE A 69 -9.81 -0.93 1.84
C ILE A 69 -8.45 -1.12 1.09
N LYS A 70 -7.82 -2.29 1.28
CA LYS A 70 -6.49 -2.59 0.71
C LYS A 70 -6.45 -4.10 0.31
N ASN A 71 -6.61 -4.36 -0.99
CA ASN A 71 -6.38 -5.69 -1.62
C ASN A 71 -4.98 -5.72 -2.33
N PHE A 72 -3.94 -6.15 -1.60
CA PHE A 72 -2.56 -6.24 -2.13
C PHE A 72 -1.95 -7.66 -1.89
N THR A 73 -1.44 -8.29 -2.96
CA THR A 73 -0.70 -9.59 -2.83
C THR A 73 0.76 -9.39 -3.33
N VAL A 74 1.73 -9.37 -2.40
CA VAL A 74 3.16 -9.13 -2.73
C VAL A 74 4.05 -10.31 -2.28
N PHE A 75 4.89 -10.80 -3.19
CA PHE A 75 5.56 -12.10 -3.07
C PHE A 75 6.95 -12.00 -2.40
N PHE A 76 7.14 -12.80 -1.35
CA PHE A 76 8.43 -12.90 -0.61
C PHE A 76 8.94 -14.38 -0.65
N GLU A 77 10.26 -14.58 -0.67
CA GLU A 77 10.85 -15.90 -0.23
C GLU A 77 10.97 -15.95 1.32
N ASN A 78 11.85 -15.14 1.90
CA ASN A 78 11.84 -14.86 3.36
C ASN A 78 11.85 -13.32 3.61
N GLU A 79 12.98 -12.65 3.33
CA GLU A 79 13.06 -11.17 3.29
C GLU A 79 12.83 -10.59 1.85
N GLN A 80 13.47 -11.17 0.82
CA GLN A 80 13.60 -10.56 -0.50
C GLN A 80 12.29 -10.55 -1.33
N VAL A 81 12.00 -9.37 -1.88
CA VAL A 81 10.67 -9.08 -2.48
C VAL A 81 10.73 -9.39 -4.02
N VAL A 82 9.84 -10.29 -4.46
CA VAL A 82 9.86 -10.80 -5.86
C VAL A 82 8.97 -9.91 -6.79
N ARG A 83 7.63 -9.90 -6.60
CA ARG A 83 6.71 -9.10 -7.43
C ARG A 83 5.33 -8.84 -6.71
N TRP A 84 4.49 -7.99 -7.30
CA TRP A 84 3.27 -7.45 -6.63
C TRP A 84 1.98 -7.46 -7.52
N GLU A 85 0.86 -7.90 -6.93
CA GLU A 85 -0.50 -7.75 -7.48
C GLU A 85 -1.19 -6.53 -6.76
N GLY A 86 -1.47 -5.46 -7.51
CA GLY A 86 -2.01 -4.22 -6.93
C GLY A 86 -3.43 -3.84 -7.38
N ASP A 87 -4.43 -4.34 -6.65
CA ASP A 87 -5.84 -3.84 -6.74
C ASP A 87 -6.08 -2.63 -5.77
N TYR A 88 -5.99 -2.87 -4.45
CA TYR A 88 -5.60 -1.86 -3.42
C TYR A 88 -6.30 -0.50 -3.17
N PHE A 89 -7.13 -0.01 -4.08
CA PHE A 89 -7.87 1.29 -3.93
C PHE A 89 -6.88 2.51 -3.87
N PRO A 90 -6.32 3.04 -5.00
CA PRO A 90 -5.14 3.97 -4.97
C PRO A 90 -5.45 5.48 -4.73
N SER A 91 -6.14 5.76 -3.62
CA SER A 91 -6.52 7.13 -3.21
C SER A 91 -6.95 7.11 -1.72
N GLN A 92 -6.00 7.28 -0.79
CA GLN A 92 -6.26 7.19 0.67
C GLN A 92 -5.77 8.41 1.51
N ASP A 93 -6.27 9.58 1.13
CA ASP A 93 -6.35 10.78 1.99
C ASP A 93 -7.82 11.00 2.48
N GLU A 94 -8.25 10.07 3.34
CA GLU A 94 -9.68 9.88 3.69
C GLU A 94 -10.01 10.61 5.02
N GLN A 95 -10.21 11.92 4.90
CA GLN A 95 -10.67 12.79 6.01
C GLN A 95 -11.96 13.52 5.55
N LEU A 96 -13.11 12.84 5.72
CA LEU A 96 -14.41 13.34 5.23
C LEU A 96 -15.02 14.40 6.22
N ALA A 97 -14.62 15.67 6.04
CA ALA A 97 -15.12 16.79 6.87
C ALA A 97 -16.49 17.34 6.36
N LYS A 98 -17.58 16.72 6.84
CA LYS A 98 -18.95 17.05 6.38
C LYS A 98 -19.53 18.28 7.14
N ALA A 99 -20.00 19.29 6.40
CA ALA A 99 -20.61 20.51 6.98
C ALA A 99 -22.01 20.26 7.60
N ALA A 100 -22.09 20.40 8.94
CA ALA A 100 -23.35 20.29 9.71
C ALA A 100 -23.74 21.69 10.29
N PRO A 101 -24.70 22.47 9.72
CA PRO A 101 -24.96 23.87 10.18
C PRO A 101 -25.87 23.97 11.43
N LYS A 102 -25.25 23.77 12.61
CA LYS A 102 -25.96 23.78 13.91
C LYS A 102 -26.21 25.22 14.47
N GLN A 103 -27.30 25.85 14.00
CA GLN A 103 -27.67 27.22 14.42
C GLN A 103 -28.54 27.22 15.70
N PHE A 104 -27.86 27.05 16.86
CA PHE A 104 -28.51 27.03 18.20
C PHE A 104 -28.57 28.42 18.90
N GLY A 105 -27.42 29.08 19.05
CA GLY A 105 -27.35 30.44 19.64
C GLY A 105 -27.70 31.59 18.67
N ARG A 106 -29.00 31.74 18.39
CA ARG A 106 -29.49 32.65 17.33
C ARG A 106 -29.67 34.10 17.86
N ASN A 107 -28.56 34.87 17.80
CA ASN A 107 -28.52 36.27 18.31
C ASN A 107 -28.86 37.27 17.16
N LEU A 108 -30.15 37.59 17.03
CA LEU A 108 -30.66 38.49 15.96
C LEU A 108 -31.83 39.33 16.54
N ALA A 109 -31.57 40.61 16.82
CA ALA A 109 -32.60 41.59 17.19
C ALA A 109 -33.00 42.46 15.96
N ARG A 110 -34.31 42.61 15.81
CA ARG A 110 -34.92 43.55 14.80
C ARG A 110 -36.20 44.15 15.45
N ASP A 111 -36.00 45.13 16.36
CA ASP A 111 -36.95 45.37 17.47
C ASP A 111 -37.33 46.87 17.65
N LYS A 112 -38.53 47.06 18.22
CA LYS A 112 -38.83 48.27 19.04
C LYS A 112 -39.37 47.77 20.42
N LYS A 113 -38.46 47.24 21.26
CA LYS A 113 -38.84 46.58 22.55
C LYS A 113 -38.79 47.59 23.73
N LYS A 114 -39.73 48.54 23.69
CA LYS A 114 -39.74 49.74 24.59
C LYS A 114 -41.18 50.35 24.56
N GLN A 115 -42.02 49.96 25.51
CA GLN A 115 -43.45 50.38 25.56
C GLN A 115 -43.68 51.79 26.20
N ARG A 116 -43.23 52.00 27.44
CA ARG A 116 -43.36 53.29 28.15
C ARG A 116 -42.23 54.29 27.72
N GLY A 117 -42.48 54.98 26.60
CA GLY A 117 -41.86 56.26 26.21
C GLY A 117 -40.37 56.53 26.45
N ARG A 118 -40.07 57.13 27.61
CA ARG A 118 -38.68 57.41 28.07
C ARG A 118 -38.59 56.90 29.53
N MET A 1 18.68 -15.77 -2.17
CA MET A 1 19.66 -14.89 -2.87
C MET A 1 20.08 -13.68 -1.99
N ALA A 2 21.13 -12.95 -2.40
CA ALA A 2 21.57 -11.70 -1.71
C ALA A 2 20.64 -10.50 -2.03
N GLY A 3 19.79 -10.13 -1.07
CA GLY A 3 18.74 -9.11 -1.29
C GLY A 3 19.19 -7.64 -1.17
N SER A 4 19.81 -7.13 -2.24
CA SER A 4 20.03 -5.67 -2.44
C SER A 4 20.49 -5.43 -3.91
N GLY A 5 19.55 -5.07 -4.80
CA GLY A 5 19.87 -4.80 -6.22
C GLY A 5 19.04 -3.66 -6.82
N ILE A 6 17.83 -3.97 -7.30
CA ILE A 6 16.88 -2.96 -7.85
C ILE A 6 16.19 -2.17 -6.71
N ILE A 7 16.75 -0.99 -6.42
CA ILE A 7 16.43 -0.19 -5.20
C ILE A 7 15.95 1.23 -5.59
N TYR A 8 14.65 1.35 -5.91
CA TYR A 8 13.96 2.66 -5.96
C TYR A 8 13.16 2.90 -4.63
N LYS A 9 13.44 4.02 -3.95
CA LYS A 9 12.63 4.49 -2.77
C LYS A 9 12.30 5.99 -3.00
N GLN A 10 11.01 6.31 -3.14
CA GLN A 10 10.58 7.55 -3.85
C GLN A 10 9.74 8.48 -2.92
N PRO A 11 10.28 9.54 -2.26
CA PRO A 11 9.53 10.32 -1.23
C PRO A 11 8.62 11.44 -1.79
N ILE A 12 7.46 11.03 -2.32
CA ILE A 12 6.40 11.95 -2.83
C ILE A 12 5.04 11.48 -2.25
N TYR A 13 4.72 11.93 -1.01
CA TYR A 13 3.72 11.24 -0.16
C TYR A 13 2.54 12.18 0.27
N GLN A 14 1.64 12.46 -0.68
CA GLN A 14 0.27 12.93 -0.38
C GLN A 14 -0.75 11.81 -0.01
N GLY A 15 -0.73 10.68 -0.74
CA GLY A 15 -1.42 9.44 -0.33
C GLY A 15 -0.78 8.78 0.91
N ASN A 16 -1.48 8.93 2.03
CA ASN A 16 -1.04 8.40 3.38
C ASN A 16 -0.62 6.90 3.41
N LEU A 17 -1.51 6.00 3.00
CA LEU A 17 -1.30 4.54 3.07
C LEU A 17 -0.99 3.97 1.65
N ILE A 18 -1.96 3.82 0.73
CA ILE A 18 -1.64 3.59 -0.72
C ILE A 18 -1.18 4.94 -1.38
N LYS A 19 -0.21 4.81 -2.29
CA LYS A 19 0.57 5.95 -2.83
C LYS A 19 1.05 5.62 -4.26
N GLN A 20 0.14 5.68 -5.26
CA GLN A 20 0.30 4.92 -6.53
C GLN A 20 1.56 5.15 -7.41
N ASN A 21 2.03 6.38 -7.61
CA ASN A 21 3.37 6.65 -8.24
C ASN A 21 4.58 6.03 -7.46
N ALA A 22 4.66 6.23 -6.14
CA ALA A 22 5.63 5.49 -5.30
C ALA A 22 5.49 3.94 -5.29
N VAL A 23 4.27 3.37 -5.18
CA VAL A 23 4.06 1.89 -5.27
C VAL A 23 4.35 1.27 -6.69
N GLU A 24 3.97 1.94 -7.79
CA GLU A 24 4.46 1.57 -9.15
C GLU A 24 6.01 1.66 -9.31
N GLN A 25 6.61 2.80 -8.96
CA GLN A 25 8.07 3.04 -9.17
C GLN A 25 9.03 2.32 -8.18
N LEU A 26 8.62 1.99 -6.93
CA LEU A 26 9.52 1.37 -5.91
C LEU A 26 10.28 0.07 -6.30
N GLN A 27 9.64 -0.88 -7.02
CA GLN A 27 10.33 -2.00 -7.71
C GLN A 27 11.45 -2.74 -6.94
N VAL A 28 11.15 -3.16 -5.69
CA VAL A 28 12.21 -3.40 -4.67
C VAL A 28 12.72 -4.87 -4.71
N GLY A 29 14.00 -5.03 -5.06
CA GLY A 29 14.76 -6.27 -4.82
C GLY A 29 15.68 -6.18 -3.59
N GLN A 30 15.06 -6.03 -2.41
CA GLN A 30 15.78 -5.81 -1.13
C GLN A 30 15.02 -6.41 0.08
N SER A 31 13.82 -5.90 0.44
CA SER A 31 13.24 -6.12 1.79
C SER A 31 11.69 -6.00 1.88
N LYS A 32 11.07 -7.00 2.52
CA LYS A 32 9.66 -7.01 2.93
C LYS A 32 9.24 -5.89 3.93
N GLN A 33 10.00 -5.75 5.02
CA GLN A 33 9.79 -4.68 6.02
C GLN A 33 10.02 -3.21 5.56
N GLN A 34 10.78 -2.96 4.49
CA GLN A 34 10.80 -1.63 3.81
C GLN A 34 9.51 -1.31 3.00
N VAL A 35 9.07 -2.16 2.06
CA VAL A 35 7.75 -1.98 1.36
C VAL A 35 6.49 -2.00 2.28
N SER A 36 6.44 -2.93 3.24
CA SER A 36 5.35 -3.03 4.25
C SER A 36 5.31 -1.88 5.30
N ALA A 37 6.45 -1.31 5.73
CA ALA A 37 6.46 -0.01 6.46
C ALA A 37 6.03 1.24 5.62
N LEU A 38 6.50 1.39 4.37
CA LEU A 38 6.02 2.48 3.45
C LEU A 38 4.49 2.44 3.09
N LEU A 39 3.95 1.27 2.80
CA LEU A 39 2.47 1.05 2.73
C LEU A 39 1.68 1.14 4.08
N GLY A 40 2.26 0.65 5.19
CA GLY A 40 1.66 0.69 6.53
C GLY A 40 1.02 -0.63 6.97
N THR A 41 1.84 -1.66 7.25
CA THR A 41 1.38 -3.04 7.57
C THR A 41 2.58 -3.91 8.11
N PRO A 42 2.42 -4.82 9.11
CA PRO A 42 3.42 -5.90 9.37
C PRO A 42 3.24 -7.14 8.43
N SER A 43 4.32 -7.55 7.75
CA SER A 43 4.32 -8.77 6.89
C SER A 43 4.49 -10.08 7.73
N ILE A 44 5.22 -11.10 7.22
CA ILE A 44 5.28 -12.44 7.86
C ILE A 44 6.81 -12.76 8.14
N PRO A 45 7.36 -12.58 9.37
CA PRO A 45 8.79 -12.93 9.66
C PRO A 45 9.04 -14.43 10.01
N ASP A 46 9.02 -15.29 8.98
CA ASP A 46 9.47 -16.69 9.08
C ASP A 46 11.03 -16.72 8.78
N PRO A 47 11.94 -17.11 9.71
CA PRO A 47 13.41 -17.14 9.42
C PRO A 47 13.94 -18.20 8.40
N PHE A 48 13.14 -19.21 8.04
CA PHE A 48 13.48 -20.15 6.94
C PHE A 48 13.00 -19.59 5.55
N HIS A 49 11.70 -19.68 5.25
CA HIS A 49 11.09 -19.01 4.07
C HIS A 49 9.96 -18.10 4.58
N ALA A 50 10.22 -16.78 4.65
CA ALA A 50 9.15 -15.78 4.91
C ALA A 50 8.15 -15.66 3.74
N GLN A 51 6.92 -16.09 4.02
CA GLN A 51 5.88 -16.30 2.98
C GLN A 51 5.26 -14.96 2.47
N ARG A 52 4.40 -15.08 1.45
CA ARG A 52 3.69 -13.92 0.86
C ARG A 52 2.79 -13.16 1.88
N TRP A 53 2.74 -11.83 1.78
CA TRP A 53 1.70 -11.02 2.50
C TRP A 53 0.39 -11.10 1.67
N ASP A 54 -0.62 -11.82 2.19
CA ASP A 54 -1.90 -12.05 1.45
C ASP A 54 -3.14 -11.53 2.27
N TYR A 55 -3.24 -10.21 2.51
CA TYR A 55 -4.19 -9.67 3.54
C TYR A 55 -5.37 -8.88 2.85
N THR A 56 -6.46 -9.58 2.50
CA THR A 56 -7.62 -8.94 1.81
C THR A 56 -8.77 -8.59 2.81
N SER A 57 -9.05 -7.28 2.92
CA SER A 57 -10.16 -6.71 3.71
C SER A 57 -10.84 -5.50 2.97
N THR A 58 -11.49 -4.60 3.73
CA THR A 58 -11.90 -3.26 3.23
C THR A 58 -11.78 -2.18 4.34
N GLN A 59 -11.38 -0.95 3.95
CA GLN A 59 -11.25 0.21 4.88
C GLN A 59 -11.53 1.54 4.11
N ARG A 60 -12.04 2.55 4.83
CA ARG A 60 -12.37 3.88 4.26
C ARG A 60 -11.92 5.00 5.26
N VAL A 61 -10.67 5.49 5.13
CA VAL A 61 -9.99 6.24 6.23
C VAL A 61 -9.47 7.68 5.94
N ASP A 62 -8.73 7.92 4.84
CA ASP A 62 -7.91 9.16 4.69
C ASP A 62 -8.64 10.35 4.00
N ARG A 63 -8.00 11.52 4.14
CA ARG A 63 -8.44 12.81 3.54
C ARG A 63 -8.63 12.79 1.98
N LEU A 64 -7.60 12.35 1.24
CA LEU A 64 -7.69 12.02 -0.20
C LEU A 64 -7.91 10.50 -0.49
N ALA A 65 -7.17 9.56 0.13
CA ALA A 65 -7.42 8.10 -0.06
C ALA A 65 -8.67 7.59 0.73
N ARG A 66 -9.85 7.81 0.11
CA ARG A 66 -11.16 7.59 0.79
C ARG A 66 -11.71 6.14 0.65
N THR A 67 -11.60 5.48 -0.51
CA THR A 67 -11.65 4.00 -0.62
C THR A 67 -10.19 3.45 -0.59
N GLU A 68 -9.77 2.92 0.56
CA GLU A 68 -8.33 2.76 0.90
C GLU A 68 -8.13 1.42 1.64
N ILE A 69 -7.61 0.43 0.91
CA ILE A 69 -7.11 -0.82 1.54
C ILE A 69 -5.91 -1.39 0.72
N LYS A 70 -4.98 -1.97 1.48
CA LYS A 70 -3.89 -2.82 0.94
C LYS A 70 -4.32 -4.32 0.89
N ASN A 71 -5.23 -4.62 -0.05
CA ASN A 71 -5.56 -6.03 -0.45
C ASN A 71 -4.46 -6.56 -1.42
N PHE A 72 -3.28 -6.80 -0.88
CA PHE A 72 -2.01 -6.67 -1.65
C PHE A 72 -1.25 -7.99 -1.55
N THR A 73 -1.55 -8.95 -2.45
CA THR A 73 -0.97 -10.31 -2.37
C THR A 73 0.46 -10.30 -2.97
N VAL A 74 1.44 -10.11 -2.08
CA VAL A 74 2.83 -9.79 -2.45
C VAL A 74 3.81 -10.89 -1.98
N PHE A 75 4.58 -11.39 -2.94
CA PHE A 75 5.37 -12.62 -2.79
C PHE A 75 6.83 -12.28 -2.40
N PHE A 76 7.33 -12.95 -1.35
CA PHE A 76 8.69 -12.70 -0.81
C PHE A 76 9.58 -13.98 -0.88
N GLU A 77 10.88 -13.80 -1.15
CA GLU A 77 11.87 -14.93 -1.14
C GLU A 77 12.23 -15.35 0.32
N ASN A 78 12.95 -14.48 1.04
CA ASN A 78 12.71 -14.27 2.49
C ASN A 78 12.55 -12.73 2.72
N GLU A 79 13.60 -11.93 2.47
CA GLU A 79 13.46 -10.46 2.40
C GLU A 79 13.08 -9.92 0.99
N GLN A 80 13.72 -10.33 -0.12
CA GLN A 80 13.54 -9.63 -1.43
C GLN A 80 12.18 -9.88 -2.12
N VAL A 81 11.64 -8.83 -2.77
CA VAL A 81 10.23 -8.82 -3.23
C VAL A 81 10.13 -9.30 -4.71
N VAL A 82 9.23 -10.26 -4.97
CA VAL A 82 9.06 -10.85 -6.33
C VAL A 82 7.96 -10.06 -7.13
N ARG A 83 6.68 -10.13 -6.72
CA ARG A 83 5.55 -9.48 -7.46
C ARG A 83 4.34 -9.22 -6.51
N TRP A 84 3.50 -8.23 -6.83
CA TRP A 84 2.46 -7.70 -5.91
C TRP A 84 1.06 -7.57 -6.57
N GLU A 85 0.24 -8.61 -6.44
CA GLU A 85 -1.02 -8.74 -7.21
C GLU A 85 -2.16 -9.41 -6.40
N GLY A 86 -2.93 -8.58 -5.68
CA GLY A 86 -4.28 -8.95 -5.21
C GLY A 86 -5.35 -8.04 -5.83
N ASP A 87 -6.02 -7.22 -5.00
CA ASP A 87 -7.08 -6.29 -5.48
C ASP A 87 -7.09 -4.97 -4.62
N TYR A 88 -6.01 -4.17 -4.69
CA TYR A 88 -5.87 -2.94 -3.86
C TYR A 88 -6.56 -1.69 -4.46
N PHE A 89 -6.86 -0.69 -3.60
CA PHE A 89 -7.70 0.47 -3.99
C PHE A 89 -6.85 1.80 -4.05
N PRO A 90 -6.32 2.26 -5.23
CA PRO A 90 -5.55 3.54 -5.33
C PRO A 90 -6.44 4.79 -5.56
N SER A 91 -7.19 5.18 -4.54
CA SER A 91 -8.16 6.30 -4.62
C SER A 91 -7.59 7.69 -4.21
N GLN A 92 -6.46 8.08 -4.81
CA GLN A 92 -5.75 9.34 -4.49
C GLN A 92 -6.23 10.51 -5.43
N ASP A 93 -7.20 11.32 -4.96
CA ASP A 93 -7.68 12.50 -5.73
C ASP A 93 -6.82 13.83 -5.73
N GLU A 94 -5.65 13.78 -5.12
CA GLU A 94 -4.47 14.54 -5.60
C GLU A 94 -3.33 13.47 -5.77
N GLN A 95 -2.90 13.25 -7.01
CA GLN A 95 -1.50 12.80 -7.26
C GLN A 95 -1.05 13.31 -8.65
N LEU A 96 -0.48 14.53 -8.69
CA LEU A 96 0.07 15.12 -9.95
C LEU A 96 1.50 14.53 -10.26
N ALA A 97 1.50 13.27 -10.71
CA ALA A 97 2.72 12.46 -10.96
C ALA A 97 2.41 11.27 -11.93
N LYS A 98 3.43 10.48 -12.26
CA LYS A 98 3.28 9.30 -13.17
C LYS A 98 2.63 8.04 -12.47
N ALA A 99 1.36 8.17 -12.12
CA ALA A 99 0.64 7.21 -11.24
C ALA A 99 -0.16 6.14 -12.02
N ALA A 100 0.57 5.14 -12.54
CA ALA A 100 -0.04 4.04 -13.34
C ALA A 100 -0.42 2.80 -12.46
N PRO A 101 -1.67 2.24 -12.48
CA PRO A 101 -2.04 1.08 -11.60
C PRO A 101 -1.49 -0.28 -12.09
N LYS A 102 -0.23 -0.56 -11.74
CA LYS A 102 0.49 -1.78 -12.20
C LYS A 102 0.17 -3.02 -11.32
N GLN A 103 -1.01 -3.59 -11.57
CA GLN A 103 -1.51 -4.81 -10.89
C GLN A 103 -2.34 -5.63 -11.91
N PHE A 104 -1.65 -6.46 -12.72
CA PHE A 104 -2.30 -7.26 -13.81
C PHE A 104 -3.08 -8.52 -13.38
N GLY A 105 -2.55 -9.31 -12.44
CA GLY A 105 -3.35 -10.31 -11.70
C GLY A 105 -4.32 -9.72 -10.65
N ARG A 106 -5.45 -9.19 -11.15
CA ARG A 106 -6.49 -8.54 -10.31
C ARG A 106 -7.44 -9.61 -9.72
N ASN A 107 -7.19 -9.99 -8.45
CA ASN A 107 -7.79 -11.19 -7.82
C ASN A 107 -7.96 -10.95 -6.28
N LEU A 108 -9.20 -11.11 -5.79
CA LEU A 108 -9.53 -10.84 -4.35
C LEU A 108 -9.09 -12.00 -3.41
N ALA A 109 -7.78 -12.04 -3.07
CA ALA A 109 -7.12 -13.24 -2.53
C ALA A 109 -6.70 -13.10 -1.04
N ARG A 110 -6.83 -14.22 -0.33
CA ARG A 110 -6.38 -14.36 1.08
C ARG A 110 -5.95 -15.82 1.39
N ASP A 111 -4.85 -16.00 2.14
CA ASP A 111 -4.22 -17.33 2.34
C ASP A 111 -5.00 -18.29 3.29
N LYS A 112 -4.69 -19.59 3.11
CA LYS A 112 -5.01 -20.65 4.10
C LYS A 112 -3.86 -20.71 5.14
N LYS A 113 -3.88 -19.74 6.07
CA LYS A 113 -2.69 -19.42 6.93
C LYS A 113 -2.59 -20.30 8.22
N LYS A 114 -2.40 -21.61 8.01
CA LYS A 114 -2.30 -22.63 9.08
C LYS A 114 -2.09 -24.03 8.40
N GLN A 115 -1.06 -24.77 8.84
CA GLN A 115 -0.89 -26.20 8.45
C GLN A 115 -2.04 -27.10 9.02
N ARG A 116 -1.96 -27.50 10.29
CA ARG A 116 -3.15 -27.85 11.09
C ARG A 116 -2.85 -27.57 12.61
N GLY A 117 -3.07 -26.32 13.04
CA GLY A 117 -3.00 -25.94 14.47
C GLY A 117 -4.32 -26.20 15.22
N ARG A 118 -5.31 -25.33 14.98
CA ARG A 118 -6.73 -25.63 15.29
C ARG A 118 -7.44 -26.05 13.97
N MET A 1 18.05 37.68 4.95
CA MET A 1 18.99 38.06 6.05
C MET A 1 18.29 37.92 7.43
N ALA A 2 17.36 38.81 7.81
CA ALA A 2 16.35 38.52 8.86
C ALA A 2 15.24 37.59 8.27
N GLY A 3 15.42 36.28 8.45
CA GLY A 3 14.88 35.28 7.51
C GLY A 3 15.94 34.82 6.50
N SER A 4 16.47 33.61 6.67
CA SER A 4 17.56 33.07 5.82
C SER A 4 17.38 31.53 5.65
N GLY A 5 17.15 31.07 4.40
CA GLY A 5 16.95 29.63 4.12
C GLY A 5 15.47 29.18 4.16
N ILE A 6 14.72 29.41 3.08
CA ILE A 6 13.27 29.06 3.02
C ILE A 6 13.04 27.55 2.69
N ILE A 7 13.13 26.70 3.71
CA ILE A 7 12.91 25.22 3.58
C ILE A 7 11.40 24.85 3.58
N TYR A 8 10.75 25.03 2.43
CA TYR A 8 9.31 24.72 2.26
C TYR A 8 9.08 23.19 2.03
N LYS A 9 8.46 22.54 3.01
CA LYS A 9 8.14 21.09 2.93
C LYS A 9 6.79 20.77 3.63
N GLN A 10 5.68 21.23 3.01
CA GLN A 10 4.32 21.01 3.54
C GLN A 10 3.60 19.88 2.72
N PRO A 11 3.29 18.66 3.25
CA PRO A 11 2.63 17.59 2.43
C PRO A 11 1.10 17.73 2.31
N ILE A 12 0.67 18.72 1.50
CA ILE A 12 -0.78 19.05 1.30
C ILE A 12 -1.38 18.21 0.15
N TYR A 13 -1.66 16.93 0.46
CA TYR A 13 -2.14 15.93 -0.52
C TYR A 13 -2.67 14.67 0.24
N GLN A 14 -3.64 14.01 -0.38
CA GLN A 14 -4.22 12.72 0.09
C GLN A 14 -3.27 11.49 0.07
N GLY A 15 -2.58 11.23 -1.05
CA GLY A 15 -1.63 10.10 -1.17
C GLY A 15 -0.23 10.41 -0.60
N ASN A 16 -0.08 10.24 0.72
CA ASN A 16 1.18 10.59 1.42
C ASN A 16 2.27 9.46 1.31
N LEU A 17 2.03 8.29 1.90
CA LEU A 17 2.88 7.09 1.69
C LEU A 17 2.37 6.22 0.48
N ILE A 18 1.07 5.88 0.43
CA ILE A 18 0.45 5.13 -0.70
C ILE A 18 0.20 6.07 -1.92
N LYS A 19 0.67 5.64 -3.09
CA LYS A 19 0.57 6.40 -4.35
C LYS A 19 0.46 5.37 -5.52
N GLN A 20 -0.70 5.31 -6.22
CA GLN A 20 -0.92 4.30 -7.30
C GLN A 20 -0.23 4.65 -8.68
N ASN A 21 1.10 4.77 -8.60
CA ASN A 21 2.04 5.04 -9.71
C ASN A 21 3.51 5.00 -9.15
N ALA A 22 3.82 5.70 -8.03
CA ALA A 22 5.10 5.47 -7.30
C ALA A 22 5.23 4.11 -6.54
N VAL A 23 4.15 3.52 -5.99
CA VAL A 23 4.15 2.08 -5.57
C VAL A 23 4.37 1.07 -6.76
N GLU A 24 3.73 1.28 -7.92
CA GLU A 24 4.15 0.65 -9.20
C GLU A 24 5.65 0.82 -9.59
N GLN A 25 6.20 2.05 -9.52
CA GLN A 25 7.62 2.32 -9.89
C GLN A 25 8.73 1.94 -8.86
N LEU A 26 8.45 1.83 -7.55
CA LEU A 26 9.52 1.75 -6.49
C LEU A 26 10.59 0.63 -6.56
N GLN A 27 10.28 -0.52 -7.16
CA GLN A 27 11.30 -1.58 -7.52
C GLN A 27 12.26 -2.06 -6.37
N VAL A 28 11.66 -2.41 -5.22
CA VAL A 28 12.41 -2.90 -4.04
C VAL A 28 12.46 -4.47 -4.10
N GLY A 29 13.67 -5.04 -3.95
CA GLY A 29 13.86 -6.52 -3.91
C GLY A 29 14.77 -7.00 -2.77
N GLN A 30 14.41 -6.69 -1.51
CA GLN A 30 15.32 -6.91 -0.35
C GLN A 30 14.62 -7.42 0.96
N SER A 31 13.47 -6.86 1.38
CA SER A 31 12.86 -7.22 2.70
C SER A 31 11.34 -6.87 2.77
N LYS A 32 10.55 -7.71 3.46
CA LYS A 32 9.11 -7.41 3.74
C LYS A 32 8.87 -6.20 4.68
N GLN A 33 9.58 -6.16 5.80
CA GLN A 33 9.57 -5.02 6.76
C GLN A 33 10.04 -3.63 6.23
N GLN A 34 10.97 -3.56 5.27
CA GLN A 34 11.29 -2.30 4.56
C GLN A 34 10.13 -1.79 3.65
N VAL A 35 9.65 -2.60 2.68
CA VAL A 35 8.49 -2.22 1.82
C VAL A 35 7.16 -1.97 2.59
N SER A 36 6.80 -2.82 3.56
CA SER A 36 5.62 -2.60 4.44
C SER A 36 5.69 -1.38 5.40
N ALA A 37 6.85 -1.05 5.98
CA ALA A 37 7.07 0.24 6.68
C ALA A 37 7.01 1.52 5.78
N LEU A 38 7.67 1.51 4.60
CA LEU A 38 7.56 2.62 3.60
C LEU A 38 6.13 2.84 2.98
N LEU A 39 5.38 1.77 2.71
CA LEU A 39 3.93 1.85 2.43
C LEU A 39 3.01 2.25 3.63
N GLY A 40 3.34 1.80 4.86
CA GLY A 40 2.58 2.14 6.09
C GLY A 40 1.56 1.07 6.49
N THR A 41 2.04 -0.12 6.88
CA THR A 41 1.18 -1.32 7.09
C THR A 41 2.02 -2.43 7.84
N PRO A 42 1.45 -3.29 8.73
CA PRO A 42 2.15 -4.54 9.16
C PRO A 42 2.12 -5.67 8.09
N SER A 43 3.19 -6.48 8.02
CA SER A 43 3.30 -7.57 7.00
C SER A 43 2.72 -8.93 7.50
N ILE A 44 3.42 -10.05 7.28
CA ILE A 44 3.14 -11.35 7.97
C ILE A 44 4.52 -11.83 8.57
N PRO A 45 4.90 -11.50 9.84
CA PRO A 45 6.20 -11.97 10.43
C PRO A 45 6.08 -13.32 11.21
N ASP A 46 6.00 -14.43 10.46
CA ASP A 46 5.90 -15.79 11.04
C ASP A 46 7.30 -16.38 11.40
N PRO A 47 7.61 -16.78 12.65
CA PRO A 47 8.80 -17.63 12.96
C PRO A 47 8.81 -19.10 12.45
N PHE A 48 7.69 -19.67 11.98
CA PHE A 48 7.69 -20.96 11.23
C PHE A 48 8.17 -20.74 9.76
N HIS A 49 7.40 -20.04 8.89
CA HIS A 49 7.94 -19.55 7.60
C HIS A 49 7.21 -18.23 7.23
N ALA A 50 7.92 -17.10 7.33
CA ALA A 50 7.41 -15.79 6.85
C ALA A 50 7.42 -15.67 5.29
N GLN A 51 6.30 -16.11 4.70
CA GLN A 51 6.11 -16.18 3.22
C GLN A 51 5.66 -14.79 2.62
N ARG A 52 4.93 -14.80 1.50
CA ARG A 52 4.17 -13.64 0.98
C ARG A 52 3.28 -12.90 2.03
N TRP A 53 3.22 -11.57 1.91
CA TRP A 53 2.28 -10.74 2.73
C TRP A 53 0.94 -10.65 1.96
N ASP A 54 -0.07 -11.38 2.45
CA ASP A 54 -1.29 -11.70 1.67
C ASP A 54 -2.57 -11.01 2.24
N TYR A 55 -2.64 -9.67 2.16
CA TYR A 55 -3.79 -8.89 2.66
C TYR A 55 -4.71 -8.49 1.47
N THR A 56 -5.79 -9.26 1.21
CA THR A 56 -6.97 -8.72 0.47
C THR A 56 -8.05 -8.30 1.50
N SER A 57 -7.91 -7.08 2.02
CA SER A 57 -8.66 -6.59 3.20
C SER A 57 -9.33 -5.23 2.95
N THR A 58 -10.56 -5.04 3.46
CA THR A 58 -11.32 -3.77 3.27
C THR A 58 -12.40 -3.56 4.37
N GLN A 59 -12.47 -2.34 4.90
CA GLN A 59 -13.40 -1.96 5.99
C GLN A 59 -14.11 -0.61 5.64
N ARG A 60 -15.46 -0.61 5.59
CA ARG A 60 -16.26 0.62 5.35
C ARG A 60 -16.50 1.41 6.69
N VAL A 61 -15.46 2.11 7.14
CA VAL A 61 -15.49 2.94 8.38
C VAL A 61 -15.96 4.39 8.08
N ASP A 62 -15.14 5.20 7.41
CA ASP A 62 -15.51 6.59 7.02
C ASP A 62 -16.22 6.65 5.64
N ARG A 63 -17.02 7.72 5.50
CA ARG A 63 -17.57 8.15 4.19
C ARG A 63 -16.64 9.20 3.46
N LEU A 64 -16.26 10.30 4.14
CA LEU A 64 -15.54 11.44 3.51
C LEU A 64 -14.04 11.22 3.16
N ALA A 65 -13.22 10.66 4.07
CA ALA A 65 -11.78 10.42 3.83
C ALA A 65 -11.45 8.92 3.90
N ARG A 66 -11.21 8.35 5.09
CA ARG A 66 -10.52 7.04 5.25
C ARG A 66 -11.45 5.80 5.18
N THR A 67 -12.02 5.62 3.99
CA THR A 67 -12.69 4.36 3.59
C THR A 67 -11.61 3.32 3.15
N GLU A 68 -11.44 2.25 3.94
CA GLU A 68 -10.22 1.41 3.86
C GLU A 68 -10.32 0.28 2.80
N ILE A 69 -9.41 0.32 1.83
CA ILE A 69 -9.11 -0.83 0.95
C ILE A 69 -7.56 -1.07 1.07
N LYS A 70 -7.17 -2.05 1.87
CA LYS A 70 -5.77 -2.57 1.92
C LYS A 70 -5.73 -3.93 1.15
N ASN A 71 -5.63 -3.81 -0.18
CA ASN A 71 -5.57 -4.96 -1.11
C ASN A 71 -4.13 -5.03 -1.72
N PHE A 72 -3.30 -5.91 -1.16
CA PHE A 72 -1.87 -6.04 -1.55
C PHE A 72 -1.36 -7.46 -1.19
N THR A 73 -1.35 -8.39 -2.16
CA THR A 73 -0.67 -9.71 -2.02
C THR A 73 0.74 -9.60 -2.67
N VAL A 74 1.78 -9.48 -1.83
CA VAL A 74 3.18 -9.28 -2.29
C VAL A 74 4.08 -10.48 -1.91
N PHE A 75 4.79 -11.01 -2.92
CA PHE A 75 5.46 -12.32 -2.85
C PHE A 75 6.95 -12.18 -2.46
N PHE A 76 7.39 -13.02 -1.52
CA PHE A 76 8.77 -13.01 -1.00
C PHE A 76 9.35 -14.47 -1.02
N GLU A 77 10.68 -14.58 -1.16
CA GLU A 77 11.40 -15.89 -0.97
C GLU A 77 11.34 -16.36 0.52
N ASN A 78 12.04 -15.63 1.40
CA ASN A 78 11.52 -15.34 2.77
C ASN A 78 11.43 -13.79 2.92
N GLU A 79 12.55 -13.06 2.86
CA GLU A 79 12.55 -11.57 2.86
C GLU A 79 12.61 -10.91 1.45
N GLN A 80 13.41 -11.40 0.48
CA GLN A 80 13.60 -10.68 -0.81
C GLN A 80 12.39 -10.73 -1.78
N VAL A 81 12.05 -9.58 -2.38
CA VAL A 81 10.72 -9.39 -3.03
C VAL A 81 10.73 -9.92 -4.51
N VAL A 82 9.73 -10.75 -4.83
CA VAL A 82 9.50 -11.25 -6.21
C VAL A 82 8.57 -10.25 -6.97
N ARG A 83 7.27 -10.13 -6.61
CA ARG A 83 6.35 -9.12 -7.21
C ARG A 83 5.11 -8.80 -6.29
N TRP A 84 4.47 -7.65 -6.54
CA TRP A 84 3.22 -7.24 -5.85
C TRP A 84 1.96 -7.36 -6.76
N GLU A 85 0.93 -8.04 -6.24
CA GLU A 85 -0.41 -8.13 -6.87
C GLU A 85 -1.43 -7.34 -6.00
N GLY A 86 -1.79 -6.13 -6.44
CA GLY A 86 -2.77 -5.30 -5.73
C GLY A 86 -2.71 -3.79 -6.07
N ASP A 87 -3.25 -2.99 -5.15
CA ASP A 87 -3.51 -1.56 -5.39
C ASP A 87 -3.25 -0.70 -4.09
N TYR A 88 -3.97 -1.00 -2.98
CA TYR A 88 -4.28 -0.02 -1.91
C TYR A 88 -5.19 1.16 -2.44
N PHE A 89 -6.49 1.12 -2.11
CA PHE A 89 -7.50 2.12 -2.57
C PHE A 89 -7.44 2.57 -4.07
N PRO A 90 -7.92 1.78 -5.09
CA PRO A 90 -7.73 2.15 -6.54
C PRO A 90 -8.64 3.25 -7.15
N SER A 91 -8.60 4.39 -6.49
CA SER A 91 -9.07 5.70 -6.99
C SER A 91 -8.35 6.70 -6.05
N GLN A 92 -7.25 7.31 -6.53
CA GLN A 92 -6.29 8.03 -5.61
C GLN A 92 -6.78 9.45 -5.20
N ASP A 93 -7.83 9.43 -4.36
CA ASP A 93 -8.71 10.60 -4.08
C ASP A 93 -9.34 10.59 -2.64
N GLU A 94 -8.60 10.08 -1.64
CA GLU A 94 -9.16 9.70 -0.31
C GLU A 94 -9.32 10.88 0.72
N GLN A 95 -9.99 11.96 0.29
CA GLN A 95 -10.34 13.12 1.16
C GLN A 95 -11.34 13.99 0.36
N LEU A 96 -12.65 13.87 0.63
CA LEU A 96 -13.70 14.62 -0.11
C LEU A 96 -13.66 16.16 0.16
N ALA A 97 -13.12 16.90 -0.83
CA ALA A 97 -12.97 18.38 -0.75
C ALA A 97 -12.93 19.03 -2.17
N LYS A 98 -12.93 20.37 -2.24
CA LYS A 98 -12.59 21.10 -3.50
C LYS A 98 -11.04 21.14 -3.75
N ALA A 99 -10.50 19.96 -4.02
CA ALA A 99 -9.04 19.67 -4.14
C ALA A 99 -8.88 18.18 -4.59
N ALA A 100 -9.22 17.21 -3.71
CA ALA A 100 -9.41 15.80 -4.10
C ALA A 100 -10.93 15.46 -4.18
N PRO A 101 -11.59 15.35 -5.37
CA PRO A 101 -13.05 15.01 -5.45
C PRO A 101 -13.29 13.49 -5.36
N LYS A 102 -13.55 12.99 -4.14
CA LYS A 102 -13.54 11.52 -3.87
C LYS A 102 -14.61 10.71 -4.66
N GLN A 103 -14.16 9.66 -5.35
CA GLN A 103 -14.99 8.92 -6.34
C GLN A 103 -15.58 7.62 -5.71
N PHE A 104 -16.68 7.77 -4.96
CA PHE A 104 -17.31 6.65 -4.22
C PHE A 104 -18.78 6.42 -4.64
N GLY A 105 -19.73 7.13 -4.03
CA GLY A 105 -21.18 6.79 -4.13
C GLY A 105 -21.57 5.52 -3.35
N ARG A 106 -21.28 4.36 -3.96
CA ARG A 106 -21.02 3.12 -3.20
C ARG A 106 -19.63 3.20 -2.48
N ASN A 107 -19.60 2.97 -1.16
CA ASN A 107 -18.44 3.37 -0.31
C ASN A 107 -17.20 2.43 -0.42
N LEU A 108 -16.48 2.58 -1.53
CA LEU A 108 -15.31 1.79 -1.95
C LEU A 108 -14.78 2.37 -3.32
N ALA A 109 -13.52 2.09 -3.63
CA ALA A 109 -12.87 2.62 -4.85
C ALA A 109 -13.23 1.86 -6.17
N ARG A 110 -12.64 0.68 -6.44
CA ARG A 110 -13.08 -0.19 -7.57
C ARG A 110 -14.06 -1.30 -7.06
N ASP A 111 -15.25 -1.37 -7.67
CA ASP A 111 -16.20 -2.48 -7.47
C ASP A 111 -15.88 -3.72 -8.36
N LYS A 112 -16.26 -4.91 -7.88
CA LYS A 112 -16.02 -6.20 -8.61
C LYS A 112 -17.17 -6.44 -9.64
N LYS A 113 -17.09 -5.66 -10.71
CA LYS A 113 -18.24 -5.44 -11.62
C LYS A 113 -18.48 -6.61 -12.62
N LYS A 114 -19.72 -7.13 -12.65
CA LYS A 114 -20.15 -8.14 -13.68
C LYS A 114 -20.57 -7.42 -14.99
N GLN A 115 -19.56 -6.97 -15.77
CA GLN A 115 -19.80 -6.15 -17.00
C GLN A 115 -19.93 -7.05 -18.28
N ARG A 116 -20.99 -7.87 -18.31
CA ARG A 116 -21.32 -8.81 -19.41
C ARG A 116 -22.73 -9.36 -19.04
N GLY A 117 -23.78 -8.91 -19.74
CA GLY A 117 -25.21 -9.11 -19.31
C GLY A 117 -25.65 -10.44 -18.69
N ARG A 118 -25.68 -11.50 -19.51
CA ARG A 118 -25.81 -12.89 -19.02
C ARG A 118 -24.40 -13.48 -18.70
#